data_2H21
#
_entry.id   2H21
#
_cell.length_a   131.450
_cell.length_b   155.860
_cell.length_c   263.610
_cell.angle_alpha   90.00
_cell.angle_beta   90.00
_cell.angle_gamma   90.00
#
_symmetry.space_group_name_H-M   'I 2 2 2'
#
loop_
_entity.id
_entity.type
_entity.pdbx_description
1 polymer 'Ribulose-1,5 bisphosphate carboxylase/oxygenase'
2 non-polymer S-ADENOSYLMETHIONINE
3 water water
#
_entity_poly.entity_id   1
_entity_poly.type   'polypeptide(L)'
_entity_poly.pdbx_seq_one_letter_code
;SLSPAVQTFWKWLQEEGVITAKTPVKASVVTEGLGLVALKDISRNDVILQVPKRLWINPDAVAASEIGRVCSELKPWLSV
ILFLIRERSREDSVWKHYFGILPQETDSTIYWSEEELQELQGSQLLKTTVSVKEYVKNECLKLEQEIILPNKRLFPDPVT
LDDFFWAFGILRSRAFSRLRNENLVVVPMADLINHSAGVTTEDHAYEVKGAAGLFSWDYLFSLKSPLSVKAGEQVYIQYD
LNKSNAELALDYGFIEPNENRHAYTLTLEISESDPFFDDKLDVAESNGFAQTAYFDIFYNRTLPPGLLPYLRLVALGGTD
AFLLESLFRDTIWGHLELSVSRDNEELLCKAVREACKSALAGYHTTIEQDRELKEGNLDSRLAIAVGIREGEKMVLQQID
GIFEQKELELDQLEYYQERRLKDLGLCGENGDILENLYFQ
;
_entity_poly.pdbx_strand_id   A,B,C
#
# COMPACT_ATOMS: atom_id res chain seq x y z
N LEU A 2 39.89 -64.46 -1.54
CA LEU A 2 39.06 -63.24 -1.33
C LEU A 2 39.93 -62.14 -0.75
N SER A 3 40.20 -62.23 0.54
CA SER A 3 41.03 -61.25 1.24
C SER A 3 41.44 -61.77 2.63
N PRO A 4 42.62 -61.35 3.10
CA PRO A 4 43.10 -61.77 4.42
C PRO A 4 42.10 -61.44 5.52
N ALA A 5 41.98 -60.15 5.81
CA ALA A 5 41.07 -59.67 6.86
C ALA A 5 39.67 -60.24 6.72
N VAL A 6 39.19 -60.35 5.48
CA VAL A 6 37.85 -60.89 5.24
C VAL A 6 37.80 -62.33 5.71
N GLN A 7 38.67 -63.17 5.14
CA GLN A 7 38.73 -64.58 5.50
C GLN A 7 38.82 -64.73 7.02
N THR A 8 39.64 -63.89 7.65
CA THR A 8 39.83 -63.90 9.09
C THR A 8 38.54 -63.47 9.78
N PHE A 9 37.85 -62.51 9.18
CA PHE A 9 36.61 -62.00 9.73
C PHE A 9 35.52 -63.06 9.65
N TRP A 10 35.45 -63.76 8.52
CA TRP A 10 34.43 -64.80 8.34
C TRP A 10 34.65 -65.84 9.43
N LYS A 11 35.90 -66.25 9.62
CA LYS A 11 36.23 -67.23 10.64
C LYS A 11 35.71 -66.73 11.99
N TRP A 12 36.14 -65.54 12.38
CA TRP A 12 35.74 -64.94 13.65
C TRP A 12 34.25 -65.02 13.94
N LEU A 13 33.44 -64.95 12.90
CA LEU A 13 31.99 -65.02 13.07
C LEU A 13 31.53 -66.47 13.24
N GLN A 14 32.27 -67.40 12.65
CA GLN A 14 31.95 -68.81 12.74
C GLN A 14 32.12 -69.33 14.17
N GLU A 15 33.26 -69.00 14.76
CA GLU A 15 33.57 -69.43 16.11
C GLU A 15 32.74 -68.66 17.15
N GLU A 16 32.28 -67.46 16.79
CA GLU A 16 31.46 -66.67 17.69
C GLU A 16 30.05 -67.24 17.70
N GLY A 17 29.84 -68.23 16.84
CA GLY A 17 28.54 -68.87 16.74
C GLY A 17 27.59 -68.10 15.86
N VAL A 18 28.00 -66.89 15.48
CA VAL A 18 27.18 -66.00 14.64
C VAL A 18 26.84 -66.63 13.29
N ILE A 19 27.86 -66.89 12.49
CA ILE A 19 27.67 -67.49 11.19
C ILE A 19 28.03 -68.96 11.26
N THR A 20 27.41 -69.77 10.41
CA THR A 20 27.64 -71.21 10.36
C THR A 20 27.56 -71.64 8.91
N ALA A 21 27.60 -72.96 8.67
CA ALA A 21 27.49 -73.46 7.30
C ALA A 21 26.00 -73.44 6.94
N LYS A 22 25.21 -72.82 7.80
CA LYS A 22 23.76 -72.73 7.61
C LYS A 22 23.37 -71.45 6.86
N THR A 23 24.17 -70.39 7.04
CA THR A 23 23.92 -69.08 6.40
C THR A 23 24.05 -69.15 4.86
N PRO A 24 23.01 -68.68 4.15
CA PRO A 24 22.93 -68.65 2.69
C PRO A 24 23.61 -67.46 2.02
N VAL A 25 24.77 -67.06 2.52
CA VAL A 25 25.44 -65.92 1.94
C VAL A 25 26.89 -65.84 2.36
N LYS A 26 27.73 -65.34 1.46
CA LYS A 26 29.15 -65.19 1.74
C LYS A 26 29.63 -63.79 1.35
N ALA A 27 30.77 -63.39 1.91
CA ALA A 27 31.34 -62.08 1.62
C ALA A 27 31.94 -62.11 0.23
N SER A 28 31.94 -60.96 -0.45
CA SER A 28 32.49 -60.87 -1.79
C SER A 28 32.92 -59.46 -2.13
N VAL A 29 33.84 -59.32 -3.08
CA VAL A 29 34.29 -58.00 -3.48
C VAL A 29 33.34 -57.50 -4.57
N VAL A 30 32.64 -56.41 -4.29
CA VAL A 30 31.69 -55.84 -5.23
C VAL A 30 32.00 -54.38 -5.57
N THR A 31 31.34 -53.85 -6.60
CA THR A 31 31.63 -52.49 -7.00
C THR A 31 31.41 -51.55 -5.81
N GLU A 32 30.52 -51.93 -4.91
CA GLU A 32 30.26 -51.10 -3.73
C GLU A 32 31.17 -51.42 -2.55
N GLY A 33 32.25 -52.17 -2.82
CA GLY A 33 33.22 -52.53 -1.79
C GLY A 33 33.11 -54.00 -1.43
N LEU A 34 32.67 -54.27 -0.20
CA LEU A 34 32.45 -55.63 0.25
C LEU A 34 30.94 -55.71 0.31
N GLY A 35 30.39 -56.86 -0.03
CA GLY A 35 28.95 -56.99 0.02
C GLY A 35 28.60 -58.43 0.29
N LEU A 36 27.32 -58.70 0.43
CA LEU A 36 26.87 -60.06 0.68
C LEU A 36 26.29 -60.69 -0.56
N VAL A 37 26.98 -61.68 -1.10
CA VAL A 37 26.54 -62.41 -2.28
C VAL A 37 25.89 -63.72 -1.85
N ALA A 38 24.67 -63.97 -2.35
CA ALA A 38 23.96 -65.19 -2.01
C ALA A 38 24.69 -66.44 -2.48
N LEU A 39 24.71 -67.47 -1.63
CA LEU A 39 25.36 -68.74 -1.95
C LEU A 39 24.33 -69.68 -2.56
N LYS A 40 23.07 -69.33 -2.37
CA LYS A 40 21.95 -70.09 -2.91
C LYS A 40 20.73 -69.21 -3.08
N ASP A 41 19.87 -69.60 -4.01
CA ASP A 41 18.64 -68.85 -4.28
C ASP A 41 17.94 -68.49 -2.97
N ILE A 42 17.96 -67.20 -2.64
CA ILE A 42 17.32 -66.69 -1.42
C ILE A 42 15.96 -66.11 -1.80
N SER A 43 14.95 -66.30 -0.95
CA SER A 43 13.62 -65.79 -1.25
C SER A 43 13.27 -64.54 -0.45
N ARG A 44 12.24 -63.85 -0.89
CA ARG A 44 11.79 -62.64 -0.22
C ARG A 44 11.55 -62.93 1.26
N ASN A 45 11.85 -61.94 2.10
CA ASN A 45 11.69 -62.05 3.55
C ASN A 45 12.44 -63.20 4.22
N ASP A 46 13.29 -63.86 3.45
CA ASP A 46 14.10 -64.96 3.97
C ASP A 46 15.27 -64.46 4.82
N VAL A 47 15.31 -64.84 6.09
CA VAL A 47 16.41 -64.42 6.95
C VAL A 47 17.74 -64.93 6.37
N ILE A 48 18.71 -64.04 6.24
CA ILE A 48 20.01 -64.41 5.68
C ILE A 48 21.11 -64.47 6.74
N LEU A 49 20.88 -63.82 7.87
CA LEU A 49 21.87 -63.80 8.94
C LEU A 49 21.34 -63.18 10.22
N GLN A 50 21.91 -63.61 11.34
CA GLN A 50 21.53 -63.09 12.66
C GLN A 50 22.78 -62.92 13.50
N VAL A 51 22.78 -61.90 14.35
CA VAL A 51 23.94 -61.63 15.20
C VAL A 51 23.52 -61.43 16.65
N PRO A 52 24.33 -61.95 17.61
CA PRO A 52 24.06 -61.86 19.05
C PRO A 52 24.32 -60.46 19.58
N LYS A 53 23.39 -59.94 20.38
CA LYS A 53 23.54 -58.60 20.95
C LYS A 53 24.85 -58.48 21.70
N ARG A 54 25.56 -59.61 21.77
CA ARG A 54 26.87 -59.71 22.41
C ARG A 54 27.86 -59.03 21.48
N LEU A 55 27.39 -58.70 20.27
CA LEU A 55 28.26 -58.07 19.28
C LEU A 55 27.86 -56.66 18.83
N TRP A 56 26.81 -56.09 19.42
CA TRP A 56 26.40 -54.72 19.08
C TRP A 56 27.55 -53.79 19.42
N ILE A 57 27.29 -52.48 19.35
CA ILE A 57 28.25 -51.44 19.69
C ILE A 57 27.40 -50.19 19.73
N ASN A 58 26.54 -50.11 20.75
CA ASN A 58 25.60 -49.01 20.91
C ASN A 58 25.72 -48.35 22.28
N PRO A 59 24.82 -47.38 22.58
CA PRO A 59 24.90 -46.72 23.89
C PRO A 59 24.69 -47.72 25.04
N ASP A 60 24.46 -48.99 24.70
CA ASP A 60 24.26 -50.06 25.68
C ASP A 60 25.49 -50.93 25.86
N ALA A 61 26.44 -50.81 24.94
CA ALA A 61 27.69 -51.56 25.03
C ALA A 61 28.73 -50.64 25.69
N VAL A 62 28.75 -49.37 25.27
CA VAL A 62 29.68 -48.40 25.83
C VAL A 62 29.47 -48.18 27.33
N ALA A 63 28.23 -47.85 27.74
CA ALA A 63 27.92 -47.63 29.15
C ALA A 63 28.32 -48.82 30.02
N ALA A 64 28.27 -50.02 29.45
CA ALA A 64 28.64 -51.23 30.19
C ALA A 64 30.14 -51.48 30.01
N SER A 65 30.88 -50.41 29.76
CA SER A 65 32.32 -50.50 29.57
C SER A 65 33.04 -49.55 30.52
N GLU A 66 34.36 -49.71 30.59
CA GLU A 66 35.20 -48.91 31.45
C GLU A 66 34.96 -47.40 31.37
N ILE A 67 34.70 -46.90 30.16
CA ILE A 67 34.46 -45.46 29.99
C ILE A 67 32.99 -45.10 30.17
N GLY A 68 32.17 -46.10 30.52
CA GLY A 68 30.75 -45.85 30.72
C GLY A 68 30.51 -44.69 31.66
N ARG A 69 31.25 -44.69 32.77
CA ARG A 69 31.13 -43.65 33.79
C ARG A 69 31.33 -42.23 33.24
N VAL A 70 32.47 -41.99 32.59
CA VAL A 70 32.83 -40.69 32.04
C VAL A 70 31.93 -40.19 30.89
N CYS A 71 31.34 -41.13 30.14
CA CYS A 71 30.47 -40.76 29.01
C CYS A 71 29.00 -40.71 29.39
N SER A 72 28.70 -41.17 30.60
CA SER A 72 27.33 -41.19 31.11
C SER A 72 26.53 -39.92 30.81
N GLU A 73 27.20 -38.78 30.72
CA GLU A 73 26.51 -37.51 30.46
C GLU A 73 26.56 -37.03 29.00
N LEU A 74 27.41 -37.68 28.20
CA LEU A 74 27.59 -37.34 26.78
C LEU A 74 26.47 -37.88 25.88
N LYS A 75 26.16 -37.15 24.82
CA LYS A 75 25.12 -37.59 23.88
C LYS A 75 25.46 -39.00 23.38
N PRO A 76 24.43 -39.82 23.14
CA PRO A 76 24.60 -41.21 22.66
C PRO A 76 25.66 -41.44 21.59
N TRP A 77 25.69 -40.60 20.56
CA TRP A 77 26.68 -40.78 19.49
C TRP A 77 28.08 -40.40 19.92
N LEU A 78 28.20 -39.24 20.57
CA LEU A 78 29.50 -38.80 21.08
C LEU A 78 30.07 -39.94 21.91
N SER A 79 29.19 -40.60 22.65
CA SER A 79 29.60 -41.72 23.50
C SER A 79 30.12 -42.91 22.69
N VAL A 80 29.43 -43.23 21.59
CA VAL A 80 29.82 -44.38 20.76
C VAL A 80 31.10 -44.13 19.94
N ILE A 81 31.30 -42.89 19.53
CA ILE A 81 32.49 -42.56 18.76
C ILE A 81 33.71 -42.92 19.61
N LEU A 82 33.73 -42.39 20.84
CA LEU A 82 34.82 -42.68 21.76
C LEU A 82 35.02 -44.19 21.91
N PHE A 83 33.94 -44.90 22.21
CA PHE A 83 34.01 -46.35 22.38
C PHE A 83 34.63 -47.03 21.15
N LEU A 84 34.27 -46.52 19.96
CA LEU A 84 34.75 -47.05 18.69
C LEU A 84 36.25 -46.87 18.51
N ILE A 85 36.70 -45.65 18.76
CA ILE A 85 38.10 -45.29 18.65
C ILE A 85 38.90 -46.13 19.62
N ARG A 86 38.47 -46.11 20.88
CA ARG A 86 39.11 -46.87 21.96
C ARG A 86 39.23 -48.35 21.61
N GLU A 87 38.10 -48.97 21.27
CA GLU A 87 38.12 -50.39 20.94
C GLU A 87 39.03 -50.68 19.75
N ARG A 88 39.22 -49.67 18.90
CA ARG A 88 40.04 -49.82 17.70
C ARG A 88 41.50 -50.06 18.05
N SER A 89 42.01 -49.27 19.01
CA SER A 89 43.40 -49.35 19.48
C SER A 89 43.73 -50.67 20.17
N ARG A 90 42.97 -50.99 21.23
CA ARG A 90 43.14 -52.22 22.02
C ARG A 90 43.31 -53.43 21.11
N GLU A 91 44.53 -53.95 21.05
CA GLU A 91 44.83 -55.12 20.21
C GLU A 91 44.30 -56.41 20.81
N ASP A 92 43.15 -56.32 21.48
CA ASP A 92 42.53 -57.48 22.11
C ASP A 92 41.01 -57.34 22.10
N SER A 93 40.53 -56.14 21.74
CA SER A 93 39.10 -55.85 21.69
C SER A 93 38.33 -56.95 20.99
N VAL A 94 37.03 -57.01 21.24
CA VAL A 94 36.21 -58.04 20.61
C VAL A 94 36.03 -57.75 19.12
N TRP A 95 36.01 -56.46 18.79
CA TRP A 95 35.84 -55.99 17.41
C TRP A 95 37.19 -55.88 16.71
N LYS A 96 38.13 -56.75 17.07
CA LYS A 96 39.49 -56.75 16.51
C LYS A 96 39.45 -57.06 15.01
N HIS A 97 38.94 -58.24 14.66
CA HIS A 97 38.85 -58.68 13.28
C HIS A 97 37.83 -57.84 12.49
N TYR A 98 36.81 -57.34 13.19
CA TYR A 98 35.79 -56.51 12.56
C TYR A 98 36.46 -55.24 12.09
N PHE A 99 37.03 -54.48 13.01
CA PHE A 99 37.70 -53.24 12.68
C PHE A 99 38.71 -53.47 11.55
N GLY A 100 39.27 -54.68 11.48
CA GLY A 100 40.24 -54.99 10.46
C GLY A 100 39.63 -54.95 9.07
N ILE A 101 38.31 -55.05 9.03
CA ILE A 101 37.56 -55.04 7.78
C ILE A 101 37.07 -53.65 7.39
N LEU A 102 36.66 -52.85 8.37
CA LEU A 102 36.18 -51.51 8.08
C LEU A 102 37.10 -50.77 7.12
N PRO A 103 36.50 -49.97 6.22
CA PRO A 103 37.28 -49.19 5.25
C PRO A 103 37.88 -48.01 5.98
N GLN A 104 39.08 -47.62 5.58
CA GLN A 104 39.71 -46.49 6.22
C GLN A 104 38.88 -45.26 5.92
N GLU A 105 38.15 -45.32 4.81
CA GLU A 105 37.33 -44.19 4.36
C GLU A 105 36.16 -44.61 3.43
N THR A 106 35.27 -43.65 3.14
CA THR A 106 34.16 -43.87 2.21
C THR A 106 34.16 -42.63 1.35
N ASP A 107 33.12 -42.46 0.52
CA ASP A 107 33.08 -41.28 -0.32
C ASP A 107 32.21 -40.19 0.28
N SER A 108 31.90 -40.34 1.56
CA SER A 108 31.11 -39.33 2.26
C SER A 108 31.85 -38.03 2.09
N THR A 109 31.12 -36.93 1.89
CA THR A 109 31.76 -35.64 1.68
C THR A 109 32.66 -35.23 2.85
N ILE A 110 32.48 -35.88 3.99
CA ILE A 110 33.27 -35.53 5.17
C ILE A 110 34.74 -35.91 5.02
N TYR A 111 35.07 -36.72 4.02
CA TYR A 111 36.45 -37.12 3.81
C TYR A 111 37.06 -36.48 2.57
N TRP A 112 36.23 -35.85 1.75
CA TRP A 112 36.68 -35.22 0.52
C TRP A 112 37.78 -34.21 0.76
N SER A 113 38.73 -34.14 -0.17
CA SER A 113 39.83 -33.19 -0.08
C SER A 113 39.28 -31.81 -0.36
N GLU A 114 40.13 -30.81 -0.35
CA GLU A 114 39.66 -29.46 -0.61
C GLU A 114 39.36 -29.28 -2.09
N GLU A 115 40.13 -29.93 -2.97
CA GLU A 115 39.89 -29.80 -4.41
C GLU A 115 38.55 -30.48 -4.66
N GLU A 116 38.44 -31.70 -4.14
CA GLU A 116 37.22 -32.49 -4.29
C GLU A 116 35.98 -31.70 -3.86
N LEU A 117 36.10 -30.95 -2.78
CA LEU A 117 34.98 -30.16 -2.29
C LEU A 117 34.68 -28.97 -3.19
N GLN A 118 35.66 -28.53 -3.96
CA GLN A 118 35.46 -27.39 -4.84
C GLN A 118 34.45 -27.72 -5.91
N GLU A 119 34.31 -29.02 -6.17
CA GLU A 119 33.39 -29.52 -7.17
C GLU A 119 31.95 -29.33 -6.70
N LEU A 120 31.78 -29.02 -5.41
CA LEU A 120 30.46 -28.78 -4.83
C LEU A 120 30.26 -27.29 -4.54
N GLN A 121 31.09 -26.46 -5.15
CA GLN A 121 31.03 -25.03 -4.96
C GLN A 121 29.61 -24.47 -5.12
N GLY A 122 29.16 -23.72 -4.12
CA GLY A 122 27.84 -23.11 -4.19
C GLY A 122 26.70 -24.04 -3.85
N SER A 123 27.01 -25.31 -3.66
CA SER A 123 26.01 -26.32 -3.37
C SER A 123 25.58 -26.37 -1.92
N GLN A 124 24.29 -26.60 -1.69
CA GLN A 124 23.82 -26.72 -0.32
C GLN A 124 24.56 -27.87 0.36
N LEU A 125 24.80 -28.95 -0.38
CA LEU A 125 25.52 -30.10 0.19
C LEU A 125 26.82 -29.68 0.86
N LEU A 126 27.57 -28.78 0.23
CA LEU A 126 28.84 -28.32 0.79
C LEU A 126 28.59 -27.55 2.11
N LYS A 127 27.69 -26.56 2.06
CA LYS A 127 27.36 -25.80 3.26
C LYS A 127 27.04 -26.75 4.40
N THR A 128 26.25 -27.77 4.09
CA THR A 128 25.88 -28.75 5.10
C THR A 128 27.07 -29.57 5.56
N THR A 129 27.85 -30.10 4.64
CA THR A 129 28.99 -30.91 5.04
C THR A 129 29.96 -30.09 5.90
N VAL A 130 30.19 -28.84 5.53
CA VAL A 130 31.10 -28.00 6.31
C VAL A 130 30.57 -27.92 7.74
N SER A 131 29.33 -27.42 7.87
CA SER A 131 28.67 -27.31 9.17
C SER A 131 28.80 -28.59 9.99
N VAL A 132 28.48 -29.71 9.38
CA VAL A 132 28.58 -30.99 10.06
C VAL A 132 30.02 -31.31 10.46
N LYS A 133 30.97 -31.04 9.56
CA LYS A 133 32.37 -31.31 9.89
C LYS A 133 32.81 -30.41 11.03
N GLU A 134 32.55 -29.12 10.88
CA GLU A 134 32.91 -28.17 11.90
C GLU A 134 32.32 -28.60 13.24
N TYR A 135 30.99 -28.65 13.31
CA TYR A 135 30.30 -29.04 14.53
C TYR A 135 30.84 -30.32 15.15
N VAL A 136 31.08 -31.34 14.33
CA VAL A 136 31.61 -32.59 14.88
C VAL A 136 33.00 -32.34 15.45
N LYS A 137 33.74 -31.44 14.81
CA LYS A 137 35.10 -31.09 15.24
C LYS A 137 35.03 -30.52 16.65
N ASN A 138 34.37 -29.37 16.80
CA ASN A 138 34.21 -28.72 18.09
C ASN A 138 33.78 -29.73 19.16
N GLU A 139 32.65 -30.39 18.91
CA GLU A 139 32.12 -31.38 19.82
C GLU A 139 33.16 -32.43 20.19
N CYS A 140 34.00 -32.81 19.24
CA CYS A 140 35.01 -33.83 19.48
C CYS A 140 36.26 -33.31 20.22
N LEU A 141 36.54 -32.03 20.11
CA LEU A 141 37.70 -31.49 20.81
C LEU A 141 37.34 -31.45 22.30
N LYS A 142 36.14 -30.96 22.61
CA LYS A 142 35.68 -30.90 23.99
C LYS A 142 35.84 -32.27 24.66
N LEU A 143 35.50 -33.34 23.95
CA LEU A 143 35.63 -34.68 24.52
C LEU A 143 37.08 -35.05 24.76
N GLU A 144 38.01 -34.36 24.12
CA GLU A 144 39.41 -34.67 24.33
C GLU A 144 39.91 -33.98 25.60
N GLN A 145 39.44 -32.76 25.84
CA GLN A 145 39.85 -31.99 27.00
C GLN A 145 38.95 -32.21 28.23
N GLU A 146 37.80 -32.85 28.04
CA GLU A 146 36.89 -33.09 29.14
C GLU A 146 36.72 -34.56 29.48
N ILE A 147 37.25 -35.45 28.63
CA ILE A 147 37.11 -36.88 28.88
C ILE A 147 38.32 -37.68 28.45
N ILE A 148 38.90 -37.33 27.30
CA ILE A 148 40.05 -38.05 26.76
C ILE A 148 41.34 -37.80 27.52
N LEU A 149 41.63 -36.51 27.76
CA LEU A 149 42.83 -36.11 28.48
C LEU A 149 42.63 -36.34 29.97
N PRO A 150 41.61 -35.68 30.57
CA PRO A 150 41.36 -35.84 32.01
C PRO A 150 41.34 -37.30 32.47
N ASN A 151 41.32 -38.25 31.53
CA ASN A 151 41.30 -39.67 31.89
C ASN A 151 42.30 -40.46 31.08
N LYS A 152 43.53 -39.93 31.03
CA LYS A 152 44.63 -40.56 30.30
C LYS A 152 44.79 -42.05 30.57
N ARG A 153 44.11 -42.52 31.61
CA ARG A 153 44.16 -43.93 31.98
C ARG A 153 43.26 -44.71 31.00
N LEU A 154 42.08 -44.15 30.75
CA LEU A 154 41.08 -44.73 29.86
C LEU A 154 41.40 -44.58 28.37
N PHE A 155 41.95 -43.43 27.99
CA PHE A 155 42.31 -43.16 26.61
C PHE A 155 43.83 -43.06 26.48
N PRO A 156 44.52 -44.22 26.32
CA PRO A 156 45.98 -44.31 26.19
C PRO A 156 46.54 -43.49 25.03
N ASP A 157 46.59 -44.13 23.86
CA ASP A 157 47.09 -43.55 22.63
C ASP A 157 46.34 -42.26 22.28
N PRO A 158 47.01 -41.35 21.55
CA PRO A 158 46.37 -40.08 21.17
C PRO A 158 45.15 -40.27 20.27
N VAL A 159 44.27 -39.27 20.25
CA VAL A 159 43.07 -39.36 19.42
C VAL A 159 43.07 -38.20 18.42
N THR A 160 43.44 -38.52 17.17
CA THR A 160 43.48 -37.52 16.10
C THR A 160 42.10 -37.13 15.60
N LEU A 161 42.00 -35.95 14.97
CA LEU A 161 40.73 -35.49 14.43
C LEU A 161 40.25 -36.52 13.41
N ASP A 162 41.20 -37.22 12.78
CA ASP A 162 40.87 -38.24 11.79
C ASP A 162 40.13 -39.38 12.47
N ASP A 163 40.63 -39.80 13.62
CA ASP A 163 40.02 -40.89 14.37
C ASP A 163 38.54 -40.56 14.60
N PHE A 164 38.27 -39.32 14.96
CA PHE A 164 36.90 -38.88 15.18
C PHE A 164 36.05 -39.02 13.92
N PHE A 165 36.43 -38.30 12.87
CA PHE A 165 35.68 -38.36 11.62
C PHE A 165 35.52 -39.78 11.13
N TRP A 166 36.51 -40.63 11.39
CA TRP A 166 36.47 -42.03 11.01
C TRP A 166 35.27 -42.68 11.71
N ALA A 167 35.25 -42.57 13.04
CA ALA A 167 34.20 -43.15 13.86
C ALA A 167 32.85 -42.53 13.55
N PHE A 168 32.82 -41.21 13.37
CA PHE A 168 31.58 -40.52 13.04
C PHE A 168 31.08 -41.07 11.71
N GLY A 169 32.01 -41.29 10.80
CA GLY A 169 31.67 -41.81 9.49
C GLY A 169 31.09 -43.20 9.65
N ILE A 170 31.75 -44.01 10.46
CA ILE A 170 31.32 -45.39 10.71
C ILE A 170 29.87 -45.41 11.21
N LEU A 171 29.49 -44.38 11.95
CA LEU A 171 28.14 -44.28 12.49
C LEU A 171 27.13 -43.96 11.42
N ARG A 172 27.40 -42.88 10.67
CA ARG A 172 26.54 -42.41 9.59
C ARG A 172 26.27 -43.41 8.47
N SER A 173 27.27 -44.23 8.15
CA SER A 173 27.15 -45.19 7.06
C SER A 173 26.99 -46.65 7.42
N ARG A 174 26.91 -46.97 8.71
CA ARG A 174 26.78 -48.37 9.10
C ARG A 174 25.76 -48.65 10.18
N ALA A 175 25.52 -47.67 11.03
CA ALA A 175 24.56 -47.84 12.12
C ALA A 175 23.11 -47.94 11.65
N PHE A 176 22.38 -48.89 12.24
CA PHE A 176 20.98 -49.08 11.92
C PHE A 176 20.16 -48.27 12.90
N SER A 177 19.28 -47.42 12.38
CA SER A 177 18.45 -46.58 13.24
C SER A 177 17.00 -47.05 13.30
N ARG A 178 16.66 -48.07 12.52
CA ARG A 178 15.29 -48.59 12.50
C ARG A 178 15.06 -49.70 13.54
N LEU A 179 14.75 -49.30 14.78
CA LEU A 179 14.49 -50.26 15.86
C LEU A 179 13.44 -49.71 16.83
N ASN A 183 17.77 -45.06 17.74
CA ASN A 183 19.00 -45.56 18.33
C ASN A 183 20.17 -45.64 17.35
N LEU A 184 21.22 -46.37 17.75
CA LEU A 184 22.41 -46.54 16.94
C LEU A 184 23.10 -47.86 17.24
N VAL A 185 22.80 -48.89 16.46
CA VAL A 185 23.40 -50.21 16.65
C VAL A 185 24.29 -50.60 15.49
N VAL A 186 25.40 -51.26 15.80
CA VAL A 186 26.34 -51.69 14.77
C VAL A 186 26.39 -53.21 14.77
N VAL A 187 26.23 -53.84 13.61
CA VAL A 187 26.25 -55.30 13.52
C VAL A 187 27.27 -55.85 12.54
N PRO A 188 28.44 -56.26 13.04
CA PRO A 188 29.54 -56.82 12.24
C PRO A 188 29.18 -57.61 10.97
N MET A 189 28.17 -58.46 11.05
CA MET A 189 27.78 -59.27 9.90
C MET A 189 26.89 -58.48 8.92
N ALA A 190 25.80 -57.92 9.46
CA ALA A 190 24.85 -57.15 8.65
C ALA A 190 25.34 -55.74 8.36
N ASP A 191 26.65 -55.54 8.47
CA ASP A 191 27.23 -54.23 8.20
C ASP A 191 27.71 -54.25 6.76
N LEU A 192 27.79 -55.44 6.17
CA LEU A 192 28.26 -55.59 4.81
C LEU A 192 27.18 -55.47 3.73
N ILE A 193 25.93 -55.65 4.11
CA ILE A 193 24.83 -55.54 3.14
C ILE A 193 24.85 -54.15 2.50
N ASN A 194 24.64 -54.10 1.18
CA ASN A 194 24.64 -52.81 0.50
C ASN A 194 23.26 -52.31 0.12
N HIS A 195 23.22 -51.07 -0.37
CA HIS A 195 21.99 -50.39 -0.77
C HIS A 195 21.66 -50.56 -2.25
N SER A 196 20.37 -50.53 -2.57
CA SER A 196 19.91 -50.63 -3.95
C SER A 196 18.55 -49.98 -4.16
N ALA A 197 18.42 -49.28 -5.29
CA ALA A 197 17.18 -48.60 -5.64
C ALA A 197 16.15 -49.66 -5.99
N GLY A 198 16.62 -50.89 -6.21
CA GLY A 198 15.74 -51.97 -6.54
C GLY A 198 14.85 -52.36 -5.37
N VAL A 199 15.34 -52.13 -4.16
CA VAL A 199 14.58 -52.46 -2.98
C VAL A 199 13.69 -51.27 -2.65
N THR A 200 12.38 -51.45 -2.79
CA THR A 200 11.47 -50.35 -2.52
C THR A 200 10.55 -50.56 -1.31
N THR A 201 10.88 -51.57 -0.49
CA THR A 201 10.07 -51.90 0.68
C THR A 201 10.57 -51.20 1.96
N GLU A 202 11.82 -51.49 2.32
CA GLU A 202 12.46 -50.93 3.52
C GLU A 202 11.98 -51.60 4.80
N ASP A 203 11.86 -52.93 4.75
CA ASP A 203 11.42 -53.73 5.88
C ASP A 203 12.38 -54.93 6.02
N HIS A 204 13.54 -54.68 6.62
CA HIS A 204 14.59 -55.70 6.77
C HIS A 204 15.18 -55.83 8.16
N ALA A 205 15.59 -54.71 8.75
CA ALA A 205 16.18 -54.71 10.09
C ALA A 205 15.14 -55.18 11.10
N TYR A 206 15.54 -56.06 12.00
CA TYR A 206 14.66 -56.61 13.02
C TYR A 206 15.39 -57.58 13.96
N GLU A 207 15.09 -57.51 15.25
CA GLU A 207 15.72 -58.39 16.23
C GLU A 207 14.73 -59.23 17.03
N VAL A 208 15.09 -60.47 17.31
CA VAL A 208 14.23 -61.37 18.06
C VAL A 208 14.71 -61.48 19.50
N TYR A 219 19.58 -59.87 22.88
CA TYR A 219 18.65 -60.45 21.91
C TYR A 219 19.38 -61.04 20.71
N LEU A 220 18.98 -60.60 19.51
CA LEU A 220 19.60 -61.10 18.29
C LEU A 220 19.17 -60.25 17.09
N PHE A 221 20.14 -59.66 16.38
CA PHE A 221 19.84 -58.84 15.21
C PHE A 221 19.67 -59.75 14.01
N SER A 222 18.45 -59.80 13.49
CA SER A 222 18.14 -60.66 12.35
C SER A 222 17.92 -59.81 11.09
N LEU A 223 18.64 -60.16 10.02
CA LEU A 223 18.53 -59.44 8.75
C LEU A 223 17.90 -60.33 7.67
N LYS A 224 16.73 -59.93 7.21
CA LYS A 224 16.01 -60.67 6.18
C LYS A 224 16.00 -59.95 4.83
N SER A 225 16.39 -60.67 3.78
CA SER A 225 16.45 -60.13 2.42
C SER A 225 15.07 -59.77 1.89
N PRO A 226 14.86 -58.48 1.59
CA PRO A 226 13.58 -57.98 1.07
C PRO A 226 13.29 -58.38 -0.38
N LEU A 227 14.27 -58.99 -1.05
CA LEU A 227 14.11 -59.42 -2.42
C LEU A 227 14.61 -60.84 -2.65
N SER A 228 14.12 -61.47 -3.70
CA SER A 228 14.55 -62.82 -4.05
C SER A 228 15.84 -62.72 -4.85
N VAL A 229 16.94 -63.08 -4.23
CA VAL A 229 18.24 -63.03 -4.89
C VAL A 229 18.68 -64.41 -5.34
N LYS A 230 18.84 -64.61 -6.64
CA LYS A 230 19.27 -65.90 -7.15
C LYS A 230 20.75 -66.09 -6.80
N ALA A 231 21.17 -67.35 -6.71
CA ALA A 231 22.55 -67.68 -6.35
C ALA A 231 23.60 -66.97 -7.19
N GLY A 232 24.57 -66.38 -6.52
CA GLY A 232 25.65 -65.68 -7.21
C GLY A 232 25.43 -64.18 -7.18
N GLU A 233 24.16 -63.78 -7.12
CA GLU A 233 23.81 -62.37 -7.10
C GLU A 233 24.01 -61.77 -5.71
N GLN A 234 23.95 -60.45 -5.62
CA GLN A 234 24.14 -59.75 -4.35
C GLN A 234 22.81 -59.49 -3.66
N VAL A 235 22.84 -59.48 -2.34
CA VAL A 235 21.65 -59.22 -1.53
C VAL A 235 21.68 -57.74 -1.18
N TYR A 236 20.56 -57.05 -1.33
CA TYR A 236 20.54 -55.61 -1.01
C TYR A 236 19.44 -55.20 -0.07
N ILE A 237 19.45 -53.92 0.28
CA ILE A 237 18.45 -53.34 1.14
C ILE A 237 18.28 -51.87 0.79
N GLN A 238 17.23 -51.27 1.32
CA GLN A 238 16.92 -49.88 1.08
C GLN A 238 17.37 -49.11 2.31
N TYR A 239 18.49 -48.41 2.21
CA TYR A 239 18.98 -47.66 3.34
C TYR A 239 18.00 -46.61 3.88
N ASP A 240 17.18 -46.01 3.00
CA ASP A 240 16.21 -45.00 3.42
C ASP A 240 15.46 -44.41 2.23
N LEU A 241 14.17 -44.69 2.14
CA LEU A 241 13.36 -44.19 1.04
C LEU A 241 13.08 -42.70 1.14
N ASN A 242 13.45 -42.08 2.25
CA ASN A 242 13.16 -40.66 2.43
C ASN A 242 14.30 -39.68 2.31
N LYS A 243 15.53 -40.19 2.28
CA LYS A 243 16.66 -39.29 2.19
C LYS A 243 16.81 -38.65 0.81
N SER A 244 17.34 -37.43 0.80
CA SER A 244 17.58 -36.74 -0.46
C SER A 244 18.92 -37.28 -0.95
N ASN A 245 19.36 -36.84 -2.12
CA ASN A 245 20.65 -37.29 -2.62
C ASN A 245 21.75 -36.63 -1.80
N ALA A 246 21.47 -35.40 -1.37
CA ALA A 246 22.41 -34.65 -0.56
C ALA A 246 22.63 -35.51 0.67
N GLU A 247 21.54 -35.97 1.27
CA GLU A 247 21.62 -36.81 2.46
C GLU A 247 22.38 -38.14 2.28
N LEU A 248 22.26 -38.78 1.12
CA LEU A 248 22.95 -40.04 0.92
C LEU A 248 24.42 -39.72 0.70
N ALA A 249 24.68 -38.61 0.05
CA ALA A 249 26.05 -38.21 -0.23
C ALA A 249 26.85 -38.03 1.06
N LEU A 250 26.27 -37.35 2.04
CA LEU A 250 26.97 -37.13 3.30
C LEU A 250 26.94 -38.34 4.20
N ASP A 251 25.77 -38.97 4.35
CA ASP A 251 25.65 -40.15 5.19
C ASP A 251 26.46 -41.32 4.69
N TYR A 252 26.25 -41.72 3.44
CA TYR A 252 27.00 -42.81 2.84
C TYR A 252 27.82 -42.18 1.73
N GLY A 253 28.60 -42.96 0.99
CA GLY A 253 29.38 -42.33 -0.06
C GLY A 253 28.74 -42.48 -1.44
N PHE A 254 27.45 -42.19 -1.57
CA PHE A 254 26.82 -42.35 -2.89
C PHE A 254 25.51 -41.62 -3.09
N ILE A 255 25.10 -41.53 -4.35
CA ILE A 255 23.85 -40.91 -4.70
C ILE A 255 23.17 -41.77 -5.77
N GLU A 256 21.90 -41.47 -6.05
CA GLU A 256 21.15 -42.22 -7.05
C GLU A 256 20.86 -41.32 -8.24
N PRO A 257 20.60 -41.92 -9.41
CA PRO A 257 20.31 -41.16 -10.62
C PRO A 257 18.86 -40.67 -10.58
N ASN A 258 18.07 -41.28 -9.70
CA ASN A 258 16.66 -40.94 -9.52
C ASN A 258 16.42 -39.47 -9.16
N GLU A 259 16.06 -38.67 -10.15
CA GLU A 259 15.82 -37.27 -9.96
C GLU A 259 14.86 -36.99 -8.82
N ASN A 260 14.07 -37.99 -8.44
CA ASN A 260 13.11 -37.78 -7.38
C ASN A 260 13.78 -37.73 -6.01
N ARG A 261 15.10 -37.82 -6.02
CA ARG A 261 15.88 -37.76 -4.78
C ARG A 261 16.50 -36.36 -4.62
N HIS A 262 16.54 -35.57 -5.69
CA HIS A 262 17.12 -34.24 -5.62
C HIS A 262 16.22 -33.33 -4.82
N ALA A 263 16.75 -32.78 -3.75
CA ALA A 263 15.97 -31.88 -2.92
C ALA A 263 16.86 -30.73 -2.51
N TYR A 264 16.22 -29.63 -2.12
CA TYR A 264 16.93 -28.44 -1.69
C TYR A 264 16.09 -27.90 -0.56
N THR A 265 16.68 -27.73 0.62
CA THR A 265 15.89 -27.22 1.73
C THR A 265 15.99 -25.70 1.93
N LEU A 266 14.84 -25.06 2.04
CA LEU A 266 14.75 -23.62 2.24
C LEU A 266 14.65 -23.32 3.73
N THR A 267 15.36 -22.29 4.18
CA THR A 267 15.29 -21.95 5.58
C THR A 267 14.61 -20.61 5.80
N LEU A 268 13.45 -20.68 6.45
CA LEU A 268 12.63 -19.52 6.74
C LEU A 268 12.71 -19.15 8.22
N GLU A 269 12.51 -17.87 8.52
CA GLU A 269 12.55 -17.43 9.89
C GLU A 269 11.90 -16.08 10.03
N ILE A 270 11.35 -15.82 11.20
CA ILE A 270 10.73 -14.54 11.47
C ILE A 270 11.85 -13.75 12.15
N SER A 271 12.44 -12.82 11.41
CA SER A 271 13.53 -12.03 11.96
C SER A 271 13.12 -11.26 13.20
N GLU A 272 14.00 -11.22 14.18
CA GLU A 272 13.67 -10.51 15.42
C GLU A 272 13.55 -9.01 15.18
N SER A 273 14.21 -8.50 14.16
CA SER A 273 14.14 -7.09 13.85
C SER A 273 12.81 -6.75 13.18
N ASP A 274 11.98 -7.76 12.95
CA ASP A 274 10.69 -7.53 12.33
C ASP A 274 9.88 -6.74 13.36
N PRO A 275 9.31 -5.60 12.95
CA PRO A 275 8.50 -4.81 13.89
C PRO A 275 7.31 -5.57 14.46
N PHE A 276 6.90 -6.65 13.81
CA PHE A 276 5.78 -7.45 14.31
C PHE A 276 6.25 -8.83 14.74
N PHE A 277 7.52 -8.91 15.11
CA PHE A 277 8.10 -10.18 15.55
C PHE A 277 7.28 -10.93 16.57
N ASP A 278 6.97 -10.28 17.68
CA ASP A 278 6.21 -10.93 18.74
C ASP A 278 4.90 -11.52 18.28
N ASP A 279 4.13 -10.76 17.50
CA ASP A 279 2.85 -11.26 17.01
C ASP A 279 3.02 -12.40 16.00
N LYS A 280 3.90 -12.19 15.03
CA LYS A 280 4.14 -13.20 14.01
C LYS A 280 4.60 -14.53 14.60
N LEU A 281 5.58 -14.48 15.49
CA LEU A 281 6.10 -15.70 16.11
C LEU A 281 4.98 -16.41 16.85
N ASP A 282 4.09 -15.61 17.42
CA ASP A 282 2.95 -16.15 18.15
C ASP A 282 2.06 -16.95 17.21
N VAL A 283 1.82 -16.40 16.03
CA VAL A 283 0.99 -17.06 15.02
C VAL A 283 1.70 -18.34 14.52
N ALA A 284 3.00 -18.23 14.27
CA ALA A 284 3.74 -19.37 13.78
C ALA A 284 3.73 -20.54 14.78
N GLU A 285 4.01 -20.25 16.05
CA GLU A 285 4.07 -21.30 17.06
C GLU A 285 2.69 -21.89 17.32
N SER A 286 1.66 -21.07 17.27
CA SER A 286 0.31 -21.55 17.47
C SER A 286 -0.04 -22.53 16.38
N ASN A 287 0.80 -22.61 15.37
CA ASN A 287 0.54 -23.49 14.25
C ASN A 287 1.65 -24.46 13.91
N GLY A 288 2.43 -24.85 14.91
CA GLY A 288 3.49 -25.82 14.69
C GLY A 288 4.78 -25.35 14.05
N PHE A 289 4.99 -24.03 13.99
CA PHE A 289 6.22 -23.54 13.39
C PHE A 289 7.02 -22.66 14.31
N ALA A 290 8.32 -22.93 14.38
CA ALA A 290 9.21 -22.17 15.24
C ALA A 290 9.65 -20.88 14.57
N GLN A 291 10.47 -20.14 15.31
CA GLN A 291 11.02 -18.87 14.85
C GLN A 291 11.86 -19.16 13.60
N THR A 292 12.33 -20.39 13.50
CA THR A 292 13.11 -20.84 12.36
C THR A 292 12.53 -22.17 11.92
N ALA A 293 12.17 -22.26 10.64
CA ALA A 293 11.59 -23.47 10.10
C ALA A 293 12.29 -23.88 8.82
N TYR A 294 12.49 -25.17 8.66
CA TYR A 294 13.12 -25.67 7.45
C TYR A 294 12.08 -26.37 6.59
N PHE A 295 12.07 -26.03 5.30
CA PHE A 295 11.16 -26.67 4.36
C PHE A 295 11.97 -27.38 3.27
N ASP A 296 11.89 -28.71 3.25
CA ASP A 296 12.60 -29.47 2.23
C ASP A 296 11.79 -29.47 0.95
N ILE A 297 12.43 -29.08 -0.14
CA ILE A 297 11.77 -29.05 -1.43
C ILE A 297 12.38 -30.09 -2.37
N PHE A 298 11.61 -31.14 -2.67
CA PHE A 298 12.06 -32.20 -3.55
C PHE A 298 11.63 -32.00 -4.99
N TYR A 299 12.48 -32.43 -5.91
CA TYR A 299 12.19 -32.30 -7.33
C TYR A 299 10.88 -32.97 -7.68
N ASN A 300 10.12 -32.32 -8.54
CA ASN A 300 8.84 -32.84 -9.00
C ASN A 300 7.80 -33.08 -7.93
N ARG A 301 8.11 -32.72 -6.70
CA ARG A 301 7.14 -32.87 -5.63
C ARG A 301 6.46 -31.50 -5.40
N THR A 302 5.22 -31.49 -4.91
CA THR A 302 4.55 -30.21 -4.70
C THR A 302 5.10 -29.55 -3.46
N LEU A 303 5.04 -28.23 -3.44
CA LEU A 303 5.56 -27.49 -2.31
C LEU A 303 5.03 -28.04 -0.99
N PRO A 304 5.87 -28.05 0.05
CA PRO A 304 5.50 -28.55 1.36
C PRO A 304 4.45 -27.64 1.97
N PRO A 305 3.50 -28.22 2.71
CA PRO A 305 2.43 -27.43 3.34
C PRO A 305 3.07 -26.47 4.34
N GLY A 306 2.51 -25.29 4.51
CA GLY A 306 3.09 -24.40 5.49
C GLY A 306 4.15 -23.45 4.94
N LEU A 307 4.80 -23.85 3.85
CA LEU A 307 5.82 -23.01 3.22
C LEU A 307 5.22 -21.68 2.77
N LEU A 308 4.18 -21.75 1.95
CA LEU A 308 3.55 -20.53 1.47
C LEU A 308 3.02 -19.70 2.61
N PRO A 309 2.16 -20.28 3.47
CA PRO A 309 1.63 -19.49 4.59
C PRO A 309 2.71 -18.88 5.46
N TYR A 310 3.81 -19.60 5.66
CA TYR A 310 4.91 -19.08 6.45
C TYR A 310 5.60 -17.93 5.67
N LEU A 311 5.77 -18.11 4.37
CA LEU A 311 6.40 -17.08 3.54
C LEU A 311 5.55 -15.82 3.62
N ARG A 312 4.23 -16.01 3.59
CA ARG A 312 3.31 -14.89 3.67
C ARG A 312 3.40 -14.23 5.03
N LEU A 313 3.58 -15.04 6.06
CA LEU A 313 3.72 -14.53 7.42
C LEU A 313 4.99 -13.68 7.51
N VAL A 314 6.09 -14.23 7.00
CA VAL A 314 7.37 -13.54 6.99
C VAL A 314 7.28 -12.20 6.27
N ALA A 315 6.66 -12.20 5.09
CA ALA A 315 6.53 -10.99 4.30
C ALA A 315 5.41 -10.05 4.71
N LEU A 316 4.56 -10.49 5.64
CA LEU A 316 3.40 -9.72 6.06
C LEU A 316 3.38 -8.22 5.77
N GLY A 317 3.90 -7.39 6.68
CA GLY A 317 3.89 -5.96 6.39
C GLY A 317 2.82 -5.13 7.09
N GLY A 318 3.15 -3.87 7.37
CA GLY A 318 2.24 -2.97 8.06
C GLY A 318 0.80 -2.94 7.61
N THR A 319 0.57 -2.95 6.29
CA THR A 319 -0.77 -2.92 5.72
C THR A 319 -1.69 -4.06 6.13
N ASP A 320 -1.15 -5.26 6.18
CA ASP A 320 -1.94 -6.43 6.52
C ASP A 320 -1.70 -6.87 7.95
N ALA A 321 -1.03 -6.03 8.71
CA ALA A 321 -0.71 -6.33 10.11
C ALA A 321 -1.96 -6.48 10.96
N PHE A 322 -3.08 -5.93 10.49
CA PHE A 322 -4.33 -6.01 11.23
C PHE A 322 -4.75 -7.47 11.38
N LEU A 323 -4.17 -8.35 10.57
CA LEU A 323 -4.49 -9.77 10.63
C LEU A 323 -3.87 -10.42 11.87
N LEU A 324 -2.89 -9.74 12.46
CA LEU A 324 -2.21 -10.27 13.64
C LEU A 324 -2.96 -9.98 14.93
N GLU A 325 -4.02 -9.19 14.84
CA GLU A 325 -4.83 -8.81 16.00
C GLU A 325 -5.56 -10.01 16.59
N SER A 326 -5.77 -9.97 17.91
CA SER A 326 -6.44 -11.04 18.65
C SER A 326 -7.71 -11.53 17.96
N LEU A 327 -8.30 -10.67 17.14
CA LEU A 327 -9.53 -10.97 16.40
C LEU A 327 -9.40 -12.17 15.46
N PHE A 328 -8.24 -12.32 14.82
CA PHE A 328 -8.05 -13.42 13.89
C PHE A 328 -7.21 -14.57 14.43
N ARG A 329 -6.82 -14.51 15.69
CA ARG A 329 -6.00 -15.58 16.25
C ARG A 329 -6.69 -16.94 16.27
N ASP A 330 -7.47 -17.22 15.24
CA ASP A 330 -8.15 -18.51 15.13
C ASP A 330 -8.41 -18.85 13.69
N THR A 331 -8.14 -17.88 12.83
CA THR A 331 -8.33 -18.03 11.40
C THR A 331 -7.13 -17.51 10.62
N ILE A 332 -6.28 -16.73 11.29
CA ILE A 332 -5.11 -16.13 10.67
C ILE A 332 -4.31 -17.10 9.83
N TRP A 333 -4.16 -18.33 10.31
CA TRP A 333 -3.41 -19.29 9.54
C TRP A 333 -4.18 -19.69 8.29
N GLY A 334 -5.50 -19.83 8.41
CA GLY A 334 -6.30 -20.19 7.26
C GLY A 334 -6.17 -19.12 6.20
N HIS A 335 -6.21 -17.86 6.64
CA HIS A 335 -6.07 -16.74 5.73
C HIS A 335 -4.69 -16.82 5.08
N LEU A 336 -3.68 -17.11 5.89
CA LEU A 336 -2.32 -17.23 5.38
C LEU A 336 -2.26 -18.28 4.28
N GLU A 337 -3.04 -19.34 4.43
CA GLU A 337 -3.05 -20.41 3.45
C GLU A 337 -3.81 -20.00 2.19
N LEU A 338 -4.78 -19.11 2.33
CA LEU A 338 -5.58 -18.64 1.20
C LEU A 338 -5.05 -17.36 0.53
N SER A 339 -3.91 -16.85 1.00
CA SER A 339 -3.25 -15.63 0.50
C SER A 339 -3.76 -14.37 1.23
N VAL A 340 -2.87 -13.43 1.47
CA VAL A 340 -3.21 -12.20 2.20
C VAL A 340 -3.59 -11.03 1.31
N SER A 341 -2.68 -10.66 0.42
CA SER A 341 -2.92 -9.54 -0.47
C SER A 341 -1.89 -9.59 -1.58
N ARG A 342 -2.14 -8.84 -2.64
CA ARG A 342 -1.25 -8.82 -3.78
C ARG A 342 0.15 -8.35 -3.42
N ASP A 343 0.25 -7.29 -2.62
CA ASP A 343 1.56 -6.80 -2.28
C ASP A 343 2.30 -7.85 -1.47
N ASN A 344 1.57 -8.61 -0.66
CA ASN A 344 2.18 -9.66 0.14
C ASN A 344 2.73 -10.78 -0.75
N GLU A 345 1.92 -11.22 -1.70
CA GLU A 345 2.30 -12.30 -2.62
C GLU A 345 3.44 -11.87 -3.53
N GLU A 346 3.35 -10.64 -4.03
CA GLU A 346 4.37 -10.12 -4.92
C GLU A 346 5.71 -10.03 -4.23
N LEU A 347 5.67 -9.65 -2.96
CA LEU A 347 6.86 -9.49 -2.16
C LEU A 347 7.54 -10.84 -1.96
N LEU A 348 6.80 -11.81 -1.47
CA LEU A 348 7.36 -13.12 -1.21
C LEU A 348 7.88 -13.77 -2.48
N CYS A 349 7.16 -13.60 -3.58
CA CYS A 349 7.62 -14.18 -4.84
C CYS A 349 8.98 -13.56 -5.20
N LYS A 350 9.06 -12.24 -5.06
CA LYS A 350 10.27 -11.52 -5.37
C LYS A 350 11.40 -12.10 -4.52
N ALA A 351 11.14 -12.27 -3.24
CA ALA A 351 12.12 -12.80 -2.31
C ALA A 351 12.62 -14.18 -2.73
N VAL A 352 11.70 -15.12 -2.95
CA VAL A 352 12.09 -16.46 -3.35
C VAL A 352 12.85 -16.48 -4.66
N ARG A 353 12.34 -15.75 -5.65
CA ARG A 353 12.99 -15.72 -6.95
C ARG A 353 14.40 -15.19 -6.88
N GLU A 354 14.62 -14.14 -6.10
CA GLU A 354 15.95 -13.58 -5.98
C GLU A 354 16.86 -14.58 -5.28
N ALA A 355 16.32 -15.31 -4.31
CA ALA A 355 17.12 -16.30 -3.60
C ALA A 355 17.57 -17.42 -4.53
N CYS A 356 16.70 -17.83 -5.44
CA CYS A 356 17.05 -18.86 -6.39
C CYS A 356 18.11 -18.38 -7.36
N LYS A 357 17.90 -17.21 -7.94
CA LYS A 357 18.86 -16.65 -8.88
C LYS A 357 20.21 -16.52 -8.22
N SER A 358 20.19 -15.94 -7.04
CA SER A 358 21.44 -15.73 -6.32
C SER A 358 22.12 -17.05 -6.05
N ALA A 359 21.36 -18.02 -5.56
CA ALA A 359 21.92 -19.33 -5.27
C ALA A 359 22.46 -19.98 -6.54
N LEU A 360 21.65 -20.00 -7.59
CA LEU A 360 22.04 -20.59 -8.86
C LEU A 360 23.36 -20.03 -9.37
N ALA A 361 23.53 -18.73 -9.21
CA ALA A 361 24.74 -18.04 -9.64
C ALA A 361 25.96 -18.48 -8.84
N GLY A 362 25.73 -19.19 -7.74
CA GLY A 362 26.85 -19.62 -6.91
C GLY A 362 27.61 -20.84 -7.37
N TYR A 363 27.11 -21.52 -8.40
CA TYR A 363 27.78 -22.71 -8.89
C TYR A 363 28.79 -22.33 -9.97
N HIS A 364 29.80 -23.17 -10.17
CA HIS A 364 30.85 -22.89 -11.15
C HIS A 364 30.68 -23.64 -12.47
N THR A 365 29.57 -24.33 -12.65
CA THR A 365 29.31 -25.04 -13.90
C THR A 365 27.85 -24.87 -14.26
N THR A 366 27.56 -24.99 -15.55
CA THR A 366 26.18 -24.87 -15.99
C THR A 366 25.58 -26.26 -15.97
N ILE A 367 24.26 -26.34 -15.92
CA ILE A 367 23.61 -27.63 -15.89
C ILE A 367 23.99 -28.44 -17.12
N GLU A 368 24.24 -27.78 -18.25
CA GLU A 368 24.63 -28.47 -19.48
C GLU A 368 25.97 -29.14 -19.29
N GLN A 369 26.90 -28.41 -18.68
CA GLN A 369 28.22 -28.94 -18.43
C GLN A 369 28.14 -30.18 -17.54
N ASP A 370 27.32 -30.12 -16.50
CA ASP A 370 27.19 -31.25 -15.59
C ASP A 370 26.65 -32.44 -16.35
N ARG A 371 25.59 -32.23 -17.11
CA ARG A 371 25.00 -33.31 -17.89
C ARG A 371 25.95 -33.89 -18.91
N GLU A 372 26.84 -33.06 -19.46
CA GLU A 372 27.77 -33.62 -20.41
C GLU A 372 28.74 -34.47 -19.63
N LEU A 373 29.24 -33.94 -18.51
CA LEU A 373 30.17 -34.68 -17.68
C LEU A 373 29.63 -36.07 -17.32
N LYS A 374 28.38 -36.12 -16.87
CA LYS A 374 27.76 -37.38 -16.50
C LYS A 374 27.77 -38.43 -17.60
N GLU A 375 27.93 -37.95 -18.83
CA GLU A 375 27.91 -38.79 -20.02
C GLU A 375 29.23 -39.53 -20.23
N GLY A 376 30.26 -39.14 -19.48
CA GLY A 376 31.55 -39.80 -19.55
C GLY A 376 31.78 -40.62 -18.29
N ASN A 377 33.02 -41.03 -18.03
CA ASN A 377 33.31 -41.80 -16.82
C ASN A 377 33.81 -40.89 -15.72
N LEU A 378 33.08 -40.85 -14.62
CA LEU A 378 33.44 -39.99 -13.50
C LEU A 378 33.94 -40.74 -12.27
N ASP A 379 34.91 -40.16 -11.58
CA ASP A 379 35.44 -40.73 -10.34
C ASP A 379 34.25 -40.72 -9.37
N SER A 380 34.18 -41.71 -8.49
CA SER A 380 33.08 -41.79 -7.53
C SER A 380 32.72 -40.46 -6.86
N ARG A 381 33.72 -39.72 -6.39
CA ARG A 381 33.45 -38.44 -5.72
C ARG A 381 33.04 -37.35 -6.71
N LEU A 382 33.74 -37.25 -7.85
CA LEU A 382 33.40 -36.25 -8.85
C LEU A 382 31.98 -36.53 -9.33
N ALA A 383 31.68 -37.82 -9.49
CA ALA A 383 30.37 -38.27 -9.90
C ALA A 383 29.30 -37.78 -8.93
N ILE A 384 29.58 -37.84 -7.63
CA ILE A 384 28.64 -37.39 -6.62
C ILE A 384 28.44 -35.88 -6.72
N ALA A 385 29.53 -35.15 -6.84
CA ALA A 385 29.44 -33.70 -6.92
C ALA A 385 28.61 -33.29 -8.13
N VAL A 386 28.98 -33.81 -9.30
CA VAL A 386 28.25 -33.47 -10.52
C VAL A 386 26.77 -33.76 -10.32
N GLY A 387 26.45 -35.00 -9.99
CA GLY A 387 25.06 -35.36 -9.78
C GLY A 387 24.34 -34.47 -8.79
N ILE A 388 24.93 -34.27 -7.61
CA ILE A 388 24.31 -33.43 -6.59
C ILE A 388 24.07 -32.02 -7.10
N ARG A 389 25.11 -31.39 -7.67
CA ARG A 389 24.96 -30.02 -8.13
C ARG A 389 23.98 -29.85 -9.26
N GLU A 390 23.87 -30.84 -10.14
CA GLU A 390 22.89 -30.74 -11.23
C GLU A 390 21.49 -30.78 -10.62
N GLY A 391 21.27 -31.76 -9.75
CA GLY A 391 19.98 -31.90 -9.09
C GLY A 391 19.58 -30.65 -8.33
N GLU A 392 20.51 -30.08 -7.58
CA GLU A 392 20.23 -28.88 -6.82
C GLU A 392 19.78 -27.79 -7.78
N LYS A 393 20.48 -27.68 -8.90
CA LYS A 393 20.13 -26.66 -9.88
C LYS A 393 18.74 -26.91 -10.45
N MET A 394 18.36 -28.17 -10.59
CA MET A 394 17.03 -28.48 -11.10
C MET A 394 15.96 -28.02 -10.12
N VAL A 395 16.22 -28.22 -8.83
CA VAL A 395 15.28 -27.82 -7.79
C VAL A 395 15.25 -26.30 -7.70
N LEU A 396 16.42 -25.67 -7.64
CA LEU A 396 16.47 -24.22 -7.61
C LEU A 396 15.67 -23.66 -8.78
N GLN A 397 15.89 -24.20 -9.98
CA GLN A 397 15.18 -23.71 -11.16
C GLN A 397 13.68 -24.05 -11.16
N GLN A 398 13.32 -25.21 -10.63
CA GLN A 398 11.91 -25.58 -10.58
C GLN A 398 11.20 -24.65 -9.59
N ILE A 399 11.85 -24.41 -8.45
CA ILE A 399 11.28 -23.54 -7.45
C ILE A 399 11.05 -22.20 -8.09
N ASP A 400 12.09 -21.67 -8.74
CA ASP A 400 11.99 -20.36 -9.37
C ASP A 400 10.93 -20.35 -10.47
N GLY A 401 10.80 -21.47 -11.16
CA GLY A 401 9.81 -21.54 -12.21
C GLY A 401 8.43 -21.43 -11.60
N ILE A 402 8.23 -22.13 -10.49
CA ILE A 402 6.94 -22.11 -9.80
C ILE A 402 6.58 -20.68 -9.40
N PHE A 403 7.53 -19.95 -8.85
CA PHE A 403 7.22 -18.60 -8.43
C PHE A 403 7.18 -17.60 -9.57
N GLU A 404 7.76 -17.97 -10.71
CA GLU A 404 7.71 -17.10 -11.88
C GLU A 404 6.27 -17.10 -12.37
N GLN A 405 5.68 -18.29 -12.41
CA GLN A 405 4.30 -18.47 -12.83
C GLN A 405 3.42 -17.68 -11.87
N LYS A 406 3.68 -17.88 -10.58
CA LYS A 406 2.92 -17.20 -9.55
C LYS A 406 2.88 -15.71 -9.76
N GLU A 407 3.99 -15.13 -10.23
CA GLU A 407 4.01 -13.69 -10.45
C GLU A 407 3.01 -13.35 -11.54
N LEU A 408 2.92 -14.20 -12.56
CA LEU A 408 1.99 -13.96 -13.65
C LEU A 408 0.56 -14.11 -13.20
N GLU A 409 0.29 -15.06 -12.31
CA GLU A 409 -1.07 -15.27 -11.83
C GLU A 409 -1.35 -14.41 -10.59
N LEU A 410 -0.51 -13.41 -10.37
CA LEU A 410 -0.63 -12.52 -9.23
C LEU A 410 -2.01 -11.86 -9.09
N ASP A 411 -2.82 -11.90 -10.13
CA ASP A 411 -4.16 -11.29 -10.05
C ASP A 411 -5.28 -12.31 -10.09
N GLN A 412 -4.92 -13.59 -10.18
CA GLN A 412 -5.90 -14.65 -10.22
C GLN A 412 -6.28 -15.10 -8.81
N LEU A 413 -5.46 -14.74 -7.83
CA LEU A 413 -5.72 -15.11 -6.45
C LEU A 413 -6.73 -14.17 -5.82
N GLU A 414 -7.57 -14.68 -4.92
CA GLU A 414 -8.52 -13.82 -4.26
C GLU A 414 -8.05 -13.64 -2.82
N TYR A 415 -7.35 -12.53 -2.62
CA TYR A 415 -6.78 -12.17 -1.33
C TYR A 415 -7.82 -11.89 -0.26
N TYR A 416 -7.34 -11.46 0.91
CA TYR A 416 -8.23 -11.19 2.03
C TYR A 416 -9.38 -10.22 1.71
N GLN A 417 -9.04 -8.98 1.38
CA GLN A 417 -10.06 -7.98 1.08
C GLN A 417 -11.13 -8.54 0.13
N GLU A 418 -10.71 -9.19 -0.95
CA GLU A 418 -11.70 -9.71 -1.86
C GLU A 418 -12.53 -10.80 -1.20
N ARG A 419 -11.87 -11.73 -0.50
CA ARG A 419 -12.60 -12.81 0.16
C ARG A 419 -13.57 -12.25 1.18
N ARG A 420 -13.25 -11.08 1.73
CA ARG A 420 -14.11 -10.48 2.72
C ARG A 420 -15.39 -9.93 2.12
N LEU A 421 -15.33 -9.46 0.89
CA LEU A 421 -16.53 -8.91 0.28
C LEU A 421 -17.32 -9.96 -0.49
N LYS A 422 -16.78 -11.17 -0.60
CA LYS A 422 -17.51 -12.20 -1.33
C LYS A 422 -18.80 -12.58 -0.59
N ASP A 423 -19.20 -11.76 0.38
CA ASP A 423 -20.43 -12.03 1.13
C ASP A 423 -21.10 -10.73 1.58
N LEU A 424 -21.41 -9.86 0.62
CA LEU A 424 -22.04 -8.58 0.89
C LEU A 424 -23.56 -8.67 0.77
N GLY A 425 -24.02 -9.50 -0.15
CA GLY A 425 -25.45 -9.61 -0.36
C GLY A 425 -25.98 -8.23 -0.73
N LEU A 426 -25.31 -7.58 -1.69
CA LEU A 426 -25.76 -6.26 -2.13
C LEU A 426 -27.09 -6.42 -2.83
N CYS A 427 -27.20 -7.48 -3.63
CA CYS A 427 -28.43 -7.73 -4.36
C CYS A 427 -29.37 -8.68 -3.64
N GLY A 428 -29.95 -8.19 -2.55
CA GLY A 428 -30.89 -8.99 -1.80
C GLY A 428 -32.28 -8.43 -1.96
N GLU A 429 -32.99 -8.29 -0.86
CA GLU A 429 -34.33 -7.76 -0.90
C GLU A 429 -34.30 -6.27 -0.66
N ASN A 430 -35.46 -5.65 -0.77
CA ASN A 430 -35.60 -4.23 -0.52
C ASN A 430 -35.88 -4.15 0.98
N GLY A 431 -34.86 -4.48 1.77
CA GLY A 431 -35.01 -4.49 3.22
C GLY A 431 -35.73 -3.30 3.83
N ASP A 432 -35.64 -2.14 3.21
CA ASP A 432 -36.28 -0.97 3.76
C ASP A 432 -37.77 -1.20 4.01
N ILE A 433 -38.45 -1.92 3.10
CA ILE A 433 -39.89 -2.19 3.28
C ILE A 433 -40.14 -2.80 4.65
N LEU A 434 -39.38 -3.84 4.97
CA LEU A 434 -39.50 -4.55 6.24
C LEU A 434 -39.16 -3.68 7.43
N GLU A 435 -38.11 -2.88 7.28
CA GLU A 435 -37.70 -2.01 8.37
C GLU A 435 -38.80 -1.01 8.68
N ASN A 436 -39.43 -0.46 7.65
CA ASN A 436 -40.51 0.49 7.87
C ASN A 436 -41.74 -0.19 8.42
N LEU A 437 -41.59 -1.42 8.88
CA LEU A 437 -42.72 -2.13 9.44
C LEU A 437 -42.61 -2.22 10.96
N TYR A 438 -41.78 -1.35 11.53
CA TYR A 438 -41.58 -1.23 12.99
C TYR A 438 -40.46 -0.25 13.37
N SER B 1 33.99 63.90 -18.67
CA SER B 1 33.49 63.64 -17.28
C SER B 1 34.03 62.32 -16.72
N LEU B 2 33.95 61.26 -17.52
CA LEU B 2 34.44 59.95 -17.06
C LEU B 2 35.93 60.03 -16.82
N SER B 3 36.68 60.22 -17.90
CA SER B 3 38.13 60.32 -17.78
C SER B 3 38.57 61.19 -16.59
N PRO B 4 37.84 62.30 -16.30
CA PRO B 4 38.28 63.10 -15.15
C PRO B 4 37.81 62.48 -13.82
N ALA B 5 36.61 61.92 -13.81
CA ALA B 5 36.09 61.27 -12.61
C ALA B 5 36.99 60.09 -12.27
N VAL B 6 37.34 59.31 -13.29
CA VAL B 6 38.20 58.16 -13.12
C VAL B 6 39.60 58.65 -12.75
N GLN B 7 40.12 59.60 -13.53
CA GLN B 7 41.46 60.13 -13.28
C GLN B 7 41.57 60.59 -11.84
N THR B 8 40.51 61.23 -11.35
CA THR B 8 40.46 61.72 -9.99
C THR B 8 40.58 60.53 -9.05
N PHE B 9 39.74 59.53 -9.28
CA PHE B 9 39.75 58.32 -8.47
C PHE B 9 41.19 57.77 -8.46
N TRP B 10 41.75 57.63 -9.66
CA TRP B 10 43.10 57.11 -9.82
C TRP B 10 44.16 57.96 -9.12
N LYS B 11 44.05 59.27 -9.25
CA LYS B 11 45.01 60.15 -8.61
C LYS B 11 44.88 59.95 -7.11
N TRP B 12 43.65 59.80 -6.65
CA TRP B 12 43.42 59.60 -5.23
C TRP B 12 44.16 58.35 -4.73
N LEU B 13 44.02 57.25 -5.47
CA LEU B 13 44.67 56.01 -5.08
C LEU B 13 46.18 56.15 -5.09
N GLN B 14 46.69 57.05 -5.94
CA GLN B 14 48.12 57.28 -5.98
C GLN B 14 48.49 58.00 -4.68
N GLU B 15 47.75 59.05 -4.36
CA GLU B 15 48.00 59.82 -3.14
C GLU B 15 47.97 58.90 -1.94
N GLU B 16 46.95 58.05 -1.88
CA GLU B 16 46.82 57.11 -0.78
C GLU B 16 47.95 56.08 -0.77
N GLY B 17 48.70 56.04 -1.85
CA GLY B 17 49.80 55.10 -1.90
C GLY B 17 49.41 53.71 -2.31
N VAL B 18 48.19 53.58 -2.82
CA VAL B 18 47.70 52.28 -3.28
C VAL B 18 48.28 51.98 -4.66
N ILE B 19 48.40 53.04 -5.47
CA ILE B 19 48.90 52.96 -6.84
C ILE B 19 50.36 53.44 -6.90
N THR B 20 51.21 52.71 -7.61
CA THR B 20 52.61 53.06 -7.75
C THR B 20 53.05 52.76 -9.17
N ALA B 21 54.32 53.02 -9.47
CA ALA B 21 54.86 52.75 -10.79
C ALA B 21 54.86 51.24 -10.96
N LYS B 22 54.82 50.52 -9.85
CA LYS B 22 54.80 49.06 -9.86
C LYS B 22 53.44 48.52 -10.35
N THR B 23 52.38 49.29 -10.14
CA THR B 23 51.03 48.88 -10.52
C THR B 23 50.95 48.62 -12.03
N PRO B 24 50.73 47.35 -12.41
CA PRO B 24 50.65 46.82 -13.77
C PRO B 24 49.30 46.95 -14.48
N VAL B 25 48.38 47.64 -13.84
CA VAL B 25 47.04 47.73 -14.40
C VAL B 25 46.45 49.16 -14.33
N LYS B 26 45.59 49.50 -15.29
CA LYS B 26 44.94 50.81 -15.29
C LYS B 26 43.43 50.65 -15.44
N ALA B 27 42.71 51.77 -15.29
CA ALA B 27 41.26 51.76 -15.45
C ALA B 27 41.03 51.95 -16.94
N SER B 28 39.95 51.37 -17.46
CA SER B 28 39.66 51.50 -18.88
C SER B 28 38.18 51.24 -19.15
N VAL B 29 37.62 51.97 -20.12
CA VAL B 29 36.22 51.78 -20.48
C VAL B 29 36.12 50.51 -21.30
N VAL B 30 35.33 49.57 -20.79
CA VAL B 30 35.19 48.27 -21.40
C VAL B 30 33.74 47.90 -21.69
N THR B 31 33.56 46.85 -22.47
CA THR B 31 32.23 46.38 -22.80
C THR B 31 31.44 46.16 -21.52
N GLU B 32 32.09 45.66 -20.48
CA GLU B 32 31.39 45.43 -19.22
C GLU B 32 31.33 46.65 -18.28
N GLY B 33 31.66 47.83 -18.80
CA GLY B 33 31.63 49.05 -18.01
C GLY B 33 33.04 49.58 -17.81
N LEU B 34 33.47 49.67 -16.55
CA LEU B 34 34.82 50.07 -16.25
C LEU B 34 35.52 48.74 -15.95
N GLY B 35 36.83 48.71 -16.16
CA GLY B 35 37.59 47.51 -15.89
C GLY B 35 39.07 47.82 -15.76
N LEU B 36 39.82 46.79 -15.43
CA LEU B 36 41.26 46.94 -15.30
C LEU B 36 41.90 46.36 -16.53
N VAL B 37 42.82 47.13 -17.10
CA VAL B 37 43.53 46.69 -18.29
C VAL B 37 45.02 46.64 -17.97
N ALA B 38 45.68 45.58 -18.46
CA ALA B 38 47.10 45.35 -18.22
C ALA B 38 47.96 46.37 -18.92
N LEU B 39 48.88 46.97 -18.17
CA LEU B 39 49.79 47.98 -18.71
C LEU B 39 51.04 47.30 -19.23
N LYS B 40 51.22 46.05 -18.84
CA LYS B 40 52.36 45.24 -19.25
C LYS B 40 51.92 43.79 -19.19
N ASP B 41 52.64 42.89 -19.86
CA ASP B 41 52.25 41.49 -19.80
C ASP B 41 52.20 41.05 -18.34
N ILE B 42 51.11 40.40 -17.96
CA ILE B 42 50.92 39.91 -16.60
C ILE B 42 50.89 38.40 -16.62
N SER B 43 51.57 37.79 -15.65
CA SER B 43 51.63 36.34 -15.58
C SER B 43 50.56 35.83 -14.67
N ARG B 44 50.24 34.54 -14.79
CA ARG B 44 49.25 33.92 -13.94
C ARG B 44 49.77 34.06 -12.51
N ASN B 45 48.89 34.45 -11.58
CA ASN B 45 49.21 34.64 -10.17
C ASN B 45 49.92 35.94 -9.82
N ASP B 46 50.13 36.80 -10.80
CA ASP B 46 50.77 38.08 -10.59
C ASP B 46 49.87 38.96 -9.71
N VAL B 47 50.42 39.62 -8.69
CA VAL B 47 49.58 40.47 -7.86
C VAL B 47 49.31 41.72 -8.67
N ILE B 48 48.04 42.01 -8.89
CA ILE B 48 47.59 43.15 -9.69
C ILE B 48 47.51 44.43 -8.87
N LEU B 49 47.06 44.31 -7.63
CA LEU B 49 46.90 45.48 -6.77
C LEU B 49 46.68 45.07 -5.32
N GLN B 50 46.96 45.98 -4.40
CA GLN B 50 46.76 45.67 -2.99
C GLN B 50 46.15 46.87 -2.31
N VAL B 51 44.97 46.69 -1.72
CA VAL B 51 44.29 47.81 -1.06
C VAL B 51 44.32 47.63 0.46
N PRO B 52 44.71 48.68 1.21
CA PRO B 52 44.81 48.68 2.67
C PRO B 52 43.45 48.72 3.38
N LYS B 53 43.31 47.91 4.44
CA LYS B 53 42.07 47.80 5.21
C LYS B 53 41.47 49.15 5.58
N ARG B 54 42.34 50.14 5.66
CA ARG B 54 41.94 51.50 5.97
C ARG B 54 40.86 51.93 4.97
N LEU B 55 40.87 51.32 3.79
CA LEU B 55 39.93 51.64 2.73
C LEU B 55 38.78 50.66 2.49
N TRP B 56 38.60 49.66 3.35
CA TRP B 56 37.48 48.74 3.16
C TRP B 56 36.24 49.49 3.55
N ILE B 57 35.12 48.81 3.37
CA ILE B 57 33.83 49.30 3.79
C ILE B 57 33.15 47.98 4.07
N ASN B 58 33.23 47.56 5.34
CA ASN B 58 32.62 46.31 5.78
C ASN B 58 32.00 46.57 7.15
N PRO B 59 31.33 45.57 7.75
CA PRO B 59 30.72 45.79 9.06
C PRO B 59 31.66 46.39 10.11
N ASP B 60 32.94 46.06 10.04
CA ASP B 60 33.94 46.60 10.97
C ASP B 60 34.10 48.11 10.83
N ALA B 61 34.05 48.59 9.60
CA ALA B 61 34.22 50.01 9.37
C ALA B 61 33.01 50.79 9.88
N VAL B 62 31.81 50.27 9.64
CA VAL B 62 30.62 50.98 10.10
C VAL B 62 30.62 51.08 11.61
N ALA B 63 30.92 49.97 12.29
CA ALA B 63 30.93 49.94 13.74
C ALA B 63 31.91 50.94 14.34
N ALA B 64 32.86 51.43 13.54
CA ALA B 64 33.84 52.37 14.06
C ALA B 64 33.48 53.80 13.65
N SER B 65 32.36 53.95 12.97
CA SER B 65 31.92 55.27 12.54
C SER B 65 30.86 55.80 13.48
N GLU B 66 30.52 57.07 13.30
CA GLU B 66 29.52 57.69 14.14
C GLU B 66 28.25 56.88 14.27
N ILE B 67 27.79 56.27 13.18
CA ILE B 67 26.56 55.49 13.24
C ILE B 67 26.76 54.10 13.80
N GLY B 68 27.97 53.83 14.28
CA GLY B 68 28.26 52.54 14.85
C GLY B 68 27.28 52.12 15.93
N ARG B 69 27.05 53.02 16.89
CA ARG B 69 26.15 52.74 18.01
C ARG B 69 24.77 52.29 17.55
N VAL B 70 24.08 53.15 16.83
CA VAL B 70 22.73 52.88 16.35
C VAL B 70 22.60 51.61 15.49
N CYS B 71 23.67 51.21 14.82
CA CYS B 71 23.63 50.03 13.97
C CYS B 71 24.08 48.76 14.67
N SER B 72 24.52 48.89 15.91
CA SER B 72 25.01 47.77 16.70
C SER B 72 24.14 46.52 16.69
N GLU B 73 22.82 46.68 16.57
CA GLU B 73 21.94 45.52 16.57
C GLU B 73 21.39 45.18 15.20
N LEU B 74 21.82 45.93 14.18
CA LEU B 74 21.37 45.70 12.82
C LEU B 74 22.21 44.63 12.14
N LYS B 75 21.57 43.82 11.32
CA LYS B 75 22.28 42.78 10.58
C LYS B 75 23.42 43.43 9.80
N PRO B 76 24.54 42.73 9.65
CA PRO B 76 25.70 43.25 8.93
C PRO B 76 25.42 43.99 7.61
N TRP B 77 24.73 43.36 6.67
CA TRP B 77 24.47 44.04 5.40
C TRP B 77 23.62 45.30 5.54
N LEU B 78 22.71 45.32 6.51
CA LEU B 78 21.87 46.50 6.74
C LEU B 78 22.73 47.68 7.20
N SER B 79 23.72 47.39 8.05
CA SER B 79 24.63 48.43 8.54
C SER B 79 25.33 49.08 7.36
N VAL B 80 26.03 48.24 6.61
CA VAL B 80 26.77 48.68 5.45
C VAL B 80 25.91 49.52 4.51
N ILE B 81 24.66 49.11 4.29
CA ILE B 81 23.79 49.87 3.41
C ILE B 81 23.61 51.31 3.91
N LEU B 82 23.45 51.48 5.22
CA LEU B 82 23.29 52.82 5.76
C LEU B 82 24.62 53.56 5.61
N PHE B 83 25.71 52.90 5.99
CA PHE B 83 27.04 53.47 5.88
C PHE B 83 27.32 53.94 4.46
N LEU B 84 26.97 53.12 3.48
CA LEU B 84 27.18 53.47 2.09
C LEU B 84 26.39 54.71 1.70
N ILE B 85 25.11 54.74 2.08
CA ILE B 85 24.24 55.88 1.77
C ILE B 85 24.70 57.13 2.53
N ARG B 86 25.12 56.96 3.77
CA ARG B 86 25.57 58.08 4.58
C ARG B 86 26.88 58.69 4.06
N GLU B 87 27.82 57.83 3.70
CA GLU B 87 29.10 58.32 3.19
C GLU B 87 28.97 58.93 1.79
N ARG B 88 27.97 58.48 1.04
CA ARG B 88 27.78 59.00 -0.31
C ARG B 88 27.38 60.48 -0.25
N SER B 89 26.60 60.82 0.77
CA SER B 89 26.11 62.19 0.99
C SER B 89 27.16 63.17 1.48
N ARG B 90 28.01 62.73 2.41
CA ARG B 90 29.08 63.55 2.97
C ARG B 90 30.09 63.96 1.89
N GLU B 91 30.18 65.26 1.61
CA GLU B 91 31.11 65.75 0.59
C GLU B 91 32.55 65.85 1.08
N ASP B 92 32.90 64.99 2.02
CA ASP B 92 34.23 64.98 2.60
C ASP B 92 34.56 63.54 3.00
N SER B 93 33.67 62.62 2.64
CA SER B 93 33.87 61.22 2.95
C SER B 93 35.17 60.71 2.35
N VAL B 94 35.72 59.67 2.95
CA VAL B 94 36.97 59.09 2.48
C VAL B 94 36.81 58.47 1.11
N TRP B 95 35.59 58.01 0.82
CA TRP B 95 35.31 57.37 -0.45
C TRP B 95 34.65 58.32 -1.42
N LYS B 96 34.90 59.60 -1.23
CA LYS B 96 34.34 60.64 -2.08
C LYS B 96 34.55 60.30 -3.55
N HIS B 97 35.80 60.08 -3.93
CA HIS B 97 36.15 59.76 -5.30
C HIS B 97 35.76 58.36 -5.70
N TYR B 98 35.66 57.47 -4.71
CA TYR B 98 35.27 56.12 -4.98
C TYR B 98 33.81 56.18 -5.45
N PHE B 99 32.97 56.83 -4.66
CA PHE B 99 31.57 56.95 -5.01
C PHE B 99 31.36 57.59 -6.38
N GLY B 100 32.24 58.52 -6.74
CA GLY B 100 32.10 59.19 -8.02
C GLY B 100 32.27 58.30 -9.22
N ILE B 101 32.79 57.10 -8.99
CA ILE B 101 33.05 56.12 -10.03
C ILE B 101 32.05 54.97 -10.04
N LEU B 102 31.16 54.94 -9.06
CA LEU B 102 30.19 53.87 -9.00
C LEU B 102 29.05 54.12 -9.97
N PRO B 103 28.59 53.05 -10.63
CA PRO B 103 27.48 53.22 -11.58
C PRO B 103 26.25 53.64 -10.80
N GLN B 104 25.27 54.22 -11.47
CA GLN B 104 24.06 54.62 -10.77
C GLN B 104 23.24 53.36 -10.53
N GLU B 105 23.48 52.36 -11.37
CA GLU B 105 22.79 51.09 -11.25
C GLU B 105 23.45 50.03 -12.15
N THR B 106 22.89 48.84 -12.17
CA THR B 106 23.41 47.77 -13.00
C THR B 106 22.23 47.15 -13.72
N ASP B 107 22.46 46.09 -14.49
CA ASP B 107 21.36 45.45 -15.16
C ASP B 107 20.76 44.37 -14.28
N SER B 108 21.00 44.49 -12.97
CA SER B 108 20.44 43.56 -12.01
C SER B 108 18.93 43.74 -12.11
N THR B 109 18.19 42.64 -12.08
CA THR B 109 16.73 42.72 -12.19
C THR B 109 16.10 43.68 -11.20
N ILE B 110 16.71 43.84 -10.04
CA ILE B 110 16.17 44.74 -9.02
C ILE B 110 16.00 46.20 -9.51
N TYR B 111 16.55 46.51 -10.68
CA TYR B 111 16.45 47.85 -11.25
C TYR B 111 15.63 47.88 -12.52
N TRP B 112 15.19 46.71 -12.96
CA TRP B 112 14.40 46.63 -14.19
C TRP B 112 13.07 47.38 -14.07
N SER B 113 12.61 47.89 -15.21
CA SER B 113 11.33 48.60 -15.25
C SER B 113 10.25 47.53 -15.35
N GLU B 114 9.00 47.94 -15.15
CA GLU B 114 7.89 47.01 -15.22
C GLU B 114 7.77 46.34 -16.58
N GLU B 115 8.08 47.09 -17.64
CA GLU B 115 8.03 46.55 -19.01
C GLU B 115 9.12 45.51 -19.14
N GLU B 116 10.30 45.85 -18.63
CA GLU B 116 11.46 44.98 -18.67
C GLU B 116 11.21 43.68 -17.91
N LEU B 117 10.62 43.78 -16.73
CA LEU B 117 10.32 42.60 -15.93
C LEU B 117 9.37 41.64 -16.68
N GLN B 118 8.38 42.22 -17.36
CA GLN B 118 7.41 41.44 -18.13
C GLN B 118 8.08 40.42 -19.02
N GLU B 119 9.30 40.72 -19.46
CA GLU B 119 10.04 39.84 -20.33
C GLU B 119 10.42 38.53 -19.60
N LEU B 120 10.28 38.54 -18.28
CA LEU B 120 10.58 37.40 -17.43
C LEU B 120 9.30 36.83 -16.81
N GLN B 121 8.19 37.03 -17.52
CA GLN B 121 6.89 36.56 -17.09
C GLN B 121 6.86 35.04 -16.85
N GLY B 122 6.36 34.64 -15.68
CA GLY B 122 6.27 33.22 -15.37
C GLY B 122 7.57 32.51 -15.02
N SER B 123 8.65 33.27 -14.86
CA SER B 123 9.97 32.72 -14.55
C SER B 123 10.26 32.76 -13.06
N GLN B 124 11.13 31.87 -12.60
CA GLN B 124 11.47 31.85 -11.18
C GLN B 124 12.23 33.11 -10.82
N LEU B 125 13.14 33.53 -11.70
CA LEU B 125 13.93 34.73 -11.47
C LEU B 125 13.03 35.90 -11.11
N LEU B 126 11.93 36.04 -11.83
CA LEU B 126 10.98 37.14 -11.58
C LEU B 126 10.40 37.06 -10.18
N LYS B 127 9.93 35.87 -9.78
CA LYS B 127 9.38 35.69 -8.45
C LYS B 127 10.44 36.04 -7.42
N THR B 128 11.65 35.52 -7.63
CA THR B 128 12.75 35.78 -6.70
C THR B 128 13.06 37.28 -6.58
N THR B 129 13.24 37.97 -7.70
CA THR B 129 13.56 39.40 -7.62
C THR B 129 12.45 40.18 -6.90
N VAL B 130 11.19 39.85 -7.18
CA VAL B 130 10.06 40.51 -6.53
C VAL B 130 10.15 40.29 -5.01
N SER B 131 10.34 39.05 -4.59
CA SER B 131 10.46 38.73 -3.18
C SER B 131 11.64 39.51 -2.62
N VAL B 132 12.77 39.43 -3.30
CA VAL B 132 13.93 40.15 -2.82
C VAL B 132 13.67 41.65 -2.72
N LYS B 133 13.20 42.28 -3.79
CA LYS B 133 12.94 43.71 -3.76
C LYS B 133 12.01 44.10 -2.61
N GLU B 134 10.92 43.35 -2.48
CA GLU B 134 9.93 43.61 -1.44
C GLU B 134 10.54 43.50 -0.05
N TYR B 135 11.29 42.44 0.18
CA TYR B 135 11.93 42.21 1.47
C TYR B 135 12.95 43.30 1.81
N VAL B 136 13.73 43.72 0.82
CA VAL B 136 14.71 44.75 1.06
C VAL B 136 13.96 46.01 1.45
N LYS B 137 12.90 46.31 0.70
CA LYS B 137 12.07 47.49 0.97
C LYS B 137 11.57 47.52 2.41
N ASN B 138 10.90 46.46 2.83
CA ASN B 138 10.39 46.40 4.20
C ASN B 138 11.50 46.62 5.21
N GLU B 139 12.55 45.83 5.11
CA GLU B 139 13.70 45.94 6.00
C GLU B 139 14.23 47.37 6.04
N CYS B 140 14.36 47.97 4.87
CA CYS B 140 14.88 49.33 4.78
C CYS B 140 13.90 50.37 5.31
N LEU B 141 12.60 50.14 5.17
CA LEU B 141 11.64 51.11 5.69
C LEU B 141 11.73 51.11 7.21
N LYS B 142 12.06 49.95 7.78
CA LYS B 142 12.22 49.80 9.23
C LYS B 142 13.41 50.61 9.73
N LEU B 143 14.47 50.65 8.94
CA LEU B 143 15.65 51.38 9.32
C LEU B 143 15.36 52.87 9.29
N GLU B 144 14.42 53.26 8.45
CA GLU B 144 14.05 54.67 8.33
C GLU B 144 13.32 55.18 9.56
N GLN B 145 12.49 54.34 10.15
CA GLN B 145 11.73 54.75 11.33
C GLN B 145 12.38 54.36 12.66
N GLU B 146 13.45 53.57 12.61
CA GLU B 146 14.12 53.14 13.84
C GLU B 146 15.57 53.59 13.96
N ILE B 147 16.16 54.05 12.85
CA ILE B 147 17.55 54.49 12.90
C ILE B 147 17.73 55.84 12.20
N ILE B 148 17.22 55.96 10.98
CA ILE B 148 17.37 57.19 10.22
C ILE B 148 16.64 58.40 10.80
N LEU B 149 15.31 58.32 10.86
CA LEU B 149 14.53 59.43 11.38
C LEU B 149 14.87 59.70 12.85
N PRO B 150 14.75 58.67 13.70
CA PRO B 150 15.06 58.83 15.12
C PRO B 150 16.41 59.48 15.40
N ASN B 151 17.26 59.53 14.39
CA ASN B 151 18.60 60.13 14.52
C ASN B 151 18.91 61.11 13.40
N LYS B 152 17.99 62.05 13.16
CA LYS B 152 18.17 63.05 12.09
C LYS B 152 19.55 63.72 12.10
N ARG B 153 20.23 63.65 13.23
CA ARG B 153 21.56 64.23 13.36
C ARG B 153 22.57 63.45 12.52
N LEU B 154 22.53 62.13 12.65
CA LEU B 154 23.43 61.25 11.91
C LEU B 154 23.03 61.17 10.44
N PHE B 155 21.73 61.14 10.19
CA PHE B 155 21.23 61.07 8.81
C PHE B 155 20.46 62.34 8.46
N PRO B 156 21.18 63.42 8.09
CA PRO B 156 20.57 64.70 7.73
C PRO B 156 19.63 64.61 6.52
N ASP B 157 20.19 64.34 5.35
CA ASP B 157 19.42 64.25 4.12
C ASP B 157 18.47 63.05 4.14
N PRO B 158 17.31 63.19 3.47
CA PRO B 158 16.32 62.11 3.42
C PRO B 158 16.89 60.91 2.68
N VAL B 159 16.36 59.73 2.95
CA VAL B 159 16.83 58.51 2.31
C VAL B 159 15.72 57.90 1.46
N THR B 160 15.82 58.05 0.13
CA THR B 160 14.81 57.50 -0.76
C THR B 160 14.96 55.98 -0.91
N LEU B 161 13.96 55.34 -1.50
CA LEU B 161 14.03 53.90 -1.69
C LEU B 161 15.11 53.59 -2.70
N ASP B 162 15.31 54.51 -3.65
CA ASP B 162 16.32 54.34 -4.67
C ASP B 162 17.71 54.31 -4.03
N ASP B 163 17.87 55.00 -2.91
CA ASP B 163 19.14 55.03 -2.21
C ASP B 163 19.40 53.65 -1.63
N PHE B 164 18.35 53.03 -1.10
CA PHE B 164 18.44 51.71 -0.50
C PHE B 164 18.80 50.66 -1.54
N PHE B 165 18.03 50.59 -2.61
CA PHE B 165 18.30 49.63 -3.67
C PHE B 165 19.63 49.91 -4.34
N TRP B 166 20.11 51.14 -4.22
CA TRP B 166 21.39 51.48 -4.80
C TRP B 166 22.45 50.78 -3.97
N ALA B 167 22.46 51.06 -2.66
CA ALA B 167 23.43 50.44 -1.76
C ALA B 167 23.33 48.91 -1.80
N PHE B 168 22.09 48.41 -1.79
CA PHE B 168 21.89 46.98 -1.85
C PHE B 168 22.53 46.46 -3.14
N GLY B 169 22.35 47.20 -4.22
CA GLY B 169 22.91 46.78 -5.49
C GLY B 169 24.43 46.73 -5.49
N ILE B 170 25.03 47.71 -4.82
CA ILE B 170 26.48 47.80 -4.70
C ILE B 170 27.00 46.59 -3.93
N LEU B 171 26.42 46.35 -2.77
CA LEU B 171 26.81 45.22 -1.96
C LEU B 171 26.75 43.93 -2.75
N ARG B 172 25.66 43.73 -3.47
CA ARG B 172 25.47 42.51 -4.25
C ARG B 172 26.35 42.34 -5.49
N SER B 173 26.57 43.42 -6.25
CA SER B 173 27.38 43.29 -7.46
C SER B 173 28.89 43.48 -7.26
N ARG B 174 29.29 44.02 -6.12
CA ARG B 174 30.72 44.22 -5.95
C ARG B 174 31.42 43.92 -4.63
N ALA B 175 30.69 43.68 -3.55
CA ALA B 175 31.37 43.37 -2.29
C ALA B 175 32.03 42.00 -2.37
N PHE B 176 33.26 41.89 -1.87
CA PHE B 176 33.98 40.62 -1.88
C PHE B 176 33.63 39.82 -0.63
N SER B 177 33.58 38.50 -0.77
CA SER B 177 33.25 37.61 0.35
C SER B 177 34.29 36.49 0.48
N ARG B 178 35.30 36.59 -0.37
CA ARG B 178 36.40 35.64 -0.43
C ARG B 178 37.19 35.60 0.87
N LEU B 179 37.57 36.78 1.33
CA LEU B 179 38.35 36.94 2.55
C LEU B 179 37.94 36.01 3.67
N ARG B 180 38.92 35.65 4.51
CA ARG B 180 38.69 34.79 5.66
C ARG B 180 38.35 35.73 6.81
N ASN B 181 37.51 35.28 7.74
CA ASN B 181 37.09 36.09 8.88
C ASN B 181 36.17 37.23 8.44
N GLU B 182 35.95 37.31 7.14
CA GLU B 182 35.11 38.35 6.55
C GLU B 182 34.27 37.73 5.43
N ASN B 183 33.08 38.26 5.22
CA ASN B 183 32.20 37.73 4.19
C ASN B 183 31.55 38.83 3.39
N LEU B 184 31.71 40.06 3.85
CA LEU B 184 31.14 41.20 3.16
C LEU B 184 32.11 42.36 3.21
N VAL B 185 32.81 42.61 2.11
CA VAL B 185 33.77 43.71 2.09
C VAL B 185 33.83 44.42 0.74
N VAL B 186 33.53 45.71 0.76
CA VAL B 186 33.62 46.50 -0.46
C VAL B 186 35.06 47.01 -0.48
N VAL B 187 35.79 46.77 -1.57
CA VAL B 187 37.18 47.21 -1.68
C VAL B 187 37.38 48.05 -2.93
N PRO B 188 37.61 49.36 -2.77
CA PRO B 188 37.82 50.26 -3.90
C PRO B 188 38.51 49.76 -5.18
N MET B 189 39.73 50.15 -5.48
CA MET B 189 40.28 49.69 -6.77
C MET B 189 39.92 48.24 -7.16
N ALA B 190 39.98 47.33 -6.20
CA ALA B 190 39.68 45.94 -6.50
C ALA B 190 38.33 45.71 -7.20
N ASP B 191 37.26 46.33 -6.73
CA ASP B 191 35.97 46.06 -7.36
C ASP B 191 35.77 46.49 -8.80
N LEU B 192 36.82 47.01 -9.44
CA LEU B 192 36.69 47.38 -10.85
C LEU B 192 36.91 46.12 -11.69
N ILE B 193 37.49 45.09 -11.09
CA ILE B 193 37.77 43.83 -11.80
C ILE B 193 36.49 43.21 -12.36
N ASN B 194 36.54 42.71 -13.60
CA ASN B 194 35.35 42.08 -14.18
C ASN B 194 35.40 40.55 -14.26
N HIS B 195 34.27 39.96 -14.67
CA HIS B 195 34.14 38.51 -14.76
C HIS B 195 34.30 37.95 -16.17
N SER B 196 34.86 36.75 -16.25
CA SER B 196 35.06 36.06 -17.50
C SER B 196 34.89 34.56 -17.28
N ALA B 197 34.15 33.90 -18.15
CA ALA B 197 33.94 32.47 -18.00
C ALA B 197 35.25 31.81 -18.35
N GLY B 198 36.20 32.64 -18.78
CA GLY B 198 37.51 32.15 -19.14
C GLY B 198 38.24 31.77 -17.87
N VAL B 199 37.92 32.42 -16.75
CA VAL B 199 38.59 32.09 -15.50
C VAL B 199 37.86 30.96 -14.78
N THR B 200 38.60 29.87 -14.56
CA THR B 200 38.05 28.68 -13.93
C THR B 200 38.46 28.41 -12.49
N THR B 201 39.26 29.29 -11.91
CA THR B 201 39.64 29.10 -10.52
C THR B 201 39.16 30.33 -9.78
N GLU B 202 39.06 30.25 -8.47
CA GLU B 202 38.61 31.40 -7.70
C GLU B 202 39.71 31.89 -6.77
N ASP B 203 40.95 31.55 -7.12
CA ASP B 203 42.10 31.96 -6.33
C ASP B 203 42.70 33.23 -6.93
N HIS B 204 42.19 34.38 -6.49
CA HIS B 204 42.66 35.65 -7.02
C HIS B 204 42.85 36.68 -5.92
N ALA B 205 42.42 36.33 -4.71
CA ALA B 205 42.56 37.24 -3.61
C ALA B 205 43.26 36.55 -2.46
N TYR B 206 43.64 37.35 -1.47
CA TYR B 206 44.30 36.89 -0.26
C TYR B 206 44.69 38.16 0.48
N GLU B 207 44.94 38.05 1.76
CA GLU B 207 45.31 39.22 2.51
C GLU B 207 46.64 39.10 3.21
N VAL B 208 47.22 40.25 3.52
CA VAL B 208 48.48 40.32 4.21
C VAL B 208 48.14 41.03 5.52
N LYS B 209 48.03 40.26 6.59
CA LYS B 209 47.67 40.80 7.90
C LYS B 209 48.84 40.85 8.88
N GLY B 210 48.52 40.76 10.17
CA GLY B 210 49.52 40.83 11.23
C GLY B 210 50.70 39.89 11.17
N ALA B 211 50.49 38.68 10.65
CA ALA B 211 51.56 37.69 10.54
C ALA B 211 52.80 38.33 9.95
N ALA B 212 52.57 39.32 9.08
CA ALA B 212 53.66 40.04 8.41
C ALA B 212 54.11 41.29 9.16
N GLY B 213 53.64 41.45 10.39
CA GLY B 213 54.03 42.61 11.19
C GLY B 213 53.47 43.95 10.77
N LEU B 214 52.30 43.95 10.14
CA LEU B 214 51.66 45.18 9.70
C LEU B 214 50.65 45.63 10.73
N PHE B 215 50.19 46.87 10.62
CA PHE B 215 49.16 47.36 11.51
C PHE B 215 47.85 47.01 10.83
N SER B 216 46.81 46.81 11.63
CA SER B 216 45.51 46.44 11.09
C SER B 216 45.05 47.38 9.98
N TRP B 217 45.19 48.69 10.18
CA TRP B 217 44.77 49.63 9.14
C TRP B 217 45.63 49.57 7.87
N ASP B 218 46.66 48.74 7.86
CA ASP B 218 47.47 48.63 6.66
C ASP B 218 47.40 47.21 6.10
N TYR B 219 46.55 46.37 6.69
CA TYR B 219 46.43 45.01 6.17
C TYR B 219 46.04 45.12 4.71
N LEU B 220 46.55 44.22 3.87
CA LEU B 220 46.26 44.31 2.44
C LEU B 220 45.31 43.30 1.81
N PHE B 221 44.38 43.81 1.01
CA PHE B 221 43.49 42.95 0.22
C PHE B 221 44.26 42.92 -1.10
N SER B 222 44.82 41.77 -1.42
CA SER B 222 45.62 41.64 -2.63
C SER B 222 44.92 40.78 -3.64
N LEU B 223 44.90 41.29 -4.87
CA LEU B 223 44.25 40.64 -5.98
C LEU B 223 45.26 40.11 -6.99
N LYS B 224 45.17 38.83 -7.32
CA LYS B 224 46.07 38.22 -8.30
C LYS B 224 45.31 38.00 -9.60
N SER B 225 46.03 37.82 -10.68
CA SER B 225 45.41 37.58 -11.97
C SER B 225 45.50 36.08 -12.22
N PRO B 226 44.38 35.38 -12.12
CA PRO B 226 44.39 33.93 -12.36
C PRO B 226 44.93 33.52 -13.73
N LEU B 227 44.75 34.35 -14.74
CA LEU B 227 45.26 34.01 -16.05
C LEU B 227 46.37 34.97 -16.47
N SER B 228 47.04 34.62 -17.56
CA SER B 228 48.11 35.45 -18.10
C SER B 228 47.45 36.44 -19.04
N VAL B 229 47.81 37.71 -18.94
CA VAL B 229 47.21 38.76 -19.75
C VAL B 229 48.25 39.60 -20.47
N LYS B 230 48.14 39.71 -21.79
CA LYS B 230 49.09 40.52 -22.54
C LYS B 230 48.77 41.99 -22.28
N ALA B 231 49.77 42.85 -22.45
CA ALA B 231 49.55 44.28 -22.23
C ALA B 231 48.41 44.72 -23.14
N GLY B 232 47.52 45.55 -22.60
CA GLY B 232 46.40 46.04 -23.39
C GLY B 232 45.16 45.20 -23.21
N GLU B 233 45.31 43.96 -22.73
CA GLU B 233 44.12 43.14 -22.52
C GLU B 233 43.55 43.39 -21.14
N GLN B 234 42.30 42.98 -20.96
CA GLN B 234 41.63 43.15 -19.67
C GLN B 234 41.99 41.99 -18.76
N VAL B 235 42.10 42.26 -17.46
CA VAL B 235 42.37 41.16 -16.53
C VAL B 235 41.02 40.82 -15.90
N TYR B 236 40.69 39.53 -15.84
CA TYR B 236 39.43 39.13 -15.24
C TYR B 236 39.65 38.15 -14.12
N ILE B 237 38.59 37.94 -13.34
CA ILE B 237 38.62 36.94 -12.29
C ILE B 237 37.31 36.18 -12.52
N GLN B 238 37.08 35.17 -11.70
CA GLN B 238 35.87 34.36 -11.77
C GLN B 238 35.07 34.77 -10.55
N TYR B 239 33.93 35.39 -10.79
CA TYR B 239 33.07 35.85 -9.71
C TYR B 239 32.52 34.78 -8.82
N ASP B 240 32.23 33.60 -9.37
CA ASP B 240 31.65 32.53 -8.57
C ASP B 240 31.27 31.32 -9.42
N LEU B 241 32.09 30.28 -9.33
CA LEU B 241 31.85 29.07 -10.11
C LEU B 241 30.51 28.43 -9.86
N ASN B 242 29.97 28.60 -8.65
CA ASN B 242 28.71 27.97 -8.28
C ASN B 242 27.38 28.67 -8.58
N LYS B 243 27.41 29.99 -8.76
CA LYS B 243 26.20 30.76 -9.03
C LYS B 243 25.48 30.29 -10.29
N SER B 244 24.15 30.37 -10.28
CA SER B 244 23.33 30.00 -11.44
C SER B 244 23.14 31.26 -12.27
N ASN B 245 22.69 31.13 -13.52
CA ASN B 245 22.49 32.34 -14.31
C ASN B 245 21.48 33.23 -13.59
N ALA B 246 20.48 32.61 -12.98
CA ALA B 246 19.49 33.34 -12.24
C ALA B 246 20.20 34.22 -11.22
N GLU B 247 21.22 33.65 -10.57
CA GLU B 247 21.98 34.39 -9.57
C GLU B 247 22.91 35.42 -10.16
N LEU B 248 23.57 35.06 -11.25
CA LEU B 248 24.46 36.00 -11.88
C LEU B 248 23.65 37.22 -12.29
N ALA B 249 22.39 36.99 -12.63
CA ALA B 249 21.48 38.06 -13.06
C ALA B 249 21.05 38.98 -11.94
N LEU B 250 20.69 38.44 -10.79
CA LEU B 250 20.26 39.30 -9.69
C LEU B 250 21.41 40.02 -9.00
N ASP B 251 22.56 39.37 -8.85
CA ASP B 251 23.70 39.97 -8.17
C ASP B 251 24.45 40.99 -9.01
N TYR B 252 24.77 40.59 -10.24
CA TYR B 252 25.48 41.42 -11.22
C TYR B 252 24.49 41.54 -12.38
N GLY B 253 24.69 42.48 -13.28
CA GLY B 253 23.71 42.59 -14.34
C GLY B 253 24.00 41.78 -15.59
N PHE B 254 24.18 40.47 -15.47
CA PHE B 254 24.49 39.69 -16.65
C PHE B 254 24.32 38.19 -16.45
N ILE B 255 24.50 37.43 -17.53
CA ILE B 255 24.40 35.99 -17.48
C ILE B 255 25.35 35.39 -18.50
N GLU B 256 25.54 34.09 -18.46
CA GLU B 256 26.44 33.43 -19.41
C GLU B 256 25.71 32.52 -20.38
N PRO B 257 26.36 32.18 -21.50
CA PRO B 257 25.75 31.31 -22.49
C PRO B 257 25.89 29.88 -21.99
N ASN B 258 26.73 29.67 -20.99
CA ASN B 258 26.96 28.35 -20.46
C ASN B 258 25.67 27.72 -19.92
N GLU B 259 25.14 26.77 -20.67
CA GLU B 259 23.91 26.08 -20.29
C GLU B 259 24.04 25.41 -18.93
N ASN B 260 25.27 25.14 -18.50
CA ASN B 260 25.50 24.51 -17.20
C ASN B 260 25.22 25.48 -16.04
N ARG B 261 24.94 26.73 -16.34
CA ARG B 261 24.65 27.75 -15.32
C ARG B 261 23.14 27.82 -15.10
N HIS B 262 22.40 27.26 -16.04
CA HIS B 262 20.95 27.26 -15.96
C HIS B 262 20.47 26.38 -14.83
N ALA B 263 19.73 26.98 -13.91
CA ALA B 263 19.20 26.24 -12.77
C ALA B 263 17.80 26.71 -12.42
N TYR B 264 17.08 25.85 -11.72
CA TYR B 264 15.73 26.15 -11.28
C TYR B 264 15.64 25.54 -9.89
N THR B 265 15.23 26.32 -8.91
CA THR B 265 15.16 25.79 -7.56
C THR B 265 13.75 25.38 -7.16
N LEU B 266 13.64 24.17 -6.61
CA LEU B 266 12.37 23.64 -6.16
C LEU B 266 12.24 23.92 -4.69
N THR B 267 11.05 24.32 -4.25
CA THR B 267 10.85 24.56 -2.85
C THR B 267 9.94 23.50 -2.24
N LEU B 268 10.48 22.79 -1.26
CA LEU B 268 9.78 21.71 -0.58
C LEU B 268 9.52 22.06 0.88
N GLU B 269 8.30 21.80 1.35
CA GLU B 269 7.99 22.08 2.73
C GLU B 269 7.02 21.09 3.32
N ILE B 270 7.17 20.85 4.61
CA ILE B 270 6.28 19.95 5.31
C ILE B 270 5.14 20.83 5.79
N SER B 271 4.01 20.75 5.08
CA SER B 271 2.83 21.54 5.42
C SER B 271 2.32 21.25 6.82
N GLU B 272 1.96 22.30 7.56
CA GLU B 272 1.45 22.13 8.91
C GLU B 272 0.11 21.43 8.92
N SER B 273 -0.57 21.45 7.77
CA SER B 273 -1.86 20.78 7.66
C SER B 273 -1.68 19.29 7.41
N ASP B 274 -0.44 18.82 7.41
CA ASP B 274 -0.16 17.40 7.19
C ASP B 274 -0.45 16.66 8.50
N PRO B 275 -1.26 15.59 8.43
CA PRO B 275 -1.59 14.83 9.64
C PRO B 275 -0.38 14.39 10.46
N PHE B 276 0.76 14.15 9.81
CA PHE B 276 1.96 13.73 10.53
C PHE B 276 3.02 14.82 10.60
N PHE B 277 2.58 16.07 10.47
CA PHE B 277 3.48 17.23 10.50
C PHE B 277 4.58 17.12 11.54
N ASP B 278 4.18 17.05 12.80
CA ASP B 278 5.14 16.97 13.90
C ASP B 278 6.23 15.91 13.75
N ASP B 279 5.85 14.71 13.33
CA ASP B 279 6.85 13.67 13.17
C ASP B 279 7.73 13.99 11.96
N LYS B 280 7.11 14.31 10.84
CA LYS B 280 7.86 14.63 9.62
C LYS B 280 8.88 15.74 9.87
N LEU B 281 8.45 16.80 10.55
CA LEU B 281 9.34 17.92 10.83
C LEU B 281 10.50 17.49 11.72
N ASP B 282 10.23 16.58 12.64
CA ASP B 282 11.28 16.10 13.53
C ASP B 282 12.32 15.38 12.69
N VAL B 283 11.87 14.56 11.74
CA VAL B 283 12.78 13.82 10.90
C VAL B 283 13.65 14.75 10.06
N ALA B 284 13.02 15.75 9.47
CA ALA B 284 13.74 16.69 8.62
C ALA B 284 14.87 17.40 9.37
N GLU B 285 14.53 17.97 10.53
CA GLU B 285 15.51 18.70 11.31
C GLU B 285 16.62 17.80 11.83
N SER B 286 16.26 16.61 12.30
CA SER B 286 17.22 15.66 12.81
C SER B 286 18.21 15.31 11.71
N ASN B 287 17.86 15.65 10.47
CA ASN B 287 18.73 15.34 9.35
C ASN B 287 19.20 16.54 8.54
N GLY B 288 19.31 17.67 9.23
CA GLY B 288 19.78 18.88 8.59
C GLY B 288 18.87 19.54 7.58
N PHE B 289 17.56 19.52 7.84
CA PHE B 289 16.64 20.18 6.94
C PHE B 289 15.57 20.90 7.71
N ALA B 290 15.09 21.99 7.13
CA ALA B 290 14.09 22.81 7.78
C ALA B 290 12.67 22.51 7.31
N GLN B 291 11.72 23.08 8.03
CA GLN B 291 10.30 22.94 7.74
C GLN B 291 10.11 23.31 6.27
N THR B 292 11.07 24.06 5.73
CA THR B 292 11.05 24.46 4.33
C THR B 292 12.47 24.38 3.78
N ALA B 293 12.65 23.53 2.79
CA ALA B 293 13.95 23.33 2.19
C ALA B 293 13.97 23.73 0.71
N TYR B 294 15.08 24.33 0.27
CA TYR B 294 15.21 24.73 -1.12
C TYR B 294 16.25 23.88 -1.81
N PHE B 295 15.89 23.30 -2.96
CA PHE B 295 16.81 22.47 -3.71
C PHE B 295 17.03 23.04 -5.11
N ASP B 296 18.28 23.44 -5.38
CA ASP B 296 18.63 23.99 -6.67
C ASP B 296 18.92 22.86 -7.65
N ILE B 297 18.34 22.94 -8.84
CA ILE B 297 18.56 21.93 -9.85
C ILE B 297 19.23 22.56 -11.06
N PHE B 298 20.49 22.21 -11.27
CA PHE B 298 21.22 22.76 -12.39
C PHE B 298 21.11 21.88 -13.62
N TYR B 299 21.03 22.54 -14.77
CA TYR B 299 20.91 21.84 -16.03
C TYR B 299 22.04 20.85 -16.19
N ASN B 300 21.70 19.66 -16.65
CA ASN B 300 22.67 18.61 -16.89
C ASN B 300 23.35 18.03 -15.65
N ARG B 301 23.08 18.58 -14.49
CA ARG B 301 23.71 18.07 -13.27
C ARG B 301 22.75 17.04 -12.66
N THR B 302 23.26 16.14 -11.81
CA THR B 302 22.38 15.13 -11.19
C THR B 302 21.63 15.80 -10.05
N LEU B 303 20.41 15.33 -9.77
CA LEU B 303 19.61 15.91 -8.71
C LEU B 303 20.36 16.10 -7.40
N PRO B 304 20.12 17.22 -6.69
CA PRO B 304 20.82 17.44 -5.43
C PRO B 304 20.48 16.41 -4.37
N PRO B 305 21.48 15.99 -3.58
CA PRO B 305 21.13 15.01 -2.56
C PRO B 305 20.13 15.63 -1.61
N GLY B 306 19.26 14.79 -1.05
CA GLY B 306 18.25 15.28 -0.14
C GLY B 306 16.92 15.58 -0.80
N LEU B 307 16.93 15.88 -2.10
CA LEU B 307 15.69 16.19 -2.81
C LEU B 307 14.72 15.03 -2.76
N LEU B 308 15.10 13.90 -3.36
CA LEU B 308 14.23 12.74 -3.37
C LEU B 308 13.78 12.33 -1.98
N PRO B 309 14.73 12.13 -1.04
CA PRO B 309 14.29 11.76 0.30
C PRO B 309 13.29 12.76 0.89
N TYR B 310 13.54 14.04 0.70
CA TYR B 310 12.63 15.05 1.23
C TYR B 310 11.30 14.93 0.54
N LEU B 311 11.33 14.76 -0.78
CA LEU B 311 10.09 14.62 -1.54
C LEU B 311 9.36 13.43 -0.93
N ARG B 312 10.07 12.32 -0.78
CA ARG B 312 9.47 11.11 -0.22
C ARG B 312 8.83 11.39 1.15
N LEU B 313 9.51 12.18 1.97
CA LEU B 313 9.00 12.52 3.30
C LEU B 313 7.71 13.33 3.16
N VAL B 314 7.71 14.23 2.19
CA VAL B 314 6.56 15.08 1.94
C VAL B 314 5.34 14.27 1.50
N ALA B 315 5.58 13.32 0.60
CA ALA B 315 4.51 12.50 0.10
C ALA B 315 4.24 11.30 0.98
N LEU B 316 4.98 11.14 2.07
CA LEU B 316 4.83 9.96 2.93
C LEU B 316 3.48 9.25 2.82
N GLY B 317 2.48 9.64 3.63
CA GLY B 317 1.18 8.98 3.50
C GLY B 317 0.80 7.95 4.56
N GLY B 318 -0.50 7.71 4.73
CA GLY B 318 -0.98 6.78 5.74
C GLY B 318 -0.27 5.45 5.93
N THR B 319 -0.39 4.58 4.92
CA THR B 319 0.23 3.26 4.91
C THR B 319 1.67 3.30 5.46
N ASP B 320 2.53 4.08 4.79
CA ASP B 320 3.94 4.20 5.16
C ASP B 320 4.30 5.07 6.36
N ALA B 321 3.31 5.64 7.02
CA ALA B 321 3.61 6.50 8.16
C ALA B 321 4.26 5.71 9.30
N PHE B 322 4.16 4.38 9.24
CA PHE B 322 4.77 3.58 10.30
C PHE B 322 6.24 3.95 10.40
N LEU B 323 6.82 4.35 9.27
CA LEU B 323 8.24 4.72 9.27
C LEU B 323 8.48 5.92 10.19
N LEU B 324 7.41 6.55 10.64
CA LEU B 324 7.52 7.71 11.53
C LEU B 324 7.54 7.34 13.00
N GLU B 325 7.47 6.05 13.30
CA GLU B 325 7.48 5.57 14.68
C GLU B 325 8.88 5.68 15.27
N SER B 326 8.95 5.88 16.58
CA SER B 326 10.22 5.99 17.30
C SER B 326 11.27 4.94 16.88
N LEU B 327 10.79 3.73 16.57
CA LEU B 327 11.65 2.63 16.17
C LEU B 327 12.58 2.95 14.99
N PHE B 328 12.08 3.71 14.01
CA PHE B 328 12.90 4.03 12.85
C PHE B 328 13.60 5.39 12.87
N ARG B 329 13.46 6.13 13.95
CA ARG B 329 14.11 7.44 14.02
C ARG B 329 15.62 7.40 13.92
N ASP B 330 16.17 6.34 13.36
CA ASP B 330 17.61 6.24 13.22
C ASP B 330 17.98 5.62 11.88
N THR B 331 16.96 5.23 11.12
CA THR B 331 17.16 4.61 9.83
C THR B 331 16.17 5.19 8.83
N ILE B 332 15.21 5.94 9.36
CA ILE B 332 14.16 6.55 8.56
C ILE B 332 14.73 7.31 7.38
N TRP B 333 15.72 8.14 7.64
CA TRP B 333 16.33 8.92 6.58
C TRP B 333 17.02 8.04 5.55
N GLY B 334 17.66 6.97 6.00
CA GLY B 334 18.32 6.06 5.06
C GLY B 334 17.25 5.45 4.19
N HIS B 335 16.12 5.11 4.79
CA HIS B 335 15.02 4.52 4.04
C HIS B 335 14.48 5.54 3.03
N LEU B 336 14.37 6.80 3.46
CA LEU B 336 13.91 7.85 2.56
C LEU B 336 14.88 7.97 1.38
N GLU B 337 16.16 7.69 1.60
CA GLU B 337 17.13 7.77 0.51
C GLU B 337 17.02 6.57 -0.43
N LEU B 338 16.74 5.41 0.14
CA LEU B 338 16.61 4.19 -0.63
C LEU B 338 15.23 3.99 -1.27
N SER B 339 14.26 4.79 -0.83
CA SER B 339 12.85 4.77 -1.31
C SER B 339 11.94 4.08 -0.30
N VAL B 340 10.70 4.56 -0.20
CA VAL B 340 9.72 4.02 0.73
C VAL B 340 8.82 2.96 0.11
N SER B 341 7.99 3.38 -0.84
CA SER B 341 7.07 2.46 -1.49
C SER B 341 6.70 2.95 -2.88
N ARG B 342 6.24 2.03 -3.71
CA ARG B 342 5.86 2.39 -5.07
C ARG B 342 4.79 3.47 -5.07
N ASP B 343 3.84 3.39 -4.14
CA ASP B 343 2.80 4.38 -4.12
C ASP B 343 3.39 5.74 -3.78
N ASN B 344 4.35 5.74 -2.88
CA ASN B 344 5.01 6.96 -2.45
C ASN B 344 5.79 7.61 -3.58
N GLU B 345 6.53 6.78 -4.32
CA GLU B 345 7.35 7.24 -5.42
C GLU B 345 6.45 7.79 -6.50
N GLU B 346 5.39 7.04 -6.81
CA GLU B 346 4.46 7.45 -7.85
C GLU B 346 3.87 8.80 -7.52
N LEU B 347 3.52 8.98 -6.26
CA LEU B 347 2.92 10.20 -5.78
C LEU B 347 3.81 11.42 -5.95
N LEU B 348 5.07 11.30 -5.55
CA LEU B 348 6.00 12.43 -5.68
C LEU B 348 6.33 12.68 -7.14
N CYS B 349 6.41 11.62 -7.92
CA CYS B 349 6.67 11.79 -9.35
C CYS B 349 5.52 12.60 -9.93
N LYS B 350 4.31 12.25 -9.50
CA LYS B 350 3.13 12.94 -9.99
C LYS B 350 3.21 14.42 -9.56
N ALA B 351 3.52 14.67 -8.31
CA ALA B 351 3.62 16.05 -7.81
C ALA B 351 4.60 16.90 -8.63
N VAL B 352 5.78 16.33 -8.87
CA VAL B 352 6.82 17.02 -9.61
C VAL B 352 6.46 17.27 -11.07
N ARG B 353 6.05 16.23 -11.79
CA ARG B 353 5.70 16.42 -13.20
C ARG B 353 4.60 17.43 -13.40
N GLU B 354 3.73 17.56 -12.41
CA GLU B 354 2.63 18.50 -12.49
C GLU B 354 3.13 19.91 -12.27
N ALA B 355 4.05 20.04 -11.31
CA ALA B 355 4.62 21.34 -11.00
C ALA B 355 5.32 21.86 -12.25
N CYS B 356 6.06 20.98 -12.91
CA CYS B 356 6.79 21.36 -14.11
C CYS B 356 5.86 21.87 -15.20
N LYS B 357 4.88 21.05 -15.57
CA LYS B 357 3.92 21.40 -16.61
C LYS B 357 3.25 22.74 -16.28
N SER B 358 2.72 22.82 -15.07
CA SER B 358 2.07 24.05 -14.63
C SER B 358 3.01 25.24 -14.86
N ALA B 359 4.21 25.16 -14.29
CA ALA B 359 5.21 26.22 -14.42
C ALA B 359 5.55 26.51 -15.88
N LEU B 360 5.85 25.47 -16.64
CA LEU B 360 6.21 25.66 -18.05
C LEU B 360 5.17 26.48 -18.79
N ALA B 361 3.92 26.29 -18.41
CA ALA B 361 2.79 26.97 -19.03
C ALA B 361 2.69 28.47 -18.74
N GLY B 362 3.46 28.96 -17.77
CA GLY B 362 3.41 30.38 -17.42
C GLY B 362 4.27 31.32 -18.25
N TYR B 363 5.12 30.77 -19.11
CA TYR B 363 6.00 31.58 -19.94
C TYR B 363 5.30 31.97 -21.23
N HIS B 364 5.48 33.21 -21.65
CA HIS B 364 4.84 33.72 -22.84
C HIS B 364 5.58 33.51 -24.14
N THR B 365 6.63 32.69 -24.13
CA THR B 365 7.37 32.41 -25.35
C THR B 365 7.87 30.96 -25.30
N THR B 366 8.14 30.41 -26.47
CA THR B 366 8.60 29.05 -26.52
C THR B 366 10.11 29.04 -26.67
N ILE B 367 10.72 27.95 -26.23
CA ILE B 367 12.16 27.84 -26.34
C ILE B 367 12.61 28.18 -27.75
N GLU B 368 11.83 27.80 -28.75
CA GLU B 368 12.19 28.09 -30.15
C GLU B 368 12.25 29.58 -30.39
N GLN B 369 11.27 30.31 -29.88
CA GLN B 369 11.23 31.75 -30.07
C GLN B 369 12.41 32.43 -29.37
N ASP B 370 12.75 31.92 -28.20
CA ASP B 370 13.84 32.46 -27.43
C ASP B 370 15.12 32.28 -28.24
N ARG B 371 15.38 31.04 -28.63
CA ARG B 371 16.57 30.72 -29.39
C ARG B 371 16.69 31.53 -30.68
N GLU B 372 15.56 31.93 -31.24
CA GLU B 372 15.57 32.70 -32.47
C GLU B 372 15.99 34.12 -32.11
N LEU B 373 15.39 34.65 -31.04
CA LEU B 373 15.72 35.98 -30.55
C LEU B 373 17.23 36.13 -30.33
N LYS B 374 17.82 35.17 -29.62
CA LYS B 374 19.24 35.18 -29.33
C LYS B 374 20.06 35.25 -30.60
N GLU B 375 19.51 34.73 -31.69
CA GLU B 375 20.24 34.73 -32.95
C GLU B 375 20.38 36.17 -33.46
N GLY B 376 19.69 37.09 -32.79
CA GLY B 376 19.77 38.49 -33.19
C GLY B 376 20.59 39.34 -32.23
N ASN B 377 20.40 40.65 -32.31
CA ASN B 377 21.13 41.59 -31.45
C ASN B 377 20.19 42.08 -30.36
N LEU B 378 20.21 41.39 -29.24
CA LEU B 378 19.34 41.74 -28.13
C LEU B 378 19.92 42.76 -27.17
N ASP B 379 19.03 43.59 -26.64
CA ASP B 379 19.36 44.61 -25.66
C ASP B 379 19.88 43.86 -24.42
N SER B 380 20.77 44.47 -23.65
CA SER B 380 21.32 43.80 -22.46
C SER B 380 20.27 43.19 -21.50
N ARG B 381 19.23 43.94 -21.16
CA ARG B 381 18.23 43.40 -20.26
C ARG B 381 17.34 42.39 -20.98
N LEU B 382 17.06 42.63 -22.25
CA LEU B 382 16.24 41.68 -22.99
C LEU B 382 17.02 40.38 -23.09
N ALA B 383 18.32 40.53 -23.36
CA ALA B 383 19.23 39.39 -23.50
C ALA B 383 19.25 38.53 -22.24
N ILE B 384 19.23 39.20 -21.08
CA ILE B 384 19.23 38.46 -19.82
C ILE B 384 17.91 37.71 -19.67
N ALA B 385 16.80 38.41 -19.96
CA ALA B 385 15.47 37.82 -19.85
C ALA B 385 15.34 36.61 -20.78
N VAL B 386 15.70 36.77 -22.05
CA VAL B 386 15.61 35.67 -23.01
C VAL B 386 16.43 34.48 -22.53
N GLY B 387 17.71 34.70 -22.26
CA GLY B 387 18.58 33.63 -21.81
C GLY B 387 18.11 32.92 -20.54
N ILE B 388 17.65 33.70 -19.56
CA ILE B 388 17.17 33.11 -18.32
C ILE B 388 15.98 32.21 -18.58
N ARG B 389 14.89 32.80 -19.08
CA ARG B 389 13.68 32.06 -19.36
C ARG B 389 13.94 30.87 -20.27
N GLU B 390 14.81 31.02 -21.26
CA GLU B 390 15.12 29.87 -22.11
C GLU B 390 15.72 28.80 -21.21
N GLY B 391 16.63 29.23 -20.35
CA GLY B 391 17.28 28.31 -19.46
C GLY B 391 16.35 27.63 -18.48
N GLU B 392 15.43 28.40 -17.90
CA GLU B 392 14.50 27.80 -16.94
C GLU B 392 13.65 26.74 -17.63
N LYS B 393 13.15 27.05 -18.82
CA LYS B 393 12.33 26.09 -19.53
C LYS B 393 13.10 24.78 -19.79
N MET B 394 14.40 24.88 -20.05
CA MET B 394 15.20 23.68 -20.29
C MET B 394 15.28 22.85 -19.02
N VAL B 395 15.52 23.50 -17.90
CA VAL B 395 15.64 22.79 -16.64
C VAL B 395 14.28 22.17 -16.29
N LEU B 396 13.23 22.98 -16.36
CA LEU B 396 11.89 22.51 -16.06
C LEU B 396 11.60 21.25 -16.88
N GLN B 397 11.90 21.30 -18.18
CA GLN B 397 11.67 20.14 -19.03
C GLN B 397 12.60 18.98 -18.68
N GLN B 398 13.80 19.29 -18.24
CA GLN B 398 14.76 18.25 -17.88
C GLN B 398 14.25 17.57 -16.61
N ILE B 399 13.74 18.35 -15.67
CA ILE B 399 13.22 17.77 -14.43
C ILE B 399 12.05 16.86 -14.77
N ASP B 400 11.12 17.39 -15.56
CA ASP B 400 9.95 16.63 -15.95
C ASP B 400 10.39 15.35 -16.66
N GLY B 401 11.45 15.46 -17.45
CA GLY B 401 11.94 14.29 -18.16
C GLY B 401 12.55 13.27 -17.23
N ILE B 402 13.26 13.75 -16.21
CA ILE B 402 13.90 12.85 -15.25
C ILE B 402 12.81 12.05 -14.56
N PHE B 403 11.80 12.76 -14.07
CA PHE B 403 10.70 12.11 -13.37
C PHE B 403 9.77 11.34 -14.28
N GLU B 404 9.86 11.57 -15.58
CA GLU B 404 9.03 10.82 -16.49
C GLU B 404 9.65 9.43 -16.56
N GLN B 405 10.98 9.39 -16.64
CA GLN B 405 11.71 8.14 -16.69
C GLN B 405 11.44 7.37 -15.40
N LYS B 406 11.48 8.07 -14.28
CA LYS B 406 11.25 7.44 -12.99
C LYS B 406 9.91 6.73 -12.96
N GLU B 407 8.88 7.37 -13.52
CA GLU B 407 7.56 6.77 -13.55
C GLU B 407 7.61 5.45 -14.32
N LEU B 408 8.37 5.45 -15.40
CA LEU B 408 8.51 4.25 -16.21
C LEU B 408 9.32 3.18 -15.48
N GLU B 409 10.29 3.61 -14.68
CA GLU B 409 11.13 2.66 -13.94
C GLU B 409 10.62 2.48 -12.51
N LEU B 410 9.36 2.85 -12.31
CA LEU B 410 8.74 2.79 -11.00
C LEU B 410 8.84 1.40 -10.33
N ASP B 411 8.87 0.34 -11.14
CA ASP B 411 8.94 -1.01 -10.58
C ASP B 411 10.37 -1.56 -10.46
N GLN B 412 11.34 -0.74 -10.86
CA GLN B 412 12.74 -1.17 -10.80
C GLN B 412 13.38 -0.90 -9.45
N LEU B 413 12.77 0.00 -8.69
CA LEU B 413 13.27 0.36 -7.37
C LEU B 413 13.02 -0.76 -6.37
N GLU B 414 13.86 -0.82 -5.34
CA GLU B 414 13.70 -1.81 -4.29
C GLU B 414 13.16 -1.04 -3.10
N TYR B 415 11.85 -1.10 -2.93
CA TYR B 415 11.23 -0.39 -1.84
C TYR B 415 11.48 -1.02 -0.48
N TYR B 416 11.10 -0.28 0.57
CA TYR B 416 11.28 -0.73 1.93
C TYR B 416 11.04 -2.20 2.20
N GLN B 417 9.89 -2.70 1.75
CA GLN B 417 9.54 -4.10 1.99
C GLN B 417 10.55 -5.03 1.38
N GLU B 418 10.87 -4.83 0.11
CA GLU B 418 11.83 -5.70 -0.53
C GLU B 418 13.15 -5.69 0.22
N ARG B 419 13.53 -4.53 0.74
CA ARG B 419 14.78 -4.41 1.49
C ARG B 419 14.70 -5.08 2.87
N ARG B 420 13.49 -5.19 3.40
CA ARG B 420 13.33 -5.83 4.70
C ARG B 420 13.55 -7.33 4.58
N LEU B 421 13.27 -7.87 3.40
CA LEU B 421 13.44 -9.30 3.19
C LEU B 421 14.80 -9.72 2.64
N LYS B 422 15.66 -8.74 2.36
CA LYS B 422 17.00 -9.03 1.83
C LYS B 422 17.81 -10.00 2.69
N ASP B 423 17.50 -10.08 3.99
CA ASP B 423 18.25 -10.95 4.91
C ASP B 423 17.56 -12.28 5.25
N LEU B 424 16.67 -12.73 4.38
CA LEU B 424 15.95 -13.97 4.61
C LEU B 424 16.83 -15.20 4.70
N GLY B 425 17.82 -15.28 3.83
CA GLY B 425 18.71 -16.42 3.84
C GLY B 425 17.97 -17.71 3.60
N LEU B 426 17.08 -17.74 2.60
CA LEU B 426 16.31 -18.93 2.28
C LEU B 426 17.20 -20.10 1.86
N CYS B 427 18.20 -19.80 1.05
CA CYS B 427 19.12 -20.81 0.55
C CYS B 427 20.35 -20.98 1.39
N GLY B 428 20.18 -21.41 2.62
CA GLY B 428 21.33 -21.62 3.47
C GLY B 428 21.73 -23.08 3.50
N GLU B 429 21.69 -23.67 4.69
CA GLU B 429 22.06 -25.05 4.81
C GLU B 429 20.86 -25.87 5.18
N ASN B 430 21.09 -27.16 5.35
CA ASN B 430 20.03 -28.06 5.73
C ASN B 430 20.13 -28.23 7.24
N GLY B 431 19.91 -27.12 7.94
CA GLY B 431 19.98 -27.10 9.39
C GLY B 431 19.36 -28.29 10.10
N ASP B 432 18.42 -28.96 9.45
CA ASP B 432 17.77 -30.11 10.04
C ASP B 432 18.80 -31.16 10.46
N ILE B 433 19.90 -31.27 9.70
CA ILE B 433 20.97 -32.22 9.99
C ILE B 433 21.77 -31.82 11.23
N LEU B 434 22.10 -30.54 11.33
CA LEU B 434 22.87 -30.05 12.47
C LEU B 434 21.97 -30.06 13.70
N GLU B 435 20.68 -29.84 13.50
CA GLU B 435 19.70 -29.85 14.59
C GLU B 435 19.42 -31.29 15.04
N ASN B 436 19.70 -32.23 14.15
CA ASN B 436 19.50 -33.65 14.42
C ASN B 436 20.63 -34.23 15.29
N LEU B 437 21.72 -33.48 15.43
CA LEU B 437 22.85 -33.91 16.25
C LEU B 437 22.89 -33.06 17.51
N TYR B 438 22.53 -31.78 17.37
CA TYR B 438 22.52 -30.81 18.46
C TYR B 438 21.84 -31.33 19.73
N PHE B 439 20.53 -31.56 19.65
CA PHE B 439 19.76 -32.04 20.80
C PHE B 439 20.05 -33.49 21.16
N GLN B 440 19.85 -33.82 22.44
CA GLN B 440 20.08 -35.17 22.97
C GLN B 440 19.33 -36.22 22.16
N LEU C 2 -73.78 -0.80 -11.72
CA LEU C 2 -73.35 -0.95 -10.30
C LEU C 2 -74.11 -2.08 -9.60
N SER C 3 -73.38 -2.93 -8.90
CA SER C 3 -73.97 -4.06 -8.18
C SER C 3 -74.80 -3.57 -7.00
N PRO C 4 -75.63 -4.46 -6.42
CA PRO C 4 -76.45 -4.05 -5.28
C PRO C 4 -75.59 -3.53 -4.13
N ALA C 5 -74.59 -4.32 -3.76
CA ALA C 5 -73.69 -3.95 -2.67
C ALA C 5 -73.20 -2.51 -2.83
N VAL C 6 -72.88 -2.15 -4.07
CA VAL C 6 -72.39 -0.81 -4.37
C VAL C 6 -73.47 0.23 -4.15
N GLN C 7 -74.67 -0.02 -4.68
CA GLN C 7 -75.78 0.93 -4.52
C GLN C 7 -76.04 1.14 -3.04
N THR C 8 -76.02 0.04 -2.29
CA THR C 8 -76.24 0.08 -0.85
C THR C 8 -75.17 0.94 -0.17
N PHE C 9 -73.92 0.78 -0.62
CA PHE C 9 -72.81 1.54 -0.08
C PHE C 9 -73.07 3.01 -0.33
N TRP C 10 -73.43 3.33 -1.57
CA TRP C 10 -73.70 4.71 -1.95
C TRP C 10 -74.92 5.26 -1.21
N LYS C 11 -75.90 4.40 -0.94
CA LYS C 11 -77.10 4.82 -0.21
C LYS C 11 -76.64 5.22 1.17
N TRP C 12 -75.83 4.35 1.77
CA TRP C 12 -75.28 4.58 3.10
C TRP C 12 -74.53 5.91 3.21
N LEU C 13 -73.66 6.19 2.25
CA LEU C 13 -72.88 7.42 2.28
C LEU C 13 -73.77 8.63 2.28
N GLN C 14 -74.93 8.49 1.65
CA GLN C 14 -75.88 9.58 1.57
C GLN C 14 -76.50 9.84 2.95
N GLU C 15 -76.91 8.76 3.60
CA GLU C 15 -77.50 8.83 4.93
C GLU C 15 -76.51 9.47 5.90
N GLU C 16 -75.24 9.09 5.79
CA GLU C 16 -74.22 9.67 6.65
C GLU C 16 -73.98 11.13 6.28
N GLY C 17 -74.73 11.61 5.28
CA GLY C 17 -74.60 12.99 4.84
C GLY C 17 -73.31 13.26 4.10
N VAL C 18 -72.60 12.19 3.73
CA VAL C 18 -71.34 12.30 3.01
C VAL C 18 -71.61 12.66 1.55
N ILE C 19 -72.53 11.91 0.93
CA ILE C 19 -72.93 12.12 -0.46
C ILE C 19 -74.18 13.01 -0.50
N THR C 20 -74.09 14.11 -1.22
CA THR C 20 -75.21 15.04 -1.35
C THR C 20 -75.47 15.26 -2.84
N ALA C 21 -76.44 16.11 -3.17
CA ALA C 21 -76.74 16.39 -4.57
C ALA C 21 -75.55 17.09 -5.21
N LYS C 22 -74.76 17.74 -4.35
CA LYS C 22 -73.56 18.47 -4.76
C LYS C 22 -72.39 17.55 -5.13
N THR C 23 -72.49 16.26 -4.82
CA THR C 23 -71.40 15.34 -5.14
C THR C 23 -71.31 15.26 -6.66
N PRO C 24 -70.14 15.63 -7.21
CA PRO C 24 -69.85 15.66 -8.64
C PRO C 24 -69.40 14.34 -9.23
N VAL C 25 -69.35 13.31 -8.40
CA VAL C 25 -68.85 12.04 -8.85
C VAL C 25 -69.76 10.90 -8.38
N LYS C 26 -69.56 9.70 -8.94
CA LYS C 26 -70.34 8.53 -8.57
C LYS C 26 -69.53 7.27 -8.83
N ALA C 27 -69.89 6.17 -8.17
CA ALA C 27 -69.16 4.92 -8.36
C ALA C 27 -69.44 4.34 -9.74
N SER C 28 -68.46 3.64 -10.30
CA SER C 28 -68.62 3.04 -11.61
C SER C 28 -67.70 1.85 -11.78
N VAL C 29 -68.14 0.87 -12.57
CA VAL C 29 -67.31 -0.29 -12.80
C VAL C 29 -66.37 0.07 -13.95
N VAL C 30 -65.08 0.12 -13.64
CA VAL C 30 -64.07 0.47 -14.60
C VAL C 30 -62.97 -0.56 -14.67
N THR C 31 -62.12 -0.40 -15.67
CA THR C 31 -61.03 -1.33 -15.88
C THR C 31 -60.23 -1.55 -14.60
N GLU C 32 -60.01 -0.48 -13.82
CA GLU C 32 -59.25 -0.61 -12.57
C GLU C 32 -60.07 -1.26 -11.44
N GLY C 33 -61.31 -1.61 -11.76
CA GLY C 33 -62.23 -2.25 -10.79
C GLY C 33 -63.39 -1.31 -10.58
N LEU C 34 -63.50 -0.76 -9.38
CA LEU C 34 -64.50 0.24 -9.11
C LEU C 34 -63.68 1.54 -9.12
N GLY C 35 -64.30 2.64 -9.50
CA GLY C 35 -63.59 3.90 -9.51
C GLY C 35 -64.60 5.02 -9.51
N LEU C 36 -64.14 6.27 -9.51
CA LEU C 36 -65.04 7.41 -9.48
C LEU C 36 -65.23 8.13 -10.83
N VAL C 37 -66.46 8.14 -11.31
CA VAL C 37 -66.77 8.79 -12.57
C VAL C 37 -67.51 10.12 -12.37
N ALA C 38 -66.97 11.17 -12.98
CA ALA C 38 -67.56 12.50 -12.89
C ALA C 38 -69.00 12.51 -13.39
N LEU C 39 -69.89 13.04 -12.56
CA LEU C 39 -71.32 13.15 -12.87
C LEU C 39 -71.57 14.41 -13.65
N LYS C 40 -70.54 15.25 -13.69
CA LYS C 40 -70.63 16.51 -14.41
C LYS C 40 -69.22 17.03 -14.55
N ASP C 41 -69.05 18.06 -15.38
CA ASP C 41 -67.74 18.63 -15.58
C ASP C 41 -67.09 19.07 -14.29
N ILE C 42 -66.00 18.38 -13.94
CA ILE C 42 -65.25 18.70 -12.75
C ILE C 42 -64.03 19.47 -13.20
N SER C 43 -63.68 20.53 -12.47
CA SER C 43 -62.54 21.35 -12.83
C SER C 43 -61.39 21.05 -11.89
N ARG C 44 -60.18 21.30 -12.38
CA ARG C 44 -58.99 21.04 -11.58
C ARG C 44 -59.11 21.66 -10.20
N ASN C 45 -58.79 20.87 -9.19
CA ASN C 45 -58.82 21.27 -7.79
C ASN C 45 -60.19 21.32 -7.14
N ASP C 46 -61.23 21.03 -7.90
CA ASP C 46 -62.57 20.98 -7.34
C ASP C 46 -62.55 19.92 -6.24
N VAL C 47 -63.35 20.11 -5.21
CA VAL C 47 -63.44 19.11 -4.15
C VAL C 47 -64.39 18.05 -4.69
N ILE C 48 -63.93 16.80 -4.72
CA ILE C 48 -64.76 15.72 -5.23
C ILE C 48 -65.63 15.18 -4.12
N LEU C 49 -65.07 15.12 -2.91
CA LEU C 49 -65.79 14.59 -1.78
C LEU C 49 -65.06 14.85 -0.46
N GLN C 50 -65.79 14.79 0.65
CA GLN C 50 -65.23 14.99 1.98
C GLN C 50 -65.86 13.99 2.94
N VAL C 51 -65.03 13.21 3.63
CA VAL C 51 -65.58 12.22 4.55
C VAL C 51 -65.30 12.66 5.98
N PRO C 52 -66.31 12.56 6.86
CA PRO C 52 -66.21 12.94 8.28
C PRO C 52 -65.37 11.97 9.10
N LYS C 53 -64.45 12.50 9.90
CA LYS C 53 -63.56 11.67 10.73
C LYS C 53 -64.27 10.53 11.45
N ARG C 54 -65.57 10.72 11.67
CA ARG C 54 -66.42 9.73 12.31
C ARG C 54 -66.21 8.42 11.55
N LEU C 55 -65.89 8.54 10.26
CA LEU C 55 -65.69 7.39 9.40
C LEU C 55 -64.27 6.91 9.08
N TRP C 56 -63.22 7.50 9.69
CA TRP C 56 -61.86 7.00 9.42
C TRP C 56 -61.76 5.61 9.99
N ILE C 57 -60.56 5.05 9.85
CA ILE C 57 -60.22 3.75 10.38
C ILE C 57 -58.72 3.90 10.45
N ASN C 58 -58.25 4.40 11.58
CA ASN C 58 -56.83 4.63 11.81
C ASN C 58 -56.54 4.31 13.26
N PRO C 59 -55.26 4.28 13.65
CA PRO C 59 -54.88 3.98 15.04
C PRO C 59 -55.78 4.67 16.07
N ASP C 60 -56.30 5.84 15.74
CA ASP C 60 -57.16 6.59 16.64
C ASP C 60 -58.52 5.92 16.83
N ALA C 61 -59.09 5.40 15.76
CA ALA C 61 -60.38 4.76 15.86
C ALA C 61 -60.30 3.46 16.66
N VAL C 62 -59.22 2.71 16.51
CA VAL C 62 -59.10 1.45 17.23
C VAL C 62 -58.91 1.72 18.71
N ALA C 63 -58.16 2.78 19.03
CA ALA C 63 -57.91 3.13 20.42
C ALA C 63 -59.20 3.51 21.15
N ALA C 64 -60.20 3.96 20.40
CA ALA C 64 -61.48 4.35 20.99
C ALA C 64 -62.54 3.26 20.86
N SER C 65 -62.10 2.04 20.59
CA SER C 65 -63.02 0.92 20.46
C SER C 65 -62.77 -0.07 21.59
N GLU C 66 -63.58 -1.12 21.63
CA GLU C 66 -63.44 -2.13 22.65
C GLU C 66 -62.07 -2.79 22.70
N ILE C 67 -61.40 -2.90 21.54
CA ILE C 67 -60.09 -3.52 21.52
C ILE C 67 -58.93 -2.56 21.74
N GLY C 68 -59.26 -1.30 22.00
CA GLY C 68 -58.22 -0.30 22.22
C GLY C 68 -57.25 -0.63 23.33
N ARG C 69 -57.77 -1.19 24.42
CA ARG C 69 -56.95 -1.55 25.57
C ARG C 69 -55.91 -2.60 25.20
N VAL C 70 -56.39 -3.72 24.69
CA VAL C 70 -55.52 -4.83 24.31
C VAL C 70 -54.49 -4.54 23.22
N CYS C 71 -54.76 -3.53 22.40
CA CYS C 71 -53.85 -3.17 21.30
C CYS C 71 -52.97 -1.97 21.61
N SER C 72 -53.15 -1.40 22.80
CA SER C 72 -52.38 -0.23 23.20
C SER C 72 -50.86 -0.38 23.04
N GLU C 73 -50.35 -1.60 23.11
CA GLU C 73 -48.90 -1.82 22.97
C GLU C 73 -48.50 -2.33 21.59
N LEU C 74 -49.48 -2.52 20.71
CA LEU C 74 -49.22 -3.01 19.37
C LEU C 74 -48.85 -1.87 18.43
N LYS C 75 -48.05 -2.17 17.42
CA LYS C 75 -47.67 -1.18 16.44
C LYS C 75 -48.94 -0.70 15.75
N PRO C 76 -49.01 0.60 15.43
CA PRO C 76 -50.19 1.17 14.77
C PRO C 76 -50.83 0.34 13.64
N TRP C 77 -50.03 -0.22 12.73
CA TRP C 77 -50.62 -0.99 11.64
C TRP C 77 -51.18 -2.34 12.08
N LEU C 78 -50.56 -2.95 13.08
CA LEU C 78 -51.04 -4.22 13.60
C LEU C 78 -52.39 -3.98 14.27
N SER C 79 -52.52 -2.83 14.93
CA SER C 79 -53.77 -2.47 15.60
C SER C 79 -54.87 -2.38 14.58
N VAL C 80 -54.60 -1.69 13.49
CA VAL C 80 -55.61 -1.53 12.44
C VAL C 80 -55.98 -2.86 11.78
N ILE C 81 -55.01 -3.75 11.64
CA ILE C 81 -55.32 -5.04 11.04
C ILE C 81 -56.35 -5.79 11.89
N LEU C 82 -56.13 -5.84 13.19
CA LEU C 82 -57.07 -6.52 14.07
C LEU C 82 -58.43 -5.84 13.97
N PHE C 83 -58.41 -4.51 14.01
CA PHE C 83 -59.63 -3.73 13.94
C PHE C 83 -60.41 -4.03 12.68
N LEU C 84 -59.71 -4.05 11.55
CA LEU C 84 -60.35 -4.31 10.28
C LEU C 84 -60.97 -5.70 10.25
N ILE C 85 -60.21 -6.70 10.70
CA ILE C 85 -60.70 -8.06 10.71
C ILE C 85 -61.91 -8.17 11.64
N ARG C 86 -61.80 -7.54 12.80
CA ARG C 86 -62.86 -7.56 13.79
C ARG C 86 -64.13 -6.91 13.24
N GLU C 87 -64.01 -5.66 12.78
CA GLU C 87 -65.15 -4.94 12.24
C GLU C 87 -65.79 -5.65 11.05
N ARG C 88 -65.01 -6.46 10.37
CA ARG C 88 -65.51 -7.19 9.21
C ARG C 88 -66.55 -8.23 9.66
N SER C 89 -66.27 -8.89 10.77
CA SER C 89 -67.15 -9.93 11.34
C SER C 89 -68.44 -9.40 11.90
N ARG C 90 -68.36 -8.31 12.65
CA ARG C 90 -69.53 -7.71 13.25
C ARG C 90 -70.57 -7.30 12.19
N GLU C 91 -71.68 -8.03 12.17
CA GLU C 91 -72.74 -7.76 11.20
C GLU C 91 -73.57 -6.54 11.60
N ASP C 92 -72.92 -5.58 12.24
CA ASP C 92 -73.59 -4.35 12.67
C ASP C 92 -72.56 -3.23 12.68
N SER C 93 -71.35 -3.54 12.24
CA SER C 93 -70.28 -2.55 12.19
C SER C 93 -70.70 -1.33 11.38
N VAL C 94 -70.02 -0.21 11.59
CA VAL C 94 -70.35 1.01 10.87
C VAL C 94 -69.91 0.93 9.41
N TRP C 95 -68.89 0.12 9.16
CA TRP C 95 -68.35 -0.06 7.82
C TRP C 95 -68.89 -1.35 7.23
N LYS C 96 -70.09 -1.72 7.65
CA LYS C 96 -70.73 -2.93 7.15
C LYS C 96 -70.86 -2.86 5.64
N HIS C 97 -71.30 -1.71 5.13
CA HIS C 97 -71.49 -1.54 3.70
C HIS C 97 -70.18 -1.27 2.97
N TYR C 98 -69.22 -0.71 3.69
CA TYR C 98 -67.92 -0.42 3.12
C TYR C 98 -67.20 -1.74 2.86
N PHE C 99 -67.20 -2.63 3.84
CA PHE C 99 -66.55 -3.93 3.68
C PHE C 99 -67.22 -4.75 2.58
N GLY C 100 -68.49 -4.47 2.32
CA GLY C 100 -69.22 -5.20 1.30
C GLY C 100 -68.83 -4.80 -0.10
N ILE C 101 -67.96 -3.80 -0.20
CA ILE C 101 -67.49 -3.27 -1.47
C ILE C 101 -66.03 -3.68 -1.73
N LEU C 102 -65.28 -3.82 -0.66
CA LEU C 102 -63.87 -4.18 -0.74
C LEU C 102 -63.61 -5.48 -1.49
N PRO C 103 -62.69 -5.43 -2.46
CA PRO C 103 -62.36 -6.62 -3.24
C PRO C 103 -61.80 -7.64 -2.27
N GLN C 104 -61.94 -8.93 -2.57
CA GLN C 104 -61.40 -9.94 -1.69
C GLN C 104 -59.89 -10.01 -1.89
N GLU C 105 -59.41 -9.43 -2.99
CA GLU C 105 -58.00 -9.50 -3.33
C GLU C 105 -57.59 -8.46 -4.40
N THR C 106 -56.29 -8.26 -4.56
CA THR C 106 -55.78 -7.34 -5.58
C THR C 106 -54.68 -8.11 -6.31
N ASP C 107 -54.04 -7.50 -7.31
CA ASP C 107 -52.99 -8.22 -7.98
C ASP C 107 -51.64 -8.02 -7.29
N SER C 108 -51.69 -7.63 -6.02
CA SER C 108 -50.49 -7.43 -5.23
C SER C 108 -49.85 -8.81 -5.16
N THR C 109 -48.52 -8.85 -5.21
CA THR C 109 -47.79 -10.11 -5.15
C THR C 109 -48.02 -10.91 -3.87
N ILE C 110 -48.55 -10.29 -2.82
CA ILE C 110 -48.78 -11.02 -1.58
C ILE C 110 -49.89 -12.05 -1.78
N TYR C 111 -50.63 -11.89 -2.86
CA TYR C 111 -51.73 -12.78 -3.17
C TYR C 111 -51.44 -13.73 -4.32
N TRP C 112 -50.25 -13.62 -4.90
CA TRP C 112 -49.88 -14.48 -6.02
C TRP C 112 -49.72 -15.93 -5.63
N SER C 113 -50.05 -16.82 -6.56
CA SER C 113 -49.93 -18.26 -6.36
C SER C 113 -48.46 -18.61 -6.51
N GLU C 114 -48.11 -19.84 -6.16
CA GLU C 114 -46.72 -20.26 -6.27
C GLU C 114 -46.30 -20.24 -7.75
N GLU C 115 -47.20 -20.64 -8.64
CA GLU C 115 -46.89 -20.65 -10.07
C GLU C 115 -46.66 -19.22 -10.51
N GLU C 116 -47.58 -18.34 -10.15
CA GLU C 116 -47.51 -16.93 -10.49
C GLU C 116 -46.21 -16.29 -10.01
N LEU C 117 -45.75 -16.67 -8.82
CA LEU C 117 -44.50 -16.12 -8.29
C LEU C 117 -43.30 -16.61 -9.06
N GLN C 118 -43.39 -17.83 -9.60
CA GLN C 118 -42.29 -18.41 -10.38
C GLN C 118 -41.90 -17.50 -11.52
N GLU C 119 -42.86 -16.70 -11.96
CA GLU C 119 -42.67 -15.78 -13.05
C GLU C 119 -41.75 -14.63 -12.65
N LEU C 120 -41.52 -14.48 -11.34
CA LEU C 120 -40.66 -13.43 -10.81
C LEU C 120 -39.34 -14.00 -10.31
N GLN C 121 -39.16 -15.31 -10.54
CA GLN C 121 -37.95 -16.00 -10.14
C GLN C 121 -36.68 -15.15 -10.31
N GLY C 122 -35.82 -15.16 -9.30
CA GLY C 122 -34.59 -14.40 -9.37
C GLY C 122 -34.71 -12.90 -9.25
N SER C 123 -35.94 -12.37 -9.23
CA SER C 123 -36.15 -10.93 -9.13
C SER C 123 -36.13 -10.42 -7.71
N GLN C 124 -35.78 -9.16 -7.52
CA GLN C 124 -35.77 -8.59 -6.19
C GLN C 124 -37.21 -8.55 -5.65
N LEU C 125 -38.15 -8.15 -6.49
CA LEU C 125 -39.53 -8.10 -6.07
C LEU C 125 -39.96 -9.39 -5.38
N LEU C 126 -39.50 -10.54 -5.85
CA LEU C 126 -39.89 -11.81 -5.22
C LEU C 126 -39.30 -11.94 -3.82
N LYS C 127 -37.99 -11.74 -3.69
CA LYS C 127 -37.32 -11.82 -2.40
C LYS C 127 -38.07 -10.92 -1.42
N THR C 128 -38.34 -9.69 -1.84
CA THR C 128 -39.04 -8.73 -0.98
C THR C 128 -40.41 -9.24 -0.58
N THR C 129 -41.25 -9.59 -1.54
CA THR C 129 -42.59 -10.07 -1.20
C THR C 129 -42.54 -11.26 -0.26
N VAL C 130 -41.60 -12.18 -0.49
CA VAL C 130 -41.48 -13.34 0.38
C VAL C 130 -41.18 -12.85 1.80
N SER C 131 -40.20 -11.97 1.92
CA SER C 131 -39.84 -11.42 3.22
C SER C 131 -41.03 -10.77 3.87
N VAL C 132 -41.71 -9.90 3.12
CA VAL C 132 -42.86 -9.23 3.67
C VAL C 132 -43.97 -10.20 4.08
N LYS C 133 -44.27 -11.18 3.24
CA LYS C 133 -45.32 -12.14 3.59
C LYS C 133 -44.93 -12.90 4.85
N GLU C 134 -43.67 -13.30 4.91
CA GLU C 134 -43.18 -14.05 6.05
C GLU C 134 -43.31 -13.26 7.34
N TYR C 135 -42.74 -12.05 7.34
CA TYR C 135 -42.76 -11.16 8.51
C TYR C 135 -44.19 -10.87 8.97
N VAL C 136 -45.08 -10.53 8.04
CA VAL C 136 -46.46 -10.25 8.41
C VAL C 136 -47.05 -11.52 9.06
N LYS C 137 -46.70 -12.67 8.52
CA LYS C 137 -47.19 -13.93 9.06
C LYS C 137 -46.77 -14.06 10.52
N ASN C 138 -45.47 -13.95 10.80
CA ASN C 138 -45.00 -14.08 12.17
C ASN C 138 -45.63 -13.05 13.08
N GLU C 139 -45.58 -11.79 12.68
CA GLU C 139 -46.17 -10.73 13.48
C GLU C 139 -47.63 -11.02 13.77
N CYS C 140 -48.35 -11.48 12.75
CA CYS C 140 -49.77 -11.79 12.92
C CYS C 140 -50.03 -13.04 13.78
N LEU C 141 -49.10 -13.98 13.79
CA LEU C 141 -49.29 -15.17 14.60
C LEU C 141 -49.18 -14.79 16.07
N LYS C 142 -48.31 -13.83 16.37
CA LYS C 142 -48.13 -13.35 17.73
C LYS C 142 -49.43 -12.76 18.22
N LEU C 143 -50.05 -11.94 17.37
CA LEU C 143 -51.30 -11.29 17.73
C LEU C 143 -52.36 -12.31 18.08
N GLU C 144 -52.30 -13.47 17.43
CA GLU C 144 -53.28 -14.51 17.70
C GLU C 144 -53.10 -15.15 19.08
N GLN C 145 -51.86 -15.32 19.50
CA GLN C 145 -51.60 -15.93 20.79
C GLN C 145 -51.44 -14.92 21.92
N GLU C 146 -51.37 -13.64 21.58
CA GLU C 146 -51.20 -12.60 22.60
C GLU C 146 -52.33 -11.59 22.70
N ILE C 147 -53.25 -11.59 21.74
CA ILE C 147 -54.36 -10.64 21.79
C ILE C 147 -55.66 -11.28 21.32
N ILE C 148 -55.57 -12.19 20.34
CA ILE C 148 -56.77 -12.82 19.82
C ILE C 148 -57.30 -13.95 20.69
N LEU C 149 -56.46 -14.96 20.97
CA LEU C 149 -56.90 -16.08 21.78
C LEU C 149 -57.14 -15.70 23.23
N PRO C 150 -56.15 -15.07 23.87
CA PRO C 150 -56.32 -14.68 25.27
C PRO C 150 -57.51 -13.75 25.52
N ASN C 151 -58.13 -13.28 24.46
CA ASN C 151 -59.29 -12.39 24.59
C ASN C 151 -60.43 -12.85 23.71
N LYS C 152 -60.71 -14.16 23.72
CA LYS C 152 -61.78 -14.74 22.91
C LYS C 152 -63.09 -13.95 22.98
N ARG C 153 -63.22 -13.12 24.01
CA ARG C 153 -64.41 -12.30 24.20
C ARG C 153 -64.51 -11.22 23.13
N LEU C 154 -63.39 -10.56 22.87
CA LEU C 154 -63.32 -9.50 21.87
C LEU C 154 -63.27 -10.06 20.45
N PHE C 155 -62.53 -11.14 20.27
CA PHE C 155 -62.42 -11.78 18.96
C PHE C 155 -63.08 -13.15 19.01
N PRO C 156 -64.39 -13.19 18.72
CA PRO C 156 -65.20 -14.42 18.71
C PRO C 156 -64.76 -15.44 17.66
N ASP C 157 -65.05 -15.12 16.41
CA ASP C 157 -64.72 -15.98 15.28
C ASP C 157 -63.21 -16.14 15.10
N PRO C 158 -62.78 -17.30 14.57
CA PRO C 158 -61.36 -17.57 14.34
C PRO C 158 -60.78 -16.59 13.33
N VAL C 159 -59.47 -16.34 13.43
CA VAL C 159 -58.81 -15.44 12.51
C VAL C 159 -57.79 -16.22 11.69
N THR C 160 -58.07 -16.36 10.40
CA THR C 160 -57.18 -17.09 9.50
C THR C 160 -56.05 -16.21 8.98
N LEU C 161 -55.04 -16.86 8.38
CA LEU C 161 -53.91 -16.12 7.84
C LEU C 161 -54.42 -15.26 6.67
N ASP C 162 -55.47 -15.75 6.01
CA ASP C 162 -56.06 -15.04 4.89
C ASP C 162 -56.68 -13.74 5.36
N ASP C 163 -57.21 -13.75 6.58
CA ASP C 163 -57.80 -12.56 7.15
C ASP C 163 -56.72 -11.51 7.39
N PHE C 164 -55.56 -11.96 7.86
CA PHE C 164 -54.46 -11.06 8.11
C PHE C 164 -53.96 -10.40 6.84
N PHE C 165 -53.59 -11.22 5.85
CA PHE C 165 -53.11 -10.69 4.58
C PHE C 165 -54.17 -9.84 3.88
N TRP C 166 -55.43 -10.11 4.19
CA TRP C 166 -56.52 -9.34 3.62
C TRP C 166 -56.44 -7.90 4.16
N ALA C 167 -56.33 -7.79 5.48
CA ALA C 167 -56.24 -6.49 6.14
C ALA C 167 -54.94 -5.79 5.79
N PHE C 168 -53.84 -6.53 5.83
CA PHE C 168 -52.54 -5.97 5.49
C PHE C 168 -52.64 -5.42 4.07
N GLY C 169 -53.28 -6.19 3.19
CA GLY C 169 -53.46 -5.78 1.81
C GLY C 169 -54.30 -4.53 1.71
N ILE C 170 -55.34 -4.44 2.53
CA ILE C 170 -56.21 -3.28 2.55
C ILE C 170 -55.40 -2.02 2.92
N LEU C 171 -54.56 -2.17 3.93
CA LEU C 171 -53.75 -1.06 4.39
C LEU C 171 -52.75 -0.61 3.33
N ARG C 172 -52.03 -1.57 2.76
CA ARG C 172 -51.05 -1.31 1.73
C ARG C 172 -51.62 -0.80 0.42
N SER C 173 -52.84 -1.22 0.11
CA SER C 173 -53.44 -0.81 -1.15
C SER C 173 -54.52 0.27 -1.11
N ARG C 174 -55.01 0.66 0.06
CA ARG C 174 -56.06 1.69 0.08
C ARG C 174 -55.85 2.85 1.05
N ALA C 175 -55.21 2.57 2.19
CA ALA C 175 -54.98 3.58 3.20
C ALA C 175 -54.18 4.77 2.70
N PHE C 176 -54.66 5.98 3.03
CA PHE C 176 -53.97 7.20 2.63
C PHE C 176 -52.88 7.54 3.65
N SER C 177 -51.64 7.67 3.18
CA SER C 177 -50.53 7.97 4.08
C SER C 177 -50.14 9.43 4.05
N ARG C 178 -49.79 9.93 2.87
CA ARG C 178 -49.37 11.31 2.69
C ARG C 178 -50.33 12.26 3.38
N LEU C 179 -50.05 12.54 4.66
CA LEU C 179 -50.87 13.40 5.49
C LEU C 179 -50.04 13.81 6.70
N ARG C 180 -50.30 14.99 7.26
CA ARG C 180 -49.56 15.49 8.43
C ARG C 180 -50.04 14.85 9.73
N ASN C 181 -49.10 14.24 10.45
CA ASN C 181 -49.39 13.60 11.74
C ASN C 181 -50.39 12.44 11.60
N GLU C 182 -50.53 11.93 10.38
CA GLU C 182 -51.43 10.83 10.09
C GLU C 182 -50.84 10.04 8.92
N ASN C 183 -50.06 9.01 9.25
CA ASN C 183 -49.45 8.21 8.20
C ASN C 183 -50.10 6.86 8.00
N LEU C 184 -51.41 6.80 8.24
CA LEU C 184 -52.14 5.56 8.06
C LEU C 184 -53.61 5.81 8.36
N VAL C 185 -54.39 6.05 7.31
CA VAL C 185 -55.81 6.31 7.43
C VAL C 185 -56.59 5.67 6.29
N VAL C 186 -57.57 4.85 6.64
CA VAL C 186 -58.42 4.19 5.65
C VAL C 186 -59.71 5.00 5.53
N VAL C 187 -59.87 5.73 4.42
CA VAL C 187 -61.07 6.57 4.21
C VAL C 187 -62.06 5.96 3.20
N PRO C 188 -63.24 5.51 3.68
CA PRO C 188 -64.28 4.91 2.86
C PRO C 188 -64.60 5.33 1.42
N MET C 189 -65.26 6.46 1.19
CA MET C 189 -65.58 6.76 -0.20
C MET C 189 -64.36 7.20 -1.01
N ALA C 190 -63.43 7.84 -0.32
CA ALA C 190 -62.23 8.35 -0.95
C ALA C 190 -61.34 7.26 -1.56
N ASP C 191 -61.21 6.11 -0.89
CA ASP C 191 -60.32 5.09 -1.45
C ASP C 191 -60.87 4.35 -2.65
N LEU C 192 -61.84 4.95 -3.34
CA LEU C 192 -62.41 4.36 -4.55
C LEU C 192 -61.71 4.95 -5.78
N ILE C 193 -61.04 6.08 -5.58
CA ILE C 193 -60.31 6.77 -6.64
C ILE C 193 -59.10 5.94 -7.11
N ASN C 194 -58.90 5.88 -8.44
CA ASN C 194 -57.81 5.10 -8.99
C ASN C 194 -56.60 5.92 -9.41
N HIS C 195 -55.51 5.23 -9.74
CA HIS C 195 -54.27 5.86 -10.15
C HIS C 195 -54.13 6.04 -11.66
N SER C 196 -53.50 7.12 -12.08
CA SER C 196 -53.25 7.39 -13.49
C SER C 196 -51.97 8.20 -13.66
N ALA C 197 -51.05 7.68 -14.48
CA ALA C 197 -49.78 8.36 -14.70
C ALA C 197 -49.99 9.76 -15.31
N GLY C 198 -51.24 10.05 -15.68
CA GLY C 198 -51.56 11.34 -16.27
C GLY C 198 -51.53 12.44 -15.24
N VAL C 199 -51.47 12.05 -13.96
CA VAL C 199 -51.42 13.00 -12.88
C VAL C 199 -49.96 13.07 -12.49
N THR C 200 -49.34 14.23 -12.66
CA THR C 200 -47.93 14.33 -12.35
C THR C 200 -47.53 15.43 -11.37
N THR C 201 -48.08 15.38 -10.16
CA THR C 201 -47.77 16.41 -9.16
C THR C 201 -47.74 15.87 -7.73
N GLU C 202 -48.76 15.05 -7.43
CA GLU C 202 -48.99 14.43 -6.11
C GLU C 202 -48.97 15.46 -4.98
N ASP C 203 -49.57 16.62 -5.25
CA ASP C 203 -49.66 17.67 -4.25
C ASP C 203 -50.75 17.24 -3.30
N HIS C 204 -50.82 15.93 -3.07
CA HIS C 204 -51.81 15.35 -2.18
C HIS C 204 -53.16 15.88 -2.66
N ALA C 205 -53.89 15.07 -3.41
CA ALA C 205 -55.19 15.50 -3.87
C ALA C 205 -56.14 15.58 -2.68
N TYR C 206 -55.66 15.12 -1.54
CA TYR C 206 -56.47 15.10 -0.32
C TYR C 206 -55.82 15.72 0.90
N GLU C 207 -56.63 16.38 1.72
CA GLU C 207 -56.16 17.02 2.94
C GLU C 207 -57.23 16.92 4.02
N VAL C 208 -56.80 17.05 5.26
CA VAL C 208 -57.72 17.03 6.38
C VAL C 208 -58.00 18.48 6.65
N LYS C 209 -59.27 18.87 6.56
CA LYS C 209 -59.62 20.25 6.80
C LYS C 209 -60.64 20.28 7.95
N GLY C 210 -60.42 21.20 8.88
CA GLY C 210 -61.29 21.33 10.02
C GLY C 210 -62.54 22.12 9.68
N ALA C 211 -63.33 22.44 10.70
CA ALA C 211 -64.55 23.20 10.50
C ALA C 211 -65.11 23.63 11.84
N ALA C 212 -66.06 24.56 11.82
CA ALA C 212 -66.71 25.06 13.02
C ALA C 212 -65.75 25.43 14.15
N GLY C 213 -65.94 24.80 15.31
CA GLY C 213 -65.10 25.08 16.45
C GLY C 213 -63.76 24.35 16.43
N LEU C 214 -63.41 23.76 15.30
CA LEU C 214 -62.16 23.04 15.13
C LEU C 214 -62.03 21.83 16.04
N PHE C 215 -63.14 21.15 16.30
CA PHE C 215 -63.12 19.98 17.15
C PHE C 215 -62.75 18.70 16.41
N SER C 216 -62.15 17.77 17.14
CA SER C 216 -61.75 16.49 16.59
C SER C 216 -62.83 15.96 15.64
N TRP C 217 -64.04 15.84 16.16
CA TRP C 217 -65.18 15.32 15.42
C TRP C 217 -65.70 16.22 14.28
N ASP C 218 -65.03 17.34 14.04
CA ASP C 218 -65.44 18.24 12.96
C ASP C 218 -64.49 18.12 11.77
N TYR C 219 -63.34 17.50 12.01
CA TYR C 219 -62.35 17.32 10.98
C TYR C 219 -62.77 16.27 9.98
N LEU C 220 -62.59 16.55 8.70
CA LEU C 220 -62.95 15.59 7.66
C LEU C 220 -61.87 15.46 6.59
N PHE C 221 -61.94 14.36 5.85
CA PHE C 221 -61.01 14.01 4.77
C PHE C 221 -61.52 14.69 3.52
N SER C 222 -60.77 15.65 3.01
CA SER C 222 -61.16 16.38 1.81
C SER C 222 -60.31 15.98 0.61
N LEU C 223 -60.98 15.48 -0.42
CA LEU C 223 -60.31 15.05 -1.63
C LEU C 223 -60.76 15.86 -2.83
N LYS C 224 -59.78 16.40 -3.57
CA LYS C 224 -60.10 17.18 -4.75
C LYS C 224 -59.47 16.54 -5.99
N SER C 225 -60.11 16.74 -7.15
CA SER C 225 -59.60 16.19 -8.40
C SER C 225 -58.42 16.99 -8.92
N PRO C 226 -57.24 16.37 -9.00
CA PRO C 226 -56.06 17.09 -9.48
C PRO C 226 -56.13 17.52 -10.95
N LEU C 227 -57.09 17.00 -11.69
CA LEU C 227 -57.24 17.36 -13.11
C LEU C 227 -58.67 17.69 -13.48
N SER C 228 -58.82 18.36 -14.61
CA SER C 228 -60.15 18.68 -15.10
C SER C 228 -60.62 17.36 -15.68
N VAL C 229 -61.91 17.08 -15.62
CA VAL C 229 -62.43 15.82 -16.12
C VAL C 229 -63.83 16.08 -16.63
N LYS C 230 -64.08 15.80 -17.90
CA LYS C 230 -65.42 16.02 -18.43
C LYS C 230 -66.38 14.99 -17.86
N ALA C 231 -67.67 15.31 -17.91
CA ALA C 231 -68.70 14.42 -17.39
C ALA C 231 -68.60 13.03 -17.99
N GLY C 232 -68.51 12.03 -17.13
CA GLY C 232 -68.46 10.66 -17.64
C GLY C 232 -67.08 10.03 -17.63
N GLU C 233 -66.05 10.85 -17.51
CA GLU C 233 -64.69 10.33 -17.48
C GLU C 233 -64.37 10.00 -16.01
N GLN C 234 -63.34 9.19 -15.80
CA GLN C 234 -62.93 8.80 -14.45
C GLN C 234 -62.05 9.86 -13.80
N VAL C 235 -62.11 9.96 -12.49
CA VAL C 235 -61.31 10.92 -11.75
C VAL C 235 -60.14 10.18 -11.12
N TYR C 236 -58.92 10.58 -11.45
CA TYR C 236 -57.75 9.89 -10.91
C TYR C 236 -56.96 10.82 -10.05
N ILE C 237 -55.96 10.24 -9.39
CA ILE C 237 -55.02 10.98 -8.58
C ILE C 237 -53.73 10.19 -8.75
N GLN C 238 -52.63 10.75 -8.26
CA GLN C 238 -51.33 10.09 -8.33
C GLN C 238 -51.08 9.42 -6.98
N TYR C 239 -51.03 8.10 -6.96
CA TYR C 239 -50.80 7.40 -5.72
C TYR C 239 -49.46 7.72 -5.08
N ASP C 240 -48.43 7.93 -5.89
CA ASP C 240 -47.11 8.21 -5.34
C ASP C 240 -46.05 8.30 -6.45
N LEU C 241 -45.54 9.49 -6.70
CA LEU C 241 -44.54 9.68 -7.75
C LEU C 241 -43.20 9.02 -7.48
N ASN C 242 -42.86 8.83 -6.22
CA ASN C 242 -41.57 8.26 -5.87
C ASN C 242 -41.48 6.74 -5.73
N LYS C 243 -42.61 6.04 -5.83
CA LYS C 243 -42.54 4.59 -5.70
C LYS C 243 -42.02 3.96 -6.97
N SER C 244 -41.32 2.85 -6.81
CA SER C 244 -40.79 2.12 -7.94
C SER C 244 -41.88 1.19 -8.43
N ASN C 245 -41.67 0.60 -9.59
CA ASN C 245 -42.64 -0.34 -10.12
C ASN C 245 -42.80 -1.48 -9.12
N ALA C 246 -41.69 -1.85 -8.47
CA ALA C 246 -41.71 -2.91 -7.46
C ALA C 246 -42.67 -2.55 -6.35
N GLU C 247 -42.55 -1.33 -5.84
CA GLU C 247 -43.42 -0.91 -4.77
C GLU C 247 -44.87 -0.93 -5.25
N LEU C 248 -45.12 -0.36 -6.42
CA LEU C 248 -46.48 -0.34 -6.94
C LEU C 248 -47.03 -1.77 -7.09
N ALA C 249 -46.17 -2.70 -7.50
CA ALA C 249 -46.60 -4.08 -7.67
C ALA C 249 -46.98 -4.69 -6.32
N LEU C 250 -46.14 -4.48 -5.32
CA LEU C 250 -46.40 -5.01 -3.99
C LEU C 250 -47.53 -4.30 -3.26
N ASP C 251 -47.53 -2.98 -3.24
CA ASP C 251 -48.58 -2.24 -2.53
C ASP C 251 -49.92 -2.33 -3.24
N TYR C 252 -49.93 -2.16 -4.55
CA TYR C 252 -51.18 -2.23 -5.30
C TYR C 252 -51.03 -3.32 -6.34
N GLY C 253 -52.06 -3.57 -7.12
CA GLY C 253 -51.90 -4.65 -8.08
C GLY C 253 -51.49 -4.21 -9.47
N PHE C 254 -50.52 -3.31 -9.58
CA PHE C 254 -50.15 -2.85 -10.90
C PHE C 254 -48.80 -2.18 -10.97
N ILE C 255 -48.36 -1.96 -12.22
CA ILE C 255 -47.09 -1.29 -12.50
C ILE C 255 -47.31 -0.35 -13.69
N GLU C 256 -46.26 0.38 -14.06
CA GLU C 256 -46.32 1.32 -15.17
C GLU C 256 -45.29 1.01 -16.24
N PRO C 257 -45.57 1.41 -17.49
CA PRO C 257 -44.69 1.23 -18.65
C PRO C 257 -43.51 2.17 -18.54
N ASN C 258 -43.72 3.28 -17.84
CA ASN C 258 -42.68 4.27 -17.64
C ASN C 258 -41.41 3.61 -17.09
N GLU C 259 -40.38 3.54 -17.93
CA GLU C 259 -39.13 2.92 -17.52
C GLU C 259 -38.46 3.64 -16.35
N ASN C 260 -38.86 4.88 -16.08
CA ASN C 260 -38.26 5.63 -14.99
C ASN C 260 -38.77 5.16 -13.63
N ARG C 261 -39.72 4.23 -13.64
CA ARG C 261 -40.29 3.69 -12.42
C ARG C 261 -39.51 2.45 -11.99
N HIS C 262 -38.71 1.94 -12.90
CA HIS C 262 -37.91 0.76 -12.63
C HIS C 262 -36.77 1.10 -11.70
N ALA C 263 -36.69 0.38 -10.59
CA ALA C 263 -35.60 0.62 -9.64
C ALA C 263 -35.19 -0.72 -9.09
N TYR C 264 -34.00 -0.75 -8.51
CA TYR C 264 -33.45 -1.95 -7.91
C TYR C 264 -32.67 -1.43 -6.71
N THR C 265 -32.93 -2.00 -5.55
CA THR C 265 -32.24 -1.53 -4.37
C THR C 265 -31.10 -2.43 -3.92
N LEU C 266 -29.99 -1.78 -3.60
CA LEU C 266 -28.81 -2.48 -3.13
C LEU C 266 -28.79 -2.34 -1.64
N THR C 267 -28.41 -3.41 -0.96
CA THR C 267 -28.32 -3.39 0.49
C THR C 267 -26.84 -3.43 0.87
N LEU C 268 -26.45 -2.46 1.67
CA LEU C 268 -25.09 -2.36 2.13
C LEU C 268 -25.05 -2.49 3.63
N GLU C 269 -23.99 -3.09 4.15
CA GLU C 269 -23.90 -3.22 5.59
C GLU C 269 -22.49 -3.43 6.08
N ILE C 270 -22.21 -2.79 7.21
CA ILE C 270 -20.92 -2.90 7.85
C ILE C 270 -20.99 -4.19 8.67
N SER C 271 -20.41 -5.26 8.16
CA SER C 271 -20.43 -6.55 8.83
C SER C 271 -19.67 -6.55 10.14
N GLU C 272 -20.20 -7.26 11.12
CA GLU C 272 -19.58 -7.37 12.43
C GLU C 272 -18.28 -8.16 12.40
N SER C 273 -18.10 -8.95 11.35
CA SER C 273 -16.89 -9.73 11.18
C SER C 273 -15.82 -8.91 10.44
N ASP C 274 -16.05 -7.60 10.34
CA ASP C 274 -15.09 -6.72 9.68
C ASP C 274 -14.11 -6.25 10.75
N PRO C 275 -12.82 -6.47 10.54
CA PRO C 275 -11.79 -6.06 11.50
C PRO C 275 -11.84 -4.62 11.96
N PHE C 276 -12.61 -3.78 11.28
CA PHE C 276 -12.74 -2.39 11.69
C PHE C 276 -14.20 -2.02 11.93
N PHE C 277 -14.98 -3.04 12.28
CA PHE C 277 -16.41 -2.88 12.53
C PHE C 277 -16.78 -1.66 13.35
N ASP C 278 -16.30 -1.63 14.60
CA ASP C 278 -16.61 -0.53 15.51
C ASP C 278 -16.36 0.86 14.94
N ASP C 279 -15.15 1.10 14.46
CA ASP C 279 -14.84 2.41 13.90
C ASP C 279 -15.73 2.73 12.71
N LYS C 280 -15.88 1.76 11.81
CA LYS C 280 -16.72 2.00 10.64
C LYS C 280 -18.14 2.38 11.04
N LEU C 281 -18.75 1.59 11.90
CA LEU C 281 -20.13 1.85 12.33
C LEU C 281 -20.25 3.26 12.88
N ASP C 282 -19.28 3.63 13.70
CA ASP C 282 -19.27 4.95 14.29
C ASP C 282 -19.36 5.98 13.16
N VAL C 283 -18.53 5.79 12.13
CA VAL C 283 -18.51 6.69 10.99
C VAL C 283 -19.88 6.73 10.32
N ALA C 284 -20.43 5.57 10.01
CA ALA C 284 -21.74 5.48 9.36
C ALA C 284 -22.81 6.22 10.14
N GLU C 285 -22.87 5.95 11.44
CA GLU C 285 -23.87 6.59 12.29
C GLU C 285 -23.67 8.08 12.40
N SER C 286 -22.44 8.51 12.63
CA SER C 286 -22.19 9.94 12.75
C SER C 286 -22.54 10.64 11.44
N ASN C 287 -22.86 9.87 10.41
CA ASN C 287 -23.20 10.49 9.14
C ASN C 287 -24.56 10.11 8.61
N GLY C 288 -25.45 9.78 9.54
CA GLY C 288 -26.82 9.44 9.19
C GLY C 288 -27.04 8.11 8.51
N PHE C 289 -26.22 7.12 8.85
CA PHE C 289 -26.40 5.80 8.26
C PHE C 289 -26.29 4.74 9.31
N ALA C 290 -27.06 3.69 9.15
CA ALA C 290 -27.07 2.61 10.10
C ALA C 290 -26.10 1.52 9.68
N GLN C 291 -26.00 0.52 10.54
CA GLN C 291 -25.15 -0.62 10.33
C GLN C 291 -25.59 -1.25 9.00
N THR C 292 -26.85 -1.04 8.63
CA THR C 292 -27.36 -1.57 7.37
C THR C 292 -28.04 -0.43 6.66
N ALA C 293 -27.73 -0.26 5.38
CA ALA C 293 -28.32 0.82 4.59
C ALA C 293 -28.79 0.33 3.24
N TYR C 294 -29.95 0.81 2.84
CA TYR C 294 -30.52 0.46 1.55
C TYR C 294 -30.44 1.64 0.60
N PHE C 295 -30.02 1.38 -0.63
CA PHE C 295 -29.94 2.43 -1.62
C PHE C 295 -30.76 2.05 -2.84
N ASP C 296 -31.77 2.85 -3.12
CA ASP C 296 -32.64 2.60 -4.26
C ASP C 296 -32.03 3.21 -5.52
N ILE C 297 -31.79 2.37 -6.51
CA ILE C 297 -31.22 2.83 -7.75
C ILE C 297 -32.30 2.76 -8.83
N PHE C 298 -32.66 3.93 -9.35
CA PHE C 298 -33.69 4.02 -10.37
C PHE C 298 -33.11 4.10 -11.76
N TYR C 299 -33.84 3.58 -12.73
CA TYR C 299 -33.39 3.58 -14.11
C TYR C 299 -33.17 5.02 -14.59
N ASN C 300 -32.09 5.23 -15.35
CA ASN C 300 -31.78 6.54 -15.89
C ASN C 300 -31.57 7.66 -14.89
N ARG C 301 -31.44 7.32 -13.61
CA ARG C 301 -31.24 8.34 -12.59
C ARG C 301 -29.81 8.22 -12.01
N THR C 302 -29.21 9.34 -11.60
CA THR C 302 -27.87 9.26 -11.04
C THR C 302 -27.90 8.45 -9.74
N LEU C 303 -26.80 7.78 -9.44
CA LEU C 303 -26.69 6.98 -8.23
C LEU C 303 -27.07 7.83 -7.03
N PRO C 304 -27.81 7.26 -6.06
CA PRO C 304 -28.21 8.02 -4.88
C PRO C 304 -27.01 8.48 -4.04
N PRO C 305 -27.15 9.61 -3.31
CA PRO C 305 -26.04 10.09 -2.49
C PRO C 305 -25.77 9.08 -1.39
N GLY C 306 -24.53 9.03 -0.91
CA GLY C 306 -24.22 8.09 0.14
C GLY C 306 -23.85 6.72 -0.36
N LEU C 307 -24.37 6.31 -1.52
CA LEU C 307 -24.04 4.97 -2.03
C LEU C 307 -22.55 4.75 -2.19
N LEU C 308 -21.90 5.62 -2.96
CA LEU C 308 -20.48 5.49 -3.18
C LEU C 308 -19.72 5.57 -1.87
N PRO C 309 -19.86 6.68 -1.12
CA PRO C 309 -19.14 6.75 0.14
C PRO C 309 -19.34 5.53 1.02
N TYR C 310 -20.57 5.04 1.11
CA TYR C 310 -20.85 3.85 1.92
C TYR C 310 -20.15 2.62 1.37
N LEU C 311 -20.17 2.47 0.05
CA LEU C 311 -19.51 1.34 -0.60
C LEU C 311 -18.03 1.37 -0.24
N ARG C 312 -17.46 2.57 -0.30
CA ARG C 312 -16.05 2.74 0.01
C ARG C 312 -15.78 2.34 1.45
N LEU C 313 -16.56 2.90 2.39
CA LEU C 313 -16.40 2.55 3.79
C LEU C 313 -16.51 1.04 3.96
N VAL C 314 -17.42 0.42 3.23
CA VAL C 314 -17.57 -1.03 3.33
C VAL C 314 -16.29 -1.73 2.94
N ALA C 315 -15.76 -1.37 1.77
CA ALA C 315 -14.54 -1.98 1.24
C ALA C 315 -13.24 -1.43 1.82
N LEU C 316 -13.34 -0.43 2.69
CA LEU C 316 -12.17 0.22 3.29
C LEU C 316 -10.87 -0.56 3.26
N GLY C 317 -10.63 -1.40 4.28
CA GLY C 317 -9.40 -2.19 4.28
C GLY C 317 -8.18 -1.65 5.02
N GLY C 318 -7.24 -2.56 5.27
CA GLY C 318 -6.02 -2.20 5.99
C GLY C 318 -5.25 -1.02 5.43
N THR C 319 -5.17 -0.95 4.11
CA THR C 319 -4.44 0.11 3.44
C THR C 319 -4.90 1.49 3.83
N ASP C 320 -6.21 1.67 3.92
CA ASP C 320 -6.77 2.97 4.24
C ASP C 320 -7.30 3.10 5.66
N ALA C 321 -7.09 2.05 6.46
CA ALA C 321 -7.56 2.03 7.84
C ALA C 321 -7.15 3.27 8.62
N PHE C 322 -6.07 3.93 8.19
CA PHE C 322 -5.62 5.12 8.89
C PHE C 322 -6.70 6.20 8.88
N LEU C 323 -7.63 6.11 7.94
CA LEU C 323 -8.70 7.10 7.86
C LEU C 323 -9.71 6.99 8.98
N LEU C 324 -9.68 5.89 9.72
CA LEU C 324 -10.61 5.67 10.82
C LEU C 324 -10.12 6.25 12.15
N GLU C 325 -8.88 6.73 12.19
CA GLU C 325 -8.30 7.31 13.40
C GLU C 325 -9.03 8.57 13.82
N SER C 326 -9.00 8.85 15.12
CA SER C 326 -9.65 10.01 15.70
C SER C 326 -9.39 11.25 14.87
N LEU C 327 -8.16 11.38 14.38
CA LEU C 327 -7.75 12.53 13.59
C LEU C 327 -8.69 12.86 12.43
N PHE C 328 -9.18 11.84 11.74
CA PHE C 328 -10.05 12.05 10.59
C PHE C 328 -11.55 12.01 10.81
N ARG C 329 -11.97 11.82 12.06
CA ARG C 329 -13.41 11.75 12.36
C ARG C 329 -14.15 13.06 12.11
N ASP C 330 -13.72 13.83 11.13
CA ASP C 330 -14.40 15.08 10.83
C ASP C 330 -14.28 15.37 9.36
N THR C 331 -13.45 14.58 8.69
CA THR C 331 -13.23 14.73 7.26
C THR C 331 -13.34 13.37 6.55
N ILE C 332 -13.37 12.31 7.35
CA ILE C 332 -13.47 10.95 6.84
C ILE C 332 -14.63 10.81 5.84
N TRP C 333 -15.80 11.35 6.19
CA TRP C 333 -16.93 11.23 5.26
C TRP C 333 -16.69 12.03 3.99
N GLY C 334 -16.04 13.19 4.12
CA GLY C 334 -15.75 13.99 2.95
C GLY C 334 -14.83 13.20 2.04
N HIS C 335 -13.83 12.56 2.63
CA HIS C 335 -12.89 11.77 1.83
C HIS C 335 -13.64 10.61 1.22
N LEU C 336 -14.52 9.97 1.98
CA LEU C 336 -15.28 8.86 1.43
C LEU C 336 -16.07 9.34 0.21
N GLU C 337 -16.47 10.61 0.21
CA GLU C 337 -17.21 11.14 -0.93
C GLU C 337 -16.34 11.39 -2.15
N LEU C 338 -15.12 11.86 -1.92
CA LEU C 338 -14.21 12.16 -3.02
C LEU C 338 -13.31 10.99 -3.45
N SER C 339 -13.54 9.82 -2.83
CA SER C 339 -12.79 8.57 -3.07
C SER C 339 -11.63 8.42 -2.10
N VAL C 340 -11.25 7.16 -1.84
CA VAL C 340 -10.18 6.85 -0.89
C VAL C 340 -8.84 6.41 -1.51
N SER C 341 -8.88 5.33 -2.29
CA SER C 341 -7.69 4.82 -2.92
C SER C 341 -8.04 3.89 -4.09
N ARG C 342 -7.12 3.75 -5.03
CA ARG C 342 -7.37 2.92 -6.18
C ARG C 342 -7.81 1.51 -5.83
N ASP C 343 -7.10 0.87 -4.90
CA ASP C 343 -7.45 -0.49 -4.52
C ASP C 343 -8.83 -0.53 -3.86
N ASN C 344 -9.20 0.57 -3.21
CA ASN C 344 -10.49 0.67 -2.55
C ASN C 344 -11.58 0.75 -3.64
N GLU C 345 -11.41 1.70 -4.56
CA GLU C 345 -12.35 1.89 -5.66
C GLU C 345 -12.47 0.63 -6.52
N GLU C 346 -11.32 0.01 -6.81
CA GLU C 346 -11.27 -1.19 -7.63
C GLU C 346 -12.00 -2.36 -6.97
N LEU C 347 -11.80 -2.51 -5.67
CA LEU C 347 -12.41 -3.57 -4.88
C LEU C 347 -13.94 -3.47 -4.89
N LEU C 348 -14.44 -2.29 -4.56
CA LEU C 348 -15.87 -2.08 -4.51
C LEU C 348 -16.47 -2.22 -5.92
N CYS C 349 -15.75 -1.72 -6.93
CA CYS C 349 -16.25 -1.86 -8.29
C CYS C 349 -16.42 -3.35 -8.58
N LYS C 350 -15.43 -4.12 -8.18
CA LYS C 350 -15.45 -5.56 -8.42
C LYS C 350 -16.62 -6.20 -7.69
N ALA C 351 -16.89 -5.73 -6.47
CA ALA C 351 -17.97 -6.29 -5.67
C ALA C 351 -19.30 -6.03 -6.36
N VAL C 352 -19.57 -4.76 -6.66
CA VAL C 352 -20.81 -4.35 -7.32
C VAL C 352 -21.05 -5.12 -8.61
N ARG C 353 -20.03 -5.16 -9.45
CA ARG C 353 -20.15 -5.85 -10.73
C ARG C 353 -20.42 -7.34 -10.54
N GLU C 354 -19.75 -7.95 -9.57
CA GLU C 354 -19.98 -9.37 -9.35
C GLU C 354 -21.41 -9.60 -8.90
N ALA C 355 -21.92 -8.70 -8.07
CA ALA C 355 -23.28 -8.82 -7.58
C ALA C 355 -24.27 -8.71 -8.73
N CYS C 356 -24.06 -7.73 -9.59
CA CYS C 356 -24.96 -7.54 -10.72
C CYS C 356 -24.99 -8.77 -11.62
N LYS C 357 -23.81 -9.31 -11.91
CA LYS C 357 -23.69 -10.48 -12.77
C LYS C 357 -24.42 -11.67 -12.18
N SER C 358 -24.14 -11.93 -10.92
CA SER C 358 -24.74 -13.06 -10.23
C SER C 358 -26.26 -12.88 -10.21
N ALA C 359 -26.70 -11.67 -9.93
CA ALA C 359 -28.12 -11.41 -9.85
C ALA C 359 -28.75 -11.57 -11.22
N LEU C 360 -28.12 -11.02 -12.24
CA LEU C 360 -28.64 -11.11 -13.61
C LEU C 360 -28.82 -12.55 -14.07
N ALA C 361 -27.93 -13.43 -13.62
CA ALA C 361 -27.99 -14.84 -13.99
C ALA C 361 -29.12 -15.58 -13.29
N GLY C 362 -29.82 -14.90 -12.38
CA GLY C 362 -30.89 -15.54 -11.66
C GLY C 362 -32.24 -15.55 -12.35
N TYR C 363 -32.40 -14.71 -13.37
CA TYR C 363 -33.66 -14.63 -14.10
C TYR C 363 -33.80 -15.75 -15.11
N HIS C 364 -35.02 -16.22 -15.33
CA HIS C 364 -35.25 -17.33 -16.26
C HIS C 364 -35.68 -16.93 -17.65
N THR C 365 -35.56 -15.66 -17.97
CA THR C 365 -35.91 -15.18 -19.30
C THR C 365 -34.99 -14.02 -19.61
N THR C 366 -34.81 -13.75 -20.89
CA THR C 366 -33.94 -12.66 -21.29
C THR C 366 -34.81 -11.42 -21.53
N ILE C 367 -34.18 -10.26 -21.54
CA ILE C 367 -34.91 -9.02 -21.79
C ILE C 367 -35.68 -9.17 -23.11
N GLU C 368 -35.01 -9.70 -24.13
CA GLU C 368 -35.62 -9.90 -25.45
C GLU C 368 -36.92 -10.67 -25.33
N GLN C 369 -36.92 -11.75 -24.58
CA GLN C 369 -38.13 -12.56 -24.44
C GLN C 369 -39.18 -11.75 -23.70
N ASP C 370 -38.75 -11.01 -22.67
CA ASP C 370 -39.67 -10.19 -21.90
C ASP C 370 -40.36 -9.21 -22.83
N ARG C 371 -39.55 -8.46 -23.55
CA ARG C 371 -40.09 -7.47 -24.47
C ARG C 371 -41.00 -8.04 -25.53
N GLU C 372 -40.76 -9.27 -25.97
CA GLU C 372 -41.62 -9.85 -26.98
C GLU C 372 -42.95 -10.22 -26.34
N LEU C 373 -42.90 -10.67 -25.09
CA LEU C 373 -44.10 -11.03 -24.37
C LEU C 373 -45.01 -9.81 -24.25
N LYS C 374 -44.44 -8.68 -23.82
CA LYS C 374 -45.22 -7.46 -23.66
C LYS C 374 -45.94 -7.05 -24.96
N GLU C 375 -45.36 -7.46 -26.08
CA GLU C 375 -45.93 -7.13 -27.38
C GLU C 375 -47.25 -7.91 -27.59
N GLY C 376 -47.51 -8.86 -26.70
CA GLY C 376 -48.74 -9.66 -26.78
C GLY C 376 -49.75 -9.26 -25.73
N ASN C 377 -50.79 -10.06 -25.55
CA ASN C 377 -51.82 -9.78 -24.55
C ASN C 377 -51.51 -10.53 -23.28
N LEU C 378 -50.87 -9.86 -22.34
CA LEU C 378 -50.51 -10.50 -21.09
C LEU C 378 -51.58 -10.40 -20.00
N ASP C 379 -51.66 -11.45 -19.19
CA ASP C 379 -52.59 -11.50 -18.07
C ASP C 379 -52.08 -10.45 -17.08
N SER C 380 -53.00 -9.84 -16.33
CA SER C 380 -52.61 -8.80 -15.39
C SER C 380 -51.41 -9.17 -14.51
N ARG C 381 -51.41 -10.38 -13.95
CA ARG C 381 -50.29 -10.79 -13.12
C ARG C 381 -49.03 -11.16 -13.88
N LEU C 382 -49.20 -11.68 -15.09
CA LEU C 382 -48.03 -12.03 -15.89
C LEU C 382 -47.43 -10.71 -16.38
N ALA C 383 -48.31 -9.76 -16.73
CA ALA C 383 -47.86 -8.46 -17.19
C ALA C 383 -46.95 -7.83 -16.14
N ILE C 384 -47.34 -7.93 -14.87
CA ILE C 384 -46.55 -7.36 -13.77
C ILE C 384 -45.20 -8.04 -13.66
N ALA C 385 -45.22 -9.36 -13.64
CA ALA C 385 -43.98 -10.13 -13.56
C ALA C 385 -43.03 -9.76 -14.70
N VAL C 386 -43.56 -9.80 -15.93
CA VAL C 386 -42.74 -9.50 -17.11
C VAL C 386 -42.12 -8.10 -17.07
N GLY C 387 -42.96 -7.09 -16.80
CA GLY C 387 -42.47 -5.72 -16.75
C GLY C 387 -41.53 -5.47 -15.60
N ILE C 388 -41.80 -6.08 -14.46
CA ILE C 388 -40.94 -5.90 -13.31
C ILE C 388 -39.57 -6.49 -13.60
N ARG C 389 -39.53 -7.76 -14.00
CA ARG C 389 -38.26 -8.43 -14.26
C ARG C 389 -37.48 -7.76 -15.38
N GLU C 390 -38.17 -7.30 -16.41
CA GLU C 390 -37.49 -6.63 -17.51
C GLU C 390 -36.80 -5.41 -16.91
N GLY C 391 -37.56 -4.65 -16.12
CA GLY C 391 -37.04 -3.46 -15.52
C GLY C 391 -35.84 -3.70 -14.63
N GLU C 392 -35.91 -4.75 -13.81
CA GLU C 392 -34.82 -5.06 -12.90
C GLU C 392 -33.56 -5.38 -13.67
N LYS C 393 -33.72 -6.11 -14.78
CA LYS C 393 -32.55 -6.45 -15.57
C LYS C 393 -31.96 -5.20 -16.20
N MET C 394 -32.81 -4.27 -16.60
CA MET C 394 -32.34 -3.02 -17.19
C MET C 394 -31.49 -2.25 -16.19
N VAL C 395 -31.96 -2.17 -14.95
CA VAL C 395 -31.25 -1.45 -13.90
C VAL C 395 -29.96 -2.15 -13.50
N LEU C 396 -30.04 -3.48 -13.42
CA LEU C 396 -28.87 -4.27 -13.02
C LEU C 396 -27.80 -4.04 -14.06
N GLN C 397 -28.18 -4.09 -15.33
CA GLN C 397 -27.20 -3.87 -16.38
C GLN C 397 -26.71 -2.43 -16.34
N GLN C 398 -27.62 -1.51 -16.06
CA GLN C 398 -27.26 -0.11 -15.98
C GLN C 398 -26.21 0.06 -14.90
N ILE C 399 -26.46 -0.55 -13.75
CA ILE C 399 -25.51 -0.47 -12.64
C ILE C 399 -24.18 -1.05 -13.06
N ASP C 400 -24.23 -2.26 -13.65
CA ASP C 400 -23.01 -2.94 -14.08
C ASP C 400 -22.20 -2.10 -15.07
N GLY C 401 -22.90 -1.37 -15.93
CA GLY C 401 -22.23 -0.54 -16.90
C GLY C 401 -21.66 0.69 -16.24
N ILE C 402 -22.39 1.26 -15.30
CA ILE C 402 -21.91 2.44 -14.60
C ILE C 402 -20.58 2.11 -13.92
N PHE C 403 -20.52 0.92 -13.31
CA PHE C 403 -19.33 0.52 -12.59
C PHE C 403 -18.20 0.01 -13.50
N GLU C 404 -18.59 -0.52 -14.66
CA GLU C 404 -17.60 -0.99 -15.62
C GLU C 404 -16.83 0.24 -16.07
N GLN C 405 -17.58 1.30 -16.37
CA GLN C 405 -16.98 2.55 -16.78
C GLN C 405 -16.00 3.01 -15.70
N LYS C 406 -16.44 2.96 -14.45
CA LYS C 406 -15.60 3.39 -13.32
C LYS C 406 -14.28 2.62 -13.24
N GLU C 407 -14.31 1.33 -13.56
CA GLU C 407 -13.08 0.57 -13.54
C GLU C 407 -12.14 1.12 -14.61
N LEU C 408 -12.68 1.50 -15.76
CA LEU C 408 -11.85 2.05 -16.81
C LEU C 408 -11.30 3.41 -16.39
N GLU C 409 -12.12 4.20 -15.71
CA GLU C 409 -11.70 5.54 -15.27
C GLU C 409 -11.04 5.48 -13.91
N LEU C 410 -10.62 4.27 -13.53
CA LEU C 410 -10.01 4.03 -12.24
C LEU C 410 -8.80 4.90 -11.93
N ASP C 411 -8.10 5.36 -12.96
CA ASP C 411 -6.94 6.19 -12.72
C ASP C 411 -7.17 7.68 -12.89
N GLN C 412 -8.38 8.02 -13.29
CA GLN C 412 -8.76 9.43 -13.48
C GLN C 412 -9.19 10.08 -12.17
N LEU C 413 -9.51 9.25 -11.17
CA LEU C 413 -9.94 9.76 -9.88
C LEU C 413 -8.78 10.31 -9.06
N GLU C 414 -9.05 11.33 -8.26
CA GLU C 414 -8.02 11.89 -7.41
C GLU C 414 -8.27 11.35 -6.02
N TYR C 415 -7.50 10.35 -5.62
CA TYR C 415 -7.68 9.75 -4.31
C TYR C 415 -7.14 10.59 -3.16
N TYR C 416 -7.32 10.11 -1.94
CA TYR C 416 -6.88 10.87 -0.76
C TYR C 416 -5.47 11.41 -0.88
N GLN C 417 -4.50 10.52 -1.11
CA GLN C 417 -3.11 10.94 -1.22
C GLN C 417 -2.97 12.04 -2.27
N GLU C 418 -3.33 11.75 -3.50
CA GLU C 418 -3.20 12.75 -4.55
C GLU C 418 -3.84 14.09 -4.18
N ARG C 419 -5.04 14.06 -3.61
CA ARG C 419 -5.71 15.31 -3.25
C ARG C 419 -4.98 16.04 -2.15
N ARG C 420 -4.03 15.35 -1.53
CA ARG C 420 -3.26 15.89 -0.41
C ARG C 420 -2.05 16.71 -0.88
N LEU C 421 -1.53 16.36 -2.06
CA LEU C 421 -0.37 17.03 -2.62
C LEU C 421 -0.79 17.84 -3.84
N LYS C 422 -1.81 18.68 -3.69
CA LYS C 422 -2.29 19.48 -4.81
C LYS C 422 -1.39 20.67 -5.15
N ASP C 423 -1.69 21.83 -4.57
CA ASP C 423 -0.89 23.01 -4.82
C ASP C 423 0.33 23.02 -3.90
N LEU C 424 1.25 22.08 -4.14
CA LEU C 424 2.47 21.96 -3.35
C LEU C 424 3.34 23.21 -3.44
N GLY C 425 3.41 23.79 -4.65
CA GLY C 425 4.21 24.99 -4.83
C GLY C 425 5.70 24.68 -4.89
N LEU C 426 6.05 23.61 -5.59
CA LEU C 426 7.44 23.20 -5.75
C LEU C 426 8.13 24.26 -6.58
N CYS C 427 7.42 24.77 -7.58
CA CYS C 427 7.93 25.81 -8.46
C CYS C 427 7.54 27.20 -7.97
N GLY C 428 8.22 27.67 -6.93
CA GLY C 428 7.93 28.99 -6.39
C GLY C 428 9.10 29.91 -6.62
N GLU C 429 9.59 30.55 -5.56
CA GLU C 429 10.74 31.44 -5.68
C GLU C 429 11.97 30.74 -5.17
N ASN C 430 13.11 31.42 -5.21
CA ASN C 430 14.33 30.82 -4.68
C ASN C 430 14.49 31.35 -3.26
N GLY C 431 13.48 31.11 -2.45
CA GLY C 431 13.48 31.57 -1.07
C GLY C 431 14.81 31.57 -0.35
N ASP C 432 15.73 30.72 -0.81
CA ASP C 432 17.05 30.62 -0.19
C ASP C 432 17.79 31.97 -0.22
N ILE C 433 17.51 32.76 -1.24
CA ILE C 433 18.17 34.06 -1.37
C ILE C 433 17.71 34.97 -0.24
N LEU C 434 16.44 34.86 0.15
CA LEU C 434 15.91 35.66 1.26
C LEU C 434 16.43 35.11 2.57
N GLU C 435 16.46 33.79 2.69
CA GLU C 435 16.94 33.15 3.90
C GLU C 435 18.31 33.72 4.30
N ASN C 436 19.19 33.92 3.32
CA ASN C 436 20.53 34.45 3.57
C ASN C 436 20.54 35.87 4.09
N LEU C 437 19.50 36.63 3.77
CA LEU C 437 19.44 38.01 4.23
C LEU C 437 18.88 38.13 5.65
N TYR C 438 18.75 37.00 6.36
CA TYR C 438 18.24 36.98 7.74
C TYR C 438 19.34 36.95 8.80
N PHE C 439 20.58 37.17 8.39
CA PHE C 439 21.69 37.17 9.35
C PHE C 439 22.93 37.86 8.76
#